data_4E7C
#
_entry.id   4E7C
#
_cell.length_a   80.940
_cell.length_b   101.270
_cell.length_c   213.670
_cell.angle_alpha   90.00
_cell.angle_beta   90.00
_cell.angle_gamma   90.00
#
_symmetry.space_group_name_H-M   'P 21 21 21'
#
loop_
_entity.id
_entity.type
_entity.pdbx_description
1 polymer 'UDP-N-acetylglucosamine 1-carboxyvinyltransferase'
2 non-polymer 1,2-ETHANEDIOL
3 non-polymer 'ACETATE ION'
4 non-polymer "URIDINE 5'-TRIPHOSPHATE"
5 water water
#
_entity_poly.entity_id   1
_entity_poly.type   'polypeptide(L)'
_entity_poly.pdbx_seq_one_letter_code
;MDKFRVQGPTRLQGEVTISGAKNAALPILFAALLAEEPVEIQNVPKLKDIDTTMKLLTQLGTKVER(IAS)GSVWIDASN
VNNFSAPYDLVKTMRASIWALGPLVARFGQGQVSLPGGCAIGARPVDLHIFGLEKLGAEIKLEEGYVKASVNGRLKGAHI
VMDKVSVGATVTIMSAATLAEGTTIIENAAREPEIVDTANFLVALGAKISGQGTDRITIEGVERLGGGVYRVLPDRIETG
TFLVAAAISGGKIVCRNAQPDTLDAVLAKLREAGADIETGEDWISLDMHGKRPKAVTVRTAPHPAFPTDMQAQFTLLNLV
AEGTGVITETIFENRFMHVPELIRMGAHAEIESNTVICHGVEKLSGAQVMATDLRASASLVLAGCIAEGTTVVDRIYHID
RGYERIEDKLRALGANIERVKGE
;
_entity_poly.pdbx_strand_id   A,B,C,D
#
# COMPACT_ATOMS: atom_id res chain seq x y z
N MET A 1 8.49 37.56 14.83
CA MET A 1 7.85 36.23 14.63
C MET A 1 6.86 35.95 15.75
N ASP A 2 5.59 36.16 15.48
CA ASP A 2 4.51 35.95 16.44
C ASP A 2 4.58 34.64 17.23
N LYS A 3 4.26 34.73 18.52
CA LYS A 3 4.27 33.57 19.40
C LYS A 3 3.12 33.60 20.39
N PHE A 4 2.72 32.43 20.85
CA PHE A 4 1.68 32.35 21.86
C PHE A 4 2.30 32.07 23.22
N ARG A 5 2.07 32.96 24.18
CA ARG A 5 2.57 32.74 25.53
C ARG A 5 1.37 32.28 26.37
N VAL A 6 1.46 31.06 26.90
CA VAL A 6 0.36 30.54 27.68
C VAL A 6 0.77 30.18 29.09
N GLN A 7 -0.07 30.58 30.04
CA GLN A 7 0.16 30.31 31.44
C GLN A 7 -0.92 29.38 31.97
N GLY A 8 -0.52 28.18 32.39
CA GLY A 8 -1.49 27.24 32.90
C GLY A 8 -1.12 26.72 34.28
N PRO A 9 -1.92 25.77 34.83
CA PRO A 9 -3.11 25.21 34.17
C PRO A 9 -4.34 26.10 34.32
N THR A 10 -5.29 25.96 33.39
CA THR A 10 -6.52 26.73 33.43
C THR A 10 -7.62 25.89 32.82
N ARG A 11 -8.77 25.88 33.47
CA ARG A 11 -9.92 25.15 32.96
C ARG A 11 -10.57 25.91 31.80
N LEU A 12 -10.76 25.23 30.69
CA LEU A 12 -11.40 25.86 29.55
C LEU A 12 -12.91 25.65 29.62
N GLN A 13 -13.65 26.71 29.89
CA GLN A 13 -15.10 26.61 29.99
C GLN A 13 -15.86 27.83 29.51
N GLY A 14 -17.13 27.63 29.14
CA GLY A 14 -17.93 28.76 28.68
C GLY A 14 -18.55 28.54 27.31
N GLU A 15 -18.49 29.58 26.48
CA GLU A 15 -19.05 29.52 25.13
C GLU A 15 -18.09 29.99 24.05
N VAL A 16 -18.32 29.51 22.84
CA VAL A 16 -17.50 29.89 21.71
C VAL A 16 -18.39 29.89 20.48
N THR A 17 -18.17 30.85 19.60
CA THR A 17 -18.95 30.91 18.36
C THR A 17 -18.05 30.42 17.25
N ILE A 18 -18.48 29.35 16.59
CA ILE A 18 -17.71 28.75 15.52
C ILE A 18 -17.72 29.62 14.26
N SER A 19 -16.55 29.79 13.65
CA SER A 19 -16.42 30.55 12.42
C SER A 19 -16.82 29.71 11.22
N GLY A 20 -17.04 30.38 10.08
CA GLY A 20 -17.39 29.64 8.88
C GLY A 20 -16.17 28.84 8.45
N ALA A 21 -16.39 27.77 7.71
CA ALA A 21 -15.27 26.94 7.27
C ALA A 21 -14.49 27.57 6.13
N LYS A 22 -13.18 27.73 6.32
CA LYS A 22 -12.31 28.28 5.27
C LYS A 22 -12.42 27.41 4.02
N ASN A 23 -12.44 26.10 4.24
CA ASN A 23 -12.52 25.12 3.15
C ASN A 23 -13.81 25.02 2.33
N ALA A 24 -14.85 25.71 2.79
CA ALA A 24 -16.12 25.77 2.09
C ALA A 24 -16.19 27.20 1.51
N ALA A 25 -15.75 28.17 2.32
CA ALA A 25 -15.76 29.57 1.90
C ALA A 25 -14.98 29.76 0.60
N LEU A 26 -13.79 29.19 0.52
CA LEU A 26 -12.96 29.27 -0.69
C LEU A 26 -13.59 28.78 -2.01
N PRO A 27 -13.95 27.49 -2.07
CA PRO A 27 -14.55 26.98 -3.30
C PRO A 27 -15.85 27.73 -3.64
N ILE A 28 -16.55 28.22 -2.64
CA ILE A 28 -17.79 28.97 -2.85
C ILE A 28 -17.46 30.36 -3.45
N LEU A 29 -16.42 31.00 -2.92
CA LEU A 29 -15.98 32.30 -3.42
C LEU A 29 -15.62 32.26 -4.90
N PHE A 30 -14.94 31.18 -5.30
CA PHE A 30 -14.57 30.99 -6.70
C PHE A 30 -15.78 30.63 -7.56
N ALA A 31 -16.74 29.91 -6.99
CA ALA A 31 -17.95 29.53 -7.70
C ALA A 31 -18.82 30.75 -7.98
N ALA A 32 -18.69 31.77 -7.14
CA ALA A 32 -19.47 33.00 -7.30
C ALA A 32 -19.17 33.68 -8.65
N LEU A 33 -18.11 33.22 -9.32
CA LEU A 33 -17.73 33.75 -10.64
C LEU A 33 -18.78 33.37 -11.66
N LEU A 34 -19.56 32.35 -11.32
CA LEU A 34 -20.64 31.85 -12.19
C LEU A 34 -21.92 32.69 -12.04
N ALA A 35 -22.02 33.42 -10.94
CA ALA A 35 -23.20 34.21 -10.62
C ALA A 35 -23.35 35.49 -11.42
N GLU A 36 -24.42 35.54 -12.21
CA GLU A 36 -24.74 36.70 -13.03
C GLU A 36 -25.30 37.84 -12.20
N GLU A 37 -25.83 37.48 -11.03
CA GLU A 37 -26.40 38.45 -10.11
C GLU A 37 -25.62 38.62 -8.82
N PRO A 38 -25.75 39.78 -8.17
CA PRO A 38 -25.01 40.01 -6.91
C PRO A 38 -25.29 38.89 -5.91
N VAL A 39 -24.26 38.53 -5.13
CA VAL A 39 -24.40 37.48 -4.13
C VAL A 39 -23.84 37.91 -2.78
N GLU A 40 -24.50 37.45 -1.71
CA GLU A 40 -24.04 37.74 -0.35
C GLU A 40 -23.58 36.45 0.30
N ILE A 41 -22.28 36.33 0.56
CA ILE A 41 -21.72 35.13 1.18
C ILE A 41 -21.58 35.38 2.66
N GLN A 42 -22.49 34.82 3.43
CA GLN A 42 -22.46 34.99 4.88
C GLN A 42 -21.59 33.99 5.63
N ASN A 43 -21.18 34.36 6.83
CA ASN A 43 -20.38 33.49 7.67
C ASN A 43 -18.98 33.16 7.13
N VAL A 44 -18.35 34.14 6.47
CA VAL A 44 -17.01 33.96 5.92
C VAL A 44 -16.00 34.44 6.96
N PRO A 45 -15.03 33.57 7.32
CA PRO A 45 -14.04 33.96 8.31
C PRO A 45 -13.03 34.96 7.76
N LYS A 46 -12.39 35.70 8.68
CA LYS A 46 -11.38 36.67 8.31
C LYS A 46 -10.01 35.99 8.30
N LEU A 47 -9.63 35.47 7.15
CA LEU A 47 -8.35 34.76 7.02
C LEU A 47 -7.54 35.16 5.83
N LYS A 48 -6.24 34.91 5.89
CA LYS A 48 -5.33 35.24 4.80
C LYS A 48 -5.81 34.81 3.41
N ASP A 49 -6.18 33.53 3.28
CA ASP A 49 -6.67 33.01 2.00
C ASP A 49 -7.90 33.72 1.45
N ILE A 50 -8.77 34.19 2.35
CA ILE A 50 -9.96 34.90 1.94
C ILE A 50 -9.52 36.22 1.31
N ASP A 51 -8.61 36.91 1.98
CA ASP A 51 -8.05 38.17 1.49
C ASP A 51 -7.46 37.99 0.09
N THR A 52 -6.70 36.92 -0.07
CA THR A 52 -6.07 36.59 -1.34
C THR A 52 -7.11 36.35 -2.43
N THR A 53 -8.17 35.64 -2.08
CA THR A 53 -9.23 35.35 -3.03
C THR A 53 -9.94 36.62 -3.46
N MET A 54 -10.22 37.49 -2.49
CA MET A 54 -10.88 38.76 -2.79
C MET A 54 -10.06 39.55 -3.79
N LYS A 55 -8.75 39.65 -3.54
CA LYS A 55 -7.86 40.36 -4.46
C LYS A 55 -7.94 39.74 -5.85
N LEU A 56 -7.83 38.42 -5.88
CA LEU A 56 -7.90 37.66 -7.12
C LEU A 56 -9.18 37.99 -7.88
N LEU A 57 -10.31 37.89 -7.18
CA LEU A 57 -11.62 38.18 -7.78
C LEU A 57 -11.67 39.58 -8.38
N THR A 58 -11.19 40.56 -7.61
CA THR A 58 -11.17 41.95 -8.06
C THR A 58 -10.38 42.03 -9.37
N GLN A 59 -9.18 41.44 -9.37
CA GLN A 59 -8.32 41.40 -10.53
C GLN A 59 -9.01 40.88 -11.80
N LEU A 60 -10.01 40.04 -11.59
CA LEU A 60 -10.79 39.47 -12.68
C LEU A 60 -11.85 40.43 -13.25
N GLY A 61 -12.27 41.38 -12.42
CA GLY A 61 -13.28 42.33 -12.85
C GLY A 61 -14.54 42.24 -12.02
N THR A 62 -14.48 41.52 -10.91
CA THR A 62 -15.66 41.38 -10.06
C THR A 62 -15.63 42.40 -8.94
N LYS A 63 -16.81 42.93 -8.60
CA LYS A 63 -16.93 43.90 -7.52
C LYS A 63 -16.95 43.13 -6.20
N VAL A 64 -16.00 43.42 -5.32
CA VAL A 64 -15.93 42.69 -4.06
C VAL A 64 -15.79 43.56 -2.83
N GLU A 65 -16.58 43.23 -1.81
CA GLU A 65 -16.53 43.92 -0.52
C GLU A 65 -16.86 42.99 0.64
N ARG A 66 -16.35 43.31 1.83
CA ARG A 66 -16.61 42.49 3.00
C ARG A 66 -16.76 43.25 4.30
N GLY A 68 -19.29 40.46 8.35
CA GLY A 68 -19.28 39.02 8.54
C GLY A 68 -19.48 38.35 7.20
N SER A 69 -19.95 39.13 6.23
CA SER A 69 -20.19 38.64 4.88
C SER A 69 -19.18 39.11 3.86
N VAL A 70 -19.28 38.54 2.66
CA VAL A 70 -18.43 38.91 1.55
C VAL A 70 -19.41 39.12 0.40
N TRP A 71 -19.65 40.38 0.07
CA TRP A 71 -20.55 40.74 -1.04
C TRP A 71 -19.84 40.64 -2.38
N ILE A 72 -20.42 39.90 -3.30
CA ILE A 72 -19.81 39.73 -4.61
C ILE A 72 -20.76 40.07 -5.75
N ASP A 73 -20.19 40.70 -6.78
CA ASP A 73 -20.94 41.06 -7.98
C ASP A 73 -20.10 40.67 -9.18
N ALA A 74 -20.38 39.50 -9.74
CA ALA A 74 -19.63 38.98 -10.88
C ALA A 74 -20.36 39.19 -12.19
N SER A 75 -21.29 40.15 -12.21
CA SER A 75 -22.04 40.44 -13.41
C SER A 75 -21.15 40.84 -14.59
N ASN A 76 -20.04 41.50 -14.28
CA ASN A 76 -19.10 41.96 -15.31
C ASN A 76 -17.62 41.56 -15.26
N VAL A 77 -17.33 40.27 -15.15
CA VAL A 77 -15.95 39.80 -15.12
C VAL A 77 -15.29 40.00 -16.48
N ASN A 78 -14.41 40.99 -16.57
CA ASN A 78 -13.72 41.29 -17.83
C ASN A 78 -12.35 40.65 -18.08
N ASN A 79 -11.63 40.40 -16.99
CA ASN A 79 -10.30 39.80 -17.08
C ASN A 79 -10.34 38.28 -16.88
N PHE A 80 -9.76 37.53 -17.80
CA PHE A 80 -9.75 36.07 -17.72
C PHE A 80 -8.48 35.33 -17.29
N SER A 81 -7.59 36.02 -16.59
CA SER A 81 -6.35 35.39 -16.15
C SER A 81 -5.89 35.69 -14.73
N ALA A 82 -5.55 34.64 -13.99
CA ALA A 82 -5.07 34.77 -12.63
C ALA A 82 -3.56 34.78 -12.73
N PRO A 83 -2.95 35.96 -12.53
CA PRO A 83 -1.50 36.16 -12.60
C PRO A 83 -0.69 35.51 -11.48
N TYR A 84 0.57 35.23 -11.78
CA TYR A 84 1.51 34.62 -10.84
C TYR A 84 1.56 35.37 -9.51
N ASP A 85 1.66 36.68 -9.60
CA ASP A 85 1.71 37.52 -8.41
C ASP A 85 0.54 37.39 -7.43
N LEU A 86 -0.64 37.09 -7.97
CA LEU A 86 -1.84 36.92 -7.16
C LEU A 86 -2.19 35.50 -6.71
N VAL A 87 -1.60 34.51 -7.36
CA VAL A 87 -1.85 33.11 -7.04
C VAL A 87 -0.65 32.45 -6.35
N LYS A 88 0.47 33.16 -6.36
CA LYS A 88 1.71 32.68 -5.76
C LYS A 88 1.69 32.02 -4.38
N THR A 89 0.83 32.50 -3.50
CA THR A 89 0.76 31.96 -2.13
C THR A 89 -0.51 31.14 -1.89
N MET A 90 -1.26 30.88 -2.96
CA MET A 90 -2.52 30.16 -2.80
C MET A 90 -2.91 29.12 -3.85
N ARG A 91 -2.73 27.86 -3.47
CA ARG A 91 -3.07 26.75 -4.34
C ARG A 91 -4.53 26.73 -4.78
N ALA A 92 -5.40 27.23 -3.91
CA ALA A 92 -6.83 27.28 -4.19
C ALA A 92 -7.11 28.09 -5.45
N SER A 93 -6.14 28.88 -5.89
CA SER A 93 -6.24 29.69 -7.10
C SER A 93 -6.78 28.94 -8.31
N ILE A 94 -6.40 27.66 -8.41
CA ILE A 94 -6.82 26.82 -9.51
C ILE A 94 -8.34 26.87 -9.69
N TRP A 95 -9.08 27.07 -8.60
CA TRP A 95 -10.54 27.16 -8.66
C TRP A 95 -11.15 28.24 -9.58
N ALA A 96 -10.31 29.16 -10.06
CA ALA A 96 -10.78 30.22 -10.95
C ALA A 96 -10.93 29.69 -12.36
N LEU A 97 -10.12 28.70 -12.71
CA LEU A 97 -10.12 28.10 -14.02
C LEU A 97 -11.47 27.60 -14.55
N GLY A 98 -12.10 26.71 -13.78
CA GLY A 98 -13.37 26.15 -14.18
C GLY A 98 -14.46 27.17 -14.47
N PRO A 99 -14.81 28.02 -13.49
CA PRO A 99 -15.86 29.04 -13.67
C PRO A 99 -15.61 29.92 -14.90
N LEU A 100 -14.37 30.35 -15.08
CA LEU A 100 -14.01 31.18 -16.22
C LEU A 100 -14.37 30.58 -17.58
N VAL A 101 -13.81 29.40 -17.85
CA VAL A 101 -14.07 28.73 -19.12
C VAL A 101 -15.56 28.37 -19.31
N ALA A 102 -16.20 27.92 -18.23
CA ALA A 102 -17.61 27.52 -18.29
C ALA A 102 -18.58 28.69 -18.54
N ARG A 103 -18.32 29.83 -17.92
CA ARG A 103 -19.18 30.99 -18.10
C ARG A 103 -18.79 31.90 -19.24
N PHE A 104 -17.49 32.13 -19.39
CA PHE A 104 -16.95 33.02 -20.41
C PHE A 104 -16.31 32.40 -21.65
N GLY A 105 -16.07 31.10 -21.61
CA GLY A 105 -15.48 30.43 -22.77
C GLY A 105 -13.97 30.41 -22.74
N GLN A 106 -13.37 31.02 -21.71
CA GLN A 106 -11.93 31.05 -21.58
C GLN A 106 -11.40 31.35 -20.20
N GLY A 107 -10.28 30.72 -19.85
CA GLY A 107 -9.67 30.94 -18.56
C GLY A 107 -8.20 30.55 -18.57
N GLN A 108 -7.41 31.28 -17.81
CA GLN A 108 -5.99 31.02 -17.69
C GLN A 108 -5.51 31.23 -16.26
N VAL A 109 -4.80 30.25 -15.71
CA VAL A 109 -4.30 30.38 -14.36
C VAL A 109 -2.81 30.14 -14.32
N SER A 110 -2.11 30.96 -13.57
CA SER A 110 -0.67 30.82 -13.44
C SER A 110 -0.30 29.73 -12.43
N LEU A 111 0.73 28.96 -12.78
CA LEU A 111 1.20 27.85 -11.96
C LEU A 111 2.71 27.91 -11.60
N PRO A 112 3.05 28.22 -10.37
CA PRO A 112 4.49 28.25 -9.97
C PRO A 112 5.16 26.86 -10.13
N GLY A 113 5.90 26.73 -11.23
CA GLY A 113 6.49 25.47 -11.59
C GLY A 113 5.47 24.67 -12.40
N GLY A 114 4.70 23.94 -11.57
CA GLY A 114 3.78 22.92 -12.04
C GLY A 114 4.93 21.94 -12.37
N CYS A 115 5.71 22.36 -13.35
CA CYS A 115 6.83 21.62 -13.89
C CYS A 115 8.00 21.61 -12.93
N ALA A 116 7.98 22.52 -11.96
CA ALA A 116 9.04 22.56 -10.97
C ALA A 116 9.06 21.27 -10.14
N ILE A 117 10.26 20.76 -9.88
CA ILE A 117 10.38 19.54 -9.11
C ILE A 117 9.67 19.67 -7.76
N GLY A 118 8.71 18.78 -7.52
CA GLY A 118 7.98 18.82 -6.26
C GLY A 118 6.67 19.58 -6.33
N ALA A 119 6.41 20.22 -7.47
CA ALA A 119 5.18 21.00 -7.65
C ALA A 119 3.96 20.11 -7.46
N ARG A 120 2.88 20.71 -6.97
CA ARG A 120 1.65 20.00 -6.71
C ARG A 120 0.79 19.75 -7.93
N PRO A 121 0.51 18.49 -8.27
CA PRO A 121 -0.32 18.15 -9.42
C PRO A 121 -1.69 18.85 -9.53
N VAL A 122 -2.06 19.30 -10.73
CA VAL A 122 -3.40 19.88 -11.01
C VAL A 122 -3.91 19.15 -12.20
N ASP A 123 -3.27 18.02 -12.49
CA ASP A 123 -3.71 17.17 -13.59
C ASP A 123 -5.22 16.92 -13.57
N LEU A 124 -5.74 16.50 -12.42
CA LEU A 124 -7.15 16.23 -12.25
C LEU A 124 -8.04 17.39 -12.69
N HIS A 125 -7.65 18.60 -12.30
CA HIS A 125 -8.40 19.79 -12.68
C HIS A 125 -8.39 19.92 -14.20
N ILE A 126 -7.18 19.92 -14.78
CA ILE A 126 -6.98 20.05 -16.22
C ILE A 126 -7.72 18.99 -17.02
N PHE A 127 -7.48 17.74 -16.70
CA PHE A 127 -8.14 16.64 -17.39
C PHE A 127 -9.66 16.59 -17.24
N GLY A 128 -10.14 17.01 -16.08
CA GLY A 128 -11.57 17.03 -15.83
C GLY A 128 -12.22 18.04 -16.78
N LEU A 129 -11.61 19.23 -16.85
CA LEU A 129 -12.12 20.26 -17.75
C LEU A 129 -12.09 19.75 -19.20
N GLU A 130 -11.03 19.03 -19.53
CA GLU A 130 -10.90 18.47 -20.87
C GLU A 130 -12.05 17.53 -21.20
N LYS A 131 -12.42 16.71 -20.21
CA LYS A 131 -13.52 15.78 -20.39
C LYS A 131 -14.79 16.55 -20.69
N LEU A 132 -14.87 17.77 -20.15
CA LEU A 132 -16.02 18.64 -20.34
C LEU A 132 -16.08 19.36 -21.68
N GLY A 133 -15.10 19.09 -22.55
CA GLY A 133 -15.11 19.71 -23.85
C GLY A 133 -14.18 20.90 -23.99
N ALA A 134 -13.48 21.24 -22.92
CA ALA A 134 -12.58 22.37 -22.96
C ALA A 134 -11.30 22.01 -23.71
N GLU A 135 -10.79 22.97 -24.46
CA GLU A 135 -9.54 22.82 -25.19
C GLU A 135 -8.49 23.27 -24.20
N ILE A 136 -7.43 22.48 -24.04
CA ILE A 136 -6.41 22.83 -23.07
C ILE A 136 -5.11 23.26 -23.68
N LYS A 137 -4.54 24.32 -23.12
CA LYS A 137 -3.25 24.83 -23.56
C LYS A 137 -2.23 24.80 -22.42
N LEU A 138 -1.21 23.96 -22.59
CA LEU A 138 -0.16 23.79 -21.59
C LEU A 138 1.26 24.26 -21.89
N GLU A 139 1.76 25.12 -21.02
CA GLU A 139 3.13 25.63 -21.09
C GLU A 139 3.64 25.78 -19.68
N GLU A 140 4.86 25.31 -19.43
CA GLU A 140 5.44 25.43 -18.10
C GLU A 140 5.07 26.71 -17.34
N GLY A 141 4.44 26.56 -16.17
CA GLY A 141 4.08 27.71 -15.37
C GLY A 141 2.66 28.25 -15.55
N TYR A 142 1.88 27.65 -16.44
CA TYR A 142 0.50 28.11 -16.65
C TYR A 142 -0.39 27.08 -17.34
N VAL A 143 -1.70 27.28 -17.20
CA VAL A 143 -2.68 26.42 -17.82
C VAL A 143 -3.81 27.29 -18.38
N LYS A 144 -4.15 27.01 -19.64
CA LYS A 144 -5.22 27.73 -20.32
C LYS A 144 -6.31 26.80 -20.77
N ALA A 145 -7.55 27.20 -20.53
CA ALA A 145 -8.70 26.40 -20.95
C ALA A 145 -9.67 27.28 -21.73
N SER A 146 -10.18 26.75 -22.84
CA SER A 146 -11.12 27.47 -23.66
C SER A 146 -12.13 26.60 -24.38
N VAL A 147 -13.27 27.18 -24.74
CA VAL A 147 -14.27 26.42 -25.45
C VAL A 147 -15.12 27.39 -26.27
N ASN A 148 -15.54 26.93 -27.45
CA ASN A 148 -16.39 27.73 -28.35
C ASN A 148 -17.85 27.49 -27.98
N GLY A 149 -18.36 28.30 -27.06
CA GLY A 149 -19.74 28.14 -26.62
C GLY A 149 -19.78 27.44 -25.27
N ARG A 150 -20.78 26.59 -25.06
CA ARG A 150 -20.92 25.87 -23.78
C ARG A 150 -20.13 24.58 -23.66
N LEU A 151 -19.73 24.26 -22.43
CA LEU A 151 -19.03 23.00 -22.15
C LEU A 151 -20.06 21.90 -22.35
N LYS A 152 -19.60 20.66 -22.43
CA LYS A 152 -20.48 19.54 -22.64
C LYS A 152 -20.49 18.47 -21.55
N GLY A 153 -21.65 18.19 -20.97
CA GLY A 153 -21.72 17.17 -19.93
C GLY A 153 -21.03 15.88 -20.32
N ALA A 154 -20.29 15.32 -19.38
CA ALA A 154 -19.59 14.06 -19.65
C ALA A 154 -19.66 13.12 -18.45
N HIS A 155 -19.31 11.87 -18.69
CA HIS A 155 -19.28 10.85 -17.63
C HIS A 155 -17.82 10.77 -17.20
N ILE A 156 -17.52 11.30 -16.02
CA ILE A 156 -16.14 11.32 -15.56
C ILE A 156 -15.87 10.41 -14.37
N VAL A 157 -14.97 9.45 -14.59
CA VAL A 157 -14.58 8.51 -13.55
C VAL A 157 -13.25 8.96 -12.97
N MET A 158 -13.26 9.31 -11.68
CA MET A 158 -12.03 9.72 -11.03
C MET A 158 -11.19 8.57 -10.48
N ASP A 159 -10.01 8.36 -11.05
CA ASP A 159 -9.11 7.30 -10.59
C ASP A 159 -8.51 7.62 -9.23
N LYS A 160 -8.50 8.90 -8.92
CA LYS A 160 -7.98 9.40 -7.66
C LYS A 160 -9.02 10.34 -7.06
N VAL A 161 -9.36 10.14 -5.79
CA VAL A 161 -10.35 10.98 -5.14
C VAL A 161 -9.73 12.33 -4.77
N SER A 162 -10.35 13.40 -5.28
CA SER A 162 -9.86 14.75 -5.04
C SER A 162 -10.89 15.82 -4.68
N VAL A 163 -10.76 16.42 -3.51
CA VAL A 163 -11.66 17.48 -3.09
C VAL A 163 -11.56 18.58 -4.14
N GLY A 164 -10.34 19.10 -4.32
CA GLY A 164 -10.11 20.16 -5.29
C GLY A 164 -10.70 19.91 -6.68
N ALA A 165 -10.36 18.77 -7.27
CA ALA A 165 -10.83 18.43 -8.62
C ALA A 165 -12.34 18.26 -8.69
N THR A 166 -12.92 17.74 -7.62
CA THR A 166 -14.36 17.54 -7.56
C THR A 166 -15.03 18.91 -7.65
N VAL A 167 -14.49 19.91 -6.94
CA VAL A 167 -15.07 21.26 -6.96
C VAL A 167 -14.98 21.82 -8.39
N THR A 168 -13.80 21.75 -8.99
CA THR A 168 -13.63 22.26 -10.35
C THR A 168 -14.62 21.65 -11.33
N ILE A 169 -14.65 20.31 -11.39
CA ILE A 169 -15.53 19.60 -12.31
C ILE A 169 -17.00 19.88 -12.05
N MET A 170 -17.41 19.80 -10.79
CA MET A 170 -18.78 20.08 -10.40
C MET A 170 -19.21 21.50 -10.74
N SER A 171 -18.33 22.46 -10.43
CA SER A 171 -18.60 23.86 -10.69
C SER A 171 -18.84 24.16 -12.17
N ALA A 172 -17.91 23.73 -13.00
CA ALA A 172 -17.99 23.98 -14.44
C ALA A 172 -19.20 23.28 -15.07
N ALA A 173 -19.48 22.06 -14.62
CA ALA A 173 -20.59 21.31 -15.15
C ALA A 173 -21.96 22.00 -15.00
N THR A 174 -22.12 22.88 -14.01
CA THR A 174 -23.39 23.53 -13.80
C THR A 174 -23.84 24.36 -15.01
N LEU A 175 -22.89 24.72 -15.86
CA LEU A 175 -23.17 25.50 -17.06
C LEU A 175 -23.03 24.75 -18.39
N ALA A 176 -22.54 23.52 -18.32
CA ALA A 176 -22.36 22.72 -19.51
C ALA A 176 -23.73 22.31 -20.06
N GLU A 177 -23.75 21.82 -21.28
CA GLU A 177 -24.99 21.36 -21.87
C GLU A 177 -25.17 19.86 -21.60
N GLY A 178 -26.24 19.51 -20.88
CA GLY A 178 -26.47 18.12 -20.57
C GLY A 178 -26.09 17.72 -19.16
N THR A 179 -25.99 16.41 -18.94
CA THR A 179 -25.68 15.87 -17.64
C THR A 179 -24.22 15.47 -17.48
N THR A 180 -23.69 15.72 -16.29
CA THR A 180 -22.31 15.37 -15.97
C THR A 180 -22.36 14.46 -14.75
N ILE A 181 -21.65 13.35 -14.82
CA ILE A 181 -21.61 12.39 -13.71
C ILE A 181 -20.18 12.27 -13.21
N ILE A 182 -19.96 12.53 -11.92
CA ILE A 182 -18.63 12.41 -11.34
C ILE A 182 -18.54 11.17 -10.45
N GLU A 183 -17.86 10.14 -10.93
CA GLU A 183 -17.69 8.94 -10.14
C GLU A 183 -16.48 9.06 -9.21
N ASN A 184 -16.63 8.57 -7.98
CA ASN A 184 -15.56 8.65 -7.00
C ASN A 184 -15.32 10.09 -6.54
N ALA A 185 -16.41 10.85 -6.45
CA ALA A 185 -16.34 12.24 -6.03
C ALA A 185 -16.00 12.32 -4.54
N ALA A 186 -15.29 13.38 -4.17
CA ALA A 186 -14.92 13.57 -2.77
C ALA A 186 -16.20 13.73 -1.96
N ARG A 187 -16.23 13.14 -0.77
CA ARG A 187 -17.40 13.16 0.11
C ARG A 187 -17.54 14.29 1.14
N GLU A 188 -16.42 14.98 1.40
CA GLU A 188 -16.38 16.08 2.36
C GLU A 188 -17.59 16.98 2.53
N PRO A 189 -17.86 17.41 3.78
CA PRO A 189 -19.00 18.30 4.07
C PRO A 189 -18.83 19.59 3.25
N GLU A 190 -17.58 19.97 3.02
CA GLU A 190 -17.29 21.17 2.25
C GLU A 190 -17.76 21.08 0.80
N ILE A 191 -17.77 19.84 0.29
CA ILE A 191 -18.23 19.58 -1.08
C ILE A 191 -19.77 19.74 -1.12
N VAL A 192 -20.45 19.20 -0.10
CA VAL A 192 -21.89 19.28 -0.02
C VAL A 192 -22.30 20.75 0.07
N ASP A 193 -21.52 21.51 0.83
CA ASP A 193 -21.76 22.94 1.00
C ASP A 193 -21.66 23.72 -0.30
N THR A 194 -20.56 23.53 -1.03
CA THR A 194 -20.35 24.19 -2.31
C THR A 194 -21.50 23.82 -3.24
N ALA A 195 -21.81 22.52 -3.30
CA ALA A 195 -22.90 22.01 -4.12
C ALA A 195 -24.21 22.71 -3.77
N ASN A 196 -24.47 22.87 -2.47
CA ASN A 196 -25.68 23.53 -2.00
C ASN A 196 -25.71 25.00 -2.41
N PHE A 197 -24.54 25.62 -2.40
CA PHE A 197 -24.42 27.01 -2.81
C PHE A 197 -24.85 27.12 -4.27
N LEU A 198 -24.27 26.26 -5.10
CA LEU A 198 -24.58 26.20 -6.52
C LEU A 198 -26.09 26.04 -6.76
N VAL A 199 -26.69 25.08 -6.06
CA VAL A 199 -28.13 24.82 -6.19
C VAL A 199 -28.92 26.07 -5.78
N ALA A 200 -28.41 26.78 -4.78
CA ALA A 200 -29.08 27.99 -4.32
C ALA A 200 -29.11 29.01 -5.46
N LEU A 201 -28.13 28.91 -6.36
CA LEU A 201 -28.03 29.80 -7.51
C LEU A 201 -28.83 29.35 -8.74
N GLY A 202 -29.40 28.16 -8.66
CA GLY A 202 -30.18 27.66 -9.78
C GLY A 202 -29.59 26.42 -10.41
N ALA A 203 -28.43 25.98 -9.94
CA ALA A 203 -27.82 24.78 -10.50
C ALA A 203 -28.64 23.53 -10.16
N LYS A 204 -28.44 22.48 -10.96
CA LYS A 204 -29.12 21.22 -10.75
C LYS A 204 -28.06 20.18 -10.36
N ILE A 205 -28.01 19.85 -9.08
CA ILE A 205 -27.03 18.90 -8.59
C ILE A 205 -27.60 17.96 -7.54
N SER A 206 -27.20 16.70 -7.61
CA SER A 206 -27.61 15.70 -6.64
C SER A 206 -26.50 14.69 -6.38
N GLY A 207 -26.54 14.05 -5.21
CA GLY A 207 -25.53 13.07 -4.89
C GLY A 207 -24.37 13.65 -4.10
N GLN A 208 -24.39 14.95 -3.89
CA GLN A 208 -23.33 15.60 -3.14
C GLN A 208 -23.17 14.94 -1.77
N GLY A 209 -21.97 14.48 -1.45
CA GLY A 209 -21.74 13.83 -0.16
C GLY A 209 -21.61 12.33 -0.33
N THR A 210 -22.02 11.82 -1.50
CA THR A 210 -21.94 10.41 -1.82
C THR A 210 -20.79 10.22 -2.80
N ASP A 211 -20.60 8.96 -3.22
CA ASP A 211 -19.55 8.62 -4.18
C ASP A 211 -19.84 9.06 -5.62
N ARG A 212 -21.09 9.41 -5.89
CA ARG A 212 -21.53 9.83 -7.22
C ARG A 212 -22.33 11.15 -7.27
N ILE A 213 -21.77 12.16 -7.91
CA ILE A 213 -22.45 13.45 -8.05
C ILE A 213 -22.97 13.62 -9.47
N THR A 214 -24.26 13.95 -9.59
CA THR A 214 -24.87 14.13 -10.90
C THR A 214 -25.24 15.59 -11.10
N ILE A 215 -24.74 16.17 -12.18
CA ILE A 215 -25.01 17.57 -12.47
C ILE A 215 -25.73 17.76 -13.80
N GLU A 216 -26.84 18.49 -13.77
CA GLU A 216 -27.59 18.81 -14.99
C GLU A 216 -27.35 20.26 -15.37
N GLY A 217 -26.67 20.48 -16.49
CA GLY A 217 -26.37 21.83 -16.92
C GLY A 217 -27.59 22.73 -17.06
N VAL A 218 -27.45 23.99 -16.64
CA VAL A 218 -28.54 24.96 -16.74
C VAL A 218 -28.06 26.18 -17.51
N GLU A 219 -29.02 27.06 -17.82
CA GLU A 219 -28.76 28.29 -18.56
C GLU A 219 -27.82 29.28 -17.90
N ARG A 220 -28.13 29.60 -16.66
CA ARG A 220 -27.35 30.57 -15.92
C ARG A 220 -27.56 30.49 -14.43
N LEU A 221 -26.62 31.06 -13.68
CA LEU A 221 -26.72 31.11 -12.24
C LEU A 221 -27.08 32.54 -11.85
N GLY A 222 -28.02 32.69 -10.91
CA GLY A 222 -28.44 34.01 -10.48
C GLY A 222 -27.61 34.63 -9.37
N GLY A 223 -28.29 35.08 -8.32
CA GLY A 223 -27.62 35.69 -7.20
C GLY A 223 -28.34 35.27 -5.95
N GLY A 224 -28.22 36.05 -4.88
CA GLY A 224 -28.89 35.70 -3.65
C GLY A 224 -27.99 35.72 -2.43
N VAL A 225 -28.45 35.09 -1.36
CA VAL A 225 -27.70 35.04 -0.12
C VAL A 225 -27.43 33.60 0.26
N TYR A 226 -26.21 33.33 0.72
CA TYR A 226 -25.78 31.98 1.13
C TYR A 226 -24.93 31.97 2.39
N ARG A 227 -25.26 31.08 3.30
CA ARG A 227 -24.52 30.98 4.56
C ARG A 227 -23.55 29.79 4.61
N VAL A 228 -22.26 30.09 4.57
CA VAL A 228 -21.21 29.07 4.61
C VAL A 228 -21.32 28.21 5.87
N LEU A 229 -21.19 26.89 5.72
CA LEU A 229 -21.28 26.01 6.88
C LEU A 229 -20.22 26.25 7.97
N PRO A 230 -20.51 25.82 9.20
CA PRO A 230 -19.59 26.00 10.33
C PRO A 230 -18.30 25.19 10.14
N ASP A 231 -17.20 25.70 10.70
CA ASP A 231 -15.92 25.01 10.64
C ASP A 231 -15.96 23.78 11.55
N ARG A 232 -16.04 22.60 10.96
CA ARG A 232 -16.08 21.34 11.70
C ARG A 232 -14.83 21.02 12.53
N ILE A 233 -13.66 21.29 11.97
CA ILE A 233 -12.41 21.03 12.68
C ILE A 233 -12.24 22.00 13.82
N GLU A 234 -12.62 23.26 13.61
CA GLU A 234 -12.51 24.24 14.68
C GLU A 234 -13.41 23.82 15.84
N THR A 235 -14.63 23.43 15.50
CA THR A 235 -15.58 22.98 16.52
C THR A 235 -14.92 21.84 17.30
N GLY A 236 -14.38 20.86 16.58
CA GLY A 236 -13.70 19.75 17.24
C GLY A 236 -12.62 20.21 18.20
N THR A 237 -11.82 21.17 17.76
CA THR A 237 -10.73 21.70 18.58
C THR A 237 -11.26 22.29 19.91
N PHE A 238 -12.35 23.06 19.82
CA PHE A 238 -12.94 23.63 21.03
C PHE A 238 -13.56 22.57 21.95
N LEU A 239 -14.17 21.56 21.36
CA LEU A 239 -14.75 20.48 22.14
C LEU A 239 -13.67 19.79 22.95
N VAL A 240 -12.53 19.54 22.30
CA VAL A 240 -11.41 18.89 22.98
C VAL A 240 -10.84 19.78 24.05
N ALA A 241 -10.78 21.09 23.75
CA ALA A 241 -10.24 22.05 24.71
C ALA A 241 -10.97 21.93 26.06
N ALA A 242 -12.27 21.67 26.00
CA ALA A 242 -13.04 21.49 27.22
C ALA A 242 -12.86 20.08 27.78
N ALA A 243 -12.84 19.08 26.89
CA ALA A 243 -12.72 17.69 27.31
C ALA A 243 -11.41 17.36 28.02
N ILE A 244 -10.35 18.11 27.74
CA ILE A 244 -9.06 17.85 28.37
C ILE A 244 -8.82 18.70 29.62
N SER A 245 -9.73 19.63 29.88
CA SER A 245 -9.59 20.53 31.03
C SER A 245 -10.67 20.41 32.11
N GLY A 246 -11.45 19.34 32.03
CA GLY A 246 -12.51 19.12 33.00
C GLY A 246 -13.59 20.18 32.86
N GLY A 247 -13.55 20.91 31.76
CA GLY A 247 -14.50 21.97 31.54
C GLY A 247 -15.82 21.63 30.86
N LYS A 248 -16.62 22.68 30.70
CA LYS A 248 -17.93 22.61 30.07
C LYS A 248 -18.01 23.70 29.01
N ILE A 249 -18.44 23.35 27.82
CA ILE A 249 -18.50 24.36 26.76
C ILE A 249 -19.66 24.18 25.81
N VAL A 250 -20.15 25.30 25.29
CA VAL A 250 -21.22 25.28 24.33
C VAL A 250 -20.67 25.95 23.07
N CYS A 251 -20.79 25.28 21.93
CA CYS A 251 -20.32 25.80 20.65
C CYS A 251 -21.50 26.38 19.87
N ARG A 252 -21.48 27.69 19.67
CA ARG A 252 -22.55 28.36 18.92
C ARG A 252 -22.24 28.35 17.42
N ASN A 253 -23.28 28.37 16.58
CA ASN A 253 -23.08 28.36 15.14
C ASN A 253 -22.41 27.08 14.61
N ALA A 254 -22.66 25.97 15.30
CA ALA A 254 -22.09 24.68 14.92
C ALA A 254 -23.06 23.88 14.08
N GLN A 255 -22.59 22.76 13.54
CA GLN A 255 -23.40 21.87 12.70
C GLN A 255 -23.09 20.42 13.07
N PRO A 256 -23.75 19.91 14.13
CA PRO A 256 -23.60 18.55 14.66
C PRO A 256 -23.44 17.43 13.65
N ASP A 257 -24.21 17.48 12.56
CA ASP A 257 -24.18 16.45 11.53
C ASP A 257 -22.89 16.26 10.72
N THR A 258 -21.95 17.17 10.90
CA THR A 258 -20.68 17.08 10.17
C THR A 258 -19.62 16.50 11.08
N LEU A 259 -20.04 16.10 12.29
CA LEU A 259 -19.14 15.55 13.31
C LEU A 259 -19.56 14.24 13.98
N ASP A 260 -20.35 13.42 13.30
CA ASP A 260 -20.77 12.16 13.88
C ASP A 260 -19.68 11.34 14.57
N ALA A 261 -18.60 11.11 13.86
CA ALA A 261 -17.49 10.31 14.36
C ALA A 261 -16.78 10.97 15.55
N VAL A 262 -16.54 12.26 15.44
CA VAL A 262 -15.87 13.00 16.51
C VAL A 262 -16.70 12.98 17.80
N LEU A 263 -18.00 13.23 17.66
CA LEU A 263 -18.89 13.23 18.82
C LEU A 263 -18.94 11.87 19.54
N ALA A 264 -19.06 10.79 18.76
CA ALA A 264 -19.11 9.45 19.34
C ALA A 264 -17.78 9.18 20.05
N LYS A 265 -16.68 9.61 19.43
CA LYS A 265 -15.35 9.42 20.03
C LYS A 265 -15.24 10.13 21.38
N LEU A 266 -15.75 11.35 21.44
CA LEU A 266 -15.74 12.13 22.67
C LEU A 266 -16.57 11.42 23.76
N ARG A 267 -17.71 10.87 23.36
CA ARG A 267 -18.56 10.14 24.30
C ARG A 267 -17.78 8.97 24.88
N GLU A 268 -16.99 8.31 24.04
CA GLU A 268 -16.15 7.20 24.47
C GLU A 268 -15.15 7.66 25.53
N ALA A 269 -14.73 8.93 25.42
CA ALA A 269 -13.78 9.50 26.37
C ALA A 269 -14.49 9.88 27.67
N GLY A 270 -15.79 9.64 27.71
CA GLY A 270 -16.56 9.95 28.91
C GLY A 270 -17.24 11.31 28.94
N ALA A 271 -17.23 12.02 27.81
CA ALA A 271 -17.86 13.32 27.74
C ALA A 271 -19.38 13.26 27.71
N ASP A 272 -20.00 14.24 28.37
CA ASP A 272 -21.45 14.37 28.42
C ASP A 272 -21.81 15.35 27.30
N ILE A 273 -22.34 14.84 26.20
CA ILE A 273 -22.66 15.69 25.06
C ILE A 273 -24.12 15.86 24.66
N GLU A 274 -24.47 17.09 24.30
CA GLU A 274 -25.81 17.47 23.85
C GLU A 274 -25.72 18.25 22.53
N THR A 275 -26.70 18.07 21.67
CA THR A 275 -26.71 18.78 20.40
C THR A 275 -28.07 19.34 20.02
N GLY A 276 -28.04 20.48 19.35
CA GLY A 276 -29.26 21.10 18.88
C GLY A 276 -29.06 21.22 17.38
N GLU A 277 -29.90 22.00 16.71
CA GLU A 277 -29.77 22.16 15.28
C GLU A 277 -28.55 22.99 14.87
N ASP A 278 -28.19 23.94 15.72
CA ASP A 278 -27.05 24.82 15.48
C ASP A 278 -26.11 24.96 16.69
N TRP A 279 -26.08 23.93 17.53
CA TRP A 279 -25.25 23.97 18.72
C TRP A 279 -24.79 22.60 19.22
N ILE A 280 -23.70 22.59 19.98
CA ILE A 280 -23.17 21.36 20.56
C ILE A 280 -22.61 21.68 21.94
N SER A 281 -22.97 20.88 22.94
CA SER A 281 -22.46 21.10 24.28
C SER A 281 -21.62 19.93 24.79
N LEU A 282 -20.55 20.25 25.50
CA LEU A 282 -19.67 19.24 26.08
C LEU A 282 -19.42 19.52 27.55
N ASP A 283 -19.59 18.51 28.39
CA ASP A 283 -19.41 18.65 29.82
C ASP A 283 -18.63 17.50 30.44
N MET A 284 -17.47 17.82 31.02
CA MET A 284 -16.64 16.82 31.67
C MET A 284 -17.02 16.63 33.14
N HIS A 285 -17.88 17.50 33.65
CA HIS A 285 -18.28 17.41 35.04
C HIS A 285 -17.05 17.38 35.93
N GLY A 286 -16.06 18.21 35.57
CA GLY A 286 -14.82 18.28 36.33
C GLY A 286 -13.97 17.04 36.22
N LYS A 287 -14.39 16.10 35.38
CA LYS A 287 -13.65 14.86 35.21
C LYS A 287 -12.56 14.74 34.15
N ARG A 288 -11.57 13.91 34.46
CA ARG A 288 -10.45 13.65 33.58
C ARG A 288 -10.95 12.74 32.44
N PRO A 289 -10.47 12.95 31.21
CA PRO A 289 -10.96 12.08 30.13
C PRO A 289 -10.48 10.62 30.21
N LYS A 290 -11.24 9.74 29.56
CA LYS A 290 -10.91 8.32 29.50
C LYS A 290 -10.13 8.08 28.19
N ALA A 291 -9.11 7.24 28.23
CA ALA A 291 -8.33 6.97 27.02
C ALA A 291 -9.22 6.27 25.98
N VAL A 292 -9.04 6.62 24.71
CA VAL A 292 -9.83 6.02 23.65
C VAL A 292 -8.95 5.44 22.54
N THR A 293 -9.57 4.62 21.69
CA THR A 293 -8.88 4.04 20.55
C THR A 293 -9.40 4.77 19.32
N VAL A 294 -8.49 5.28 18.51
CA VAL A 294 -8.89 6.02 17.30
C VAL A 294 -8.26 5.49 16.03
N ARG A 295 -9.07 5.45 14.98
CA ARG A 295 -8.66 5.03 13.64
C ARG A 295 -9.14 6.11 12.68
N THR A 296 -8.22 6.91 12.13
CA THR A 296 -8.64 7.94 11.19
C THR A 296 -8.94 7.26 9.86
N ALA A 297 -9.94 7.76 9.16
CA ALA A 297 -10.32 7.20 7.88
C ALA A 297 -11.09 8.25 7.07
N PRO A 298 -11.35 7.98 5.78
CA PRO A 298 -12.06 8.92 4.91
C PRO A 298 -13.46 9.26 5.44
N HIS A 299 -13.87 10.51 5.24
CA HIS A 299 -15.19 10.98 5.66
C HIS A 299 -16.23 9.99 5.16
N PRO A 300 -17.29 9.73 5.96
CA PRO A 300 -17.68 10.23 7.28
C PRO A 300 -17.03 9.59 8.51
N ALA A 301 -15.94 8.85 8.32
CA ALA A 301 -15.26 8.24 9.45
C ALA A 301 -14.46 9.31 10.20
N PHE A 302 -13.80 8.91 11.28
CA PHE A 302 -12.98 9.82 12.09
C PHE A 302 -11.97 10.59 11.24
N PRO A 303 -12.06 11.94 11.21
CA PRO A 303 -11.18 12.80 10.42
C PRO A 303 -9.72 12.91 10.88
N THR A 304 -8.82 12.75 9.91
CA THR A 304 -7.41 12.85 10.18
C THR A 304 -7.10 14.28 10.67
N ASP A 305 -7.96 15.24 10.35
CA ASP A 305 -7.78 16.63 10.83
C ASP A 305 -8.02 16.83 12.33
N MET A 306 -8.49 15.78 12.99
CA MET A 306 -8.74 15.79 14.44
C MET A 306 -7.69 15.00 15.22
N GLN A 307 -6.84 14.31 14.49
CA GLN A 307 -5.79 13.51 15.13
C GLN A 307 -4.96 14.16 16.24
N ALA A 308 -4.16 15.15 15.87
CA ALA A 308 -3.31 15.84 16.85
C ALA A 308 -4.12 16.15 18.11
N GLN A 309 -5.33 16.67 17.93
CA GLN A 309 -6.21 17.00 19.04
C GLN A 309 -6.53 15.81 19.95
N PHE A 310 -6.89 14.69 19.35
CA PHE A 310 -7.19 13.50 20.13
C PHE A 310 -5.95 12.88 20.79
N THR A 311 -4.80 13.06 20.13
CA THR A 311 -3.54 12.56 20.67
C THR A 311 -3.34 13.26 22.00
N LEU A 312 -3.48 14.58 21.99
CA LEU A 312 -3.37 15.36 23.22
C LEU A 312 -4.32 14.77 24.27
N LEU A 313 -5.57 14.60 23.86
CA LEU A 313 -6.58 14.04 24.75
C LEU A 313 -6.07 12.78 25.46
N ASN A 314 -5.68 11.78 24.68
CA ASN A 314 -5.14 10.54 25.21
C ASN A 314 -3.98 10.78 26.17
N LEU A 315 -3.09 11.69 25.78
CA LEU A 315 -1.93 12.05 26.58
C LEU A 315 -2.16 12.55 28.01
N VAL A 316 -3.39 12.99 28.29
CA VAL A 316 -3.74 13.48 29.61
C VAL A 316 -4.97 12.75 30.13
N ALA A 317 -5.36 11.69 29.44
CA ALA A 317 -6.52 10.90 29.82
C ALA A 317 -6.12 9.81 30.82
N GLU A 318 -7.13 9.13 31.37
CA GLU A 318 -6.89 8.03 32.30
C GLU A 318 -6.68 6.75 31.50
N GLY A 319 -5.50 6.15 31.65
CA GLY A 319 -5.25 4.92 30.92
C GLY A 319 -4.41 5.07 29.66
N THR A 320 -4.39 3.99 28.85
CA THR A 320 -3.63 3.94 27.62
C THR A 320 -4.56 3.89 26.41
N GLY A 321 -4.16 4.55 25.33
CA GLY A 321 -4.98 4.57 24.13
C GLY A 321 -4.10 4.66 22.90
N VAL A 322 -4.48 3.99 21.82
CA VAL A 322 -3.70 3.99 20.60
C VAL A 322 -4.44 4.74 19.49
N ILE A 323 -3.70 5.57 18.76
CA ILE A 323 -4.28 6.32 17.66
C ILE A 323 -3.59 5.87 16.37
N THR A 324 -4.39 5.37 15.44
CA THR A 324 -3.87 4.88 14.17
C THR A 324 -4.30 5.74 12.98
N GLU A 325 -3.32 6.10 12.15
CA GLU A 325 -3.55 6.88 10.93
C GLU A 325 -3.58 5.78 9.86
N THR A 326 -4.76 5.46 9.33
CA THR A 326 -4.85 4.37 8.34
C THR A 326 -4.52 4.76 6.91
N ILE A 327 -4.55 6.06 6.61
CA ILE A 327 -4.27 6.51 5.24
C ILE A 327 -2.97 7.31 5.12
N PHE A 328 -2.86 8.35 5.91
CA PHE A 328 -1.70 9.24 5.88
C PHE A 328 -0.52 8.85 6.75
N GLU A 329 0.68 8.92 6.17
CA GLU A 329 1.87 8.60 6.93
C GLU A 329 2.61 9.83 7.44
N ASN A 330 3.42 9.64 8.46
CA ASN A 330 4.18 10.74 9.03
C ASN A 330 3.38 11.85 9.71
N ARG A 331 2.26 11.48 10.34
CA ARG A 331 1.42 12.46 11.03
C ARG A 331 1.67 12.68 12.51
N PHE A 332 2.83 12.21 12.97
CA PHE A 332 3.20 12.30 14.36
C PHE A 332 4.39 13.17 14.72
N MET A 333 4.83 13.99 13.77
CA MET A 333 5.97 14.87 14.02
C MET A 333 5.90 15.72 15.29
N HIS A 334 4.69 16.12 15.65
CA HIS A 334 4.47 16.95 16.83
C HIS A 334 4.61 16.20 18.17
N VAL A 335 4.37 14.90 18.15
CA VAL A 335 4.43 14.08 19.35
C VAL A 335 5.69 14.33 20.20
N PRO A 336 6.88 14.38 19.58
CA PRO A 336 8.07 14.63 20.41
C PRO A 336 7.94 15.92 21.20
N GLU A 337 7.31 16.93 20.61
CA GLU A 337 7.08 18.20 21.28
C GLU A 337 6.30 18.01 22.59
N LEU A 338 5.23 17.22 22.52
CA LEU A 338 4.39 16.92 23.68
C LEU A 338 5.16 16.17 24.75
N ILE A 339 6.01 15.25 24.32
CA ILE A 339 6.82 14.47 25.25
C ILE A 339 7.72 15.42 26.02
N ARG A 340 8.16 16.48 25.35
CA ARG A 340 8.99 17.49 26.01
C ARG A 340 8.19 18.21 27.09
N MET A 341 6.87 18.05 27.00
CA MET A 341 5.93 18.62 27.97
C MET A 341 5.56 17.65 29.09
N GLY A 342 6.26 16.52 29.13
CA GLY A 342 6.00 15.55 30.18
C GLY A 342 5.02 14.47 29.78
N ALA A 343 4.69 14.39 28.49
CA ALA A 343 3.75 13.39 28.02
C ALA A 343 4.44 12.05 27.82
N HIS A 344 3.67 10.97 27.91
CA HIS A 344 4.21 9.63 27.70
C HIS A 344 3.63 8.84 26.53
N ALA A 345 4.41 8.72 25.47
CA ALA A 345 3.94 8.01 24.29
C ALA A 345 5.02 7.38 23.46
N GLU A 346 4.62 6.41 22.65
CA GLU A 346 5.51 5.71 21.74
C GLU A 346 4.95 5.77 20.32
N ILE A 347 5.79 6.16 19.36
CA ILE A 347 5.37 6.23 17.98
C ILE A 347 5.85 4.96 17.30
N GLU A 348 4.90 4.18 16.79
CA GLU A 348 5.21 2.94 16.11
C GLU A 348 4.51 2.82 14.76
N SER A 349 5.27 2.94 13.68
CA SER A 349 4.70 2.83 12.35
C SER A 349 3.67 3.96 12.14
N ASN A 350 2.44 3.57 11.77
CA ASN A 350 1.35 4.53 11.54
C ASN A 350 0.50 4.76 12.79
N THR A 351 1.10 4.57 13.97
CA THR A 351 0.36 4.75 15.21
C THR A 351 1.18 5.41 16.32
N VAL A 352 0.46 5.85 17.36
CA VAL A 352 1.05 6.46 18.53
C VAL A 352 0.37 5.84 19.74
N ILE A 353 1.15 5.23 20.61
CA ILE A 353 0.63 4.60 21.81
C ILE A 353 0.67 5.64 22.93
N CYS A 354 -0.50 5.99 23.43
CA CYS A 354 -0.60 7.01 24.48
C CYS A 354 -0.76 6.47 25.90
N HIS A 355 -0.04 7.07 26.83
CA HIS A 355 -0.11 6.70 28.25
C HIS A 355 -0.42 7.99 29.02
N GLY A 356 -1.70 8.21 29.29
CA GLY A 356 -2.12 9.43 29.97
C GLY A 356 -1.35 9.81 31.23
N VAL A 357 -1.11 11.11 31.40
CA VAL A 357 -0.40 11.61 32.57
C VAL A 357 -1.24 12.68 33.26
N GLU A 358 -1.00 12.89 34.54
CA GLU A 358 -1.74 13.88 35.31
C GLU A 358 -1.63 15.32 34.82
N LYS A 359 -0.41 15.84 34.86
CA LYS A 359 -0.15 17.21 34.46
C LYS A 359 1.02 17.37 33.49
N LEU A 360 0.83 18.24 32.50
CA LEU A 360 1.90 18.53 31.55
C LEU A 360 2.71 19.69 32.12
N SER A 361 3.91 19.87 31.60
CA SER A 361 4.78 20.95 32.04
C SER A 361 5.11 21.93 30.93
N GLY A 362 4.92 23.22 31.20
CA GLY A 362 5.19 24.24 30.21
C GLY A 362 6.57 24.12 29.57
N ALA A 363 6.65 24.47 28.30
CA ALA A 363 7.92 24.40 27.58
C ALA A 363 7.85 25.22 26.30
N GLN A 364 8.98 25.37 25.66
CA GLN A 364 9.06 26.12 24.40
C GLN A 364 8.87 25.09 23.30
N VAL A 365 7.76 25.21 22.58
CA VAL A 365 7.45 24.24 21.54
C VAL A 365 7.05 24.86 20.22
N MET A 366 7.02 24.03 19.19
CA MET A 366 6.67 24.48 17.86
C MET A 366 6.30 23.35 16.90
N ALA A 367 5.35 23.63 16.02
CA ALA A 367 4.90 22.65 15.04
C ALA A 367 4.50 23.40 13.78
N THR A 368 4.78 22.80 12.63
CA THR A 368 4.47 23.43 11.35
C THR A 368 3.02 23.21 10.94
N ASP A 369 2.43 22.13 11.45
CA ASP A 369 1.03 21.80 11.15
C ASP A 369 0.06 22.62 11.97
N LEU A 370 -0.96 23.21 11.33
CA LEU A 370 -1.95 24.00 12.05
C LEU A 370 -2.72 23.30 13.15
N ARG A 371 -3.07 22.04 12.90
CA ARG A 371 -3.80 21.26 13.90
C ARG A 371 -2.87 20.93 15.04
N ALA A 372 -1.66 20.49 14.68
CA ALA A 372 -0.66 20.11 15.67
C ALA A 372 -0.31 21.36 16.46
N SER A 373 -0.20 22.49 15.75
CA SER A 373 0.12 23.76 16.38
C SER A 373 -0.94 24.12 17.41
N ALA A 374 -2.20 24.08 16.97
CA ALA A 374 -3.31 24.34 17.86
C ALA A 374 -3.31 23.35 19.07
N SER A 375 -2.97 22.10 18.88
CA SER A 375 -2.92 21.16 19.94
C SER A 375 -1.87 21.59 20.93
N LEU A 376 -0.76 22.10 20.44
CA LEU A 376 0.24 22.71 21.36
C LEU A 376 -0.21 23.83 22.28
N VAL A 377 -1.04 24.69 21.71
CA VAL A 377 -1.57 25.79 22.47
C VAL A 377 -2.51 25.24 23.53
N LEU A 378 -3.36 24.28 23.13
CA LEU A 378 -4.29 23.67 24.08
C LEU A 378 -3.48 23.05 25.23
N ALA A 379 -2.37 22.39 24.87
CA ALA A 379 -1.51 21.75 25.87
C ALA A 379 -1.01 22.83 26.83
N GLY A 380 -0.60 23.96 26.27
CA GLY A 380 -0.12 25.07 27.08
C GLY A 380 -1.16 25.51 28.10
N CYS A 381 -2.44 25.48 27.69
CA CYS A 381 -3.53 25.86 28.57
C CYS A 381 -3.65 25.07 29.86
N ILE A 382 -3.51 23.75 29.76
CA ILE A 382 -3.64 22.87 30.92
C ILE A 382 -2.32 22.46 31.57
N ALA A 383 -1.21 22.85 30.95
CA ALA A 383 0.12 22.50 31.48
C ALA A 383 0.54 23.42 32.62
N GLU A 384 1.41 22.90 33.48
CA GLU A 384 1.92 23.67 34.60
C GLU A 384 2.99 24.68 34.21
N GLY A 385 2.73 25.96 34.50
CA GLY A 385 3.69 26.99 34.19
C GLY A 385 3.55 27.67 32.83
N THR A 386 4.69 28.12 32.32
CA THR A 386 4.73 28.82 31.04
C THR A 386 5.04 27.95 29.84
N THR A 387 4.24 28.13 28.80
CA THR A 387 4.40 27.41 27.54
C THR A 387 4.50 28.48 26.46
N VAL A 388 5.45 28.33 25.56
CA VAL A 388 5.61 29.28 24.46
C VAL A 388 5.54 28.53 23.15
N VAL A 389 4.49 28.78 22.38
CA VAL A 389 4.31 28.14 21.10
C VAL A 389 4.81 29.09 20.03
N ASP A 390 5.85 28.65 19.32
CA ASP A 390 6.47 29.45 18.26
C ASP A 390 5.76 29.35 16.90
N ARG A 391 6.04 30.32 16.02
CA ARG A 391 5.46 30.34 14.68
C ARG A 391 3.96 30.09 14.60
N ILE A 392 3.18 30.85 15.36
CA ILE A 392 1.73 30.65 15.35
C ILE A 392 1.02 31.17 14.10
N TYR A 393 1.80 31.63 13.12
CA TYR A 393 1.19 32.11 11.88
C TYR A 393 0.44 30.95 11.23
N HIS A 394 0.94 29.74 11.48
CA HIS A 394 0.28 28.54 10.96
C HIS A 394 -1.16 28.50 11.46
N ILE A 395 -1.34 28.77 12.74
CA ILE A 395 -2.65 28.79 13.36
C ILE A 395 -3.46 29.95 12.80
N ASP A 396 -2.82 31.12 12.68
CA ASP A 396 -3.50 32.31 12.16
C ASP A 396 -4.14 32.12 10.79
N ARG A 397 -3.54 31.26 9.98
CA ARG A 397 -4.05 30.99 8.63
C ARG A 397 -5.32 30.14 8.57
N GLY A 398 -5.56 29.34 9.60
CA GLY A 398 -6.75 28.48 9.61
C GLY A 398 -7.71 28.71 10.76
N TYR A 399 -7.30 29.48 11.76
CA TYR A 399 -8.14 29.79 12.92
C TYR A 399 -8.39 31.29 13.04
N GLU A 400 -9.65 31.66 13.13
CA GLU A 400 -10.04 33.06 13.27
C GLU A 400 -9.83 33.56 14.72
N ARG A 401 -8.68 34.17 14.97
CA ARG A 401 -8.33 34.69 16.29
C ARG A 401 -8.56 33.74 17.46
N ILE A 402 -7.89 32.58 17.40
CA ILE A 402 -8.05 31.57 18.44
C ILE A 402 -7.70 32.15 19.82
N GLU A 403 -6.78 33.11 19.85
CA GLU A 403 -6.38 33.77 21.08
C GLU A 403 -7.54 34.40 21.83
N ASP A 404 -8.39 35.11 21.09
CA ASP A 404 -9.56 35.76 21.67
C ASP A 404 -10.60 34.75 22.18
N LYS A 405 -10.79 33.68 21.41
CA LYS A 405 -11.72 32.64 21.77
C LYS A 405 -11.27 31.92 23.04
N LEU A 406 -10.00 31.50 23.03
CA LEU A 406 -9.43 30.82 24.20
C LEU A 406 -9.54 31.66 25.47
N ARG A 407 -9.20 32.94 25.35
CA ARG A 407 -9.29 33.87 26.48
C ARG A 407 -10.68 33.96 27.09
N ALA A 408 -11.70 34.04 26.23
CA ALA A 408 -13.09 34.10 26.70
C ALA A 408 -13.39 32.82 27.46
N LEU A 409 -12.67 31.75 27.11
CA LEU A 409 -12.83 30.45 27.75
C LEU A 409 -12.14 30.33 29.10
N GLY A 410 -11.33 31.32 29.44
CA GLY A 410 -10.63 31.30 30.70
C GLY A 410 -9.15 31.03 30.57
N ALA A 411 -8.63 31.15 29.35
CA ALA A 411 -7.22 30.88 29.14
C ALA A 411 -6.31 32.08 29.40
N ASN A 412 -5.15 31.82 29.98
CA ASN A 412 -4.16 32.86 30.23
C ASN A 412 -3.24 32.81 29.00
N ILE A 413 -3.53 33.65 28.01
CA ILE A 413 -2.77 33.65 26.79
C ILE A 413 -2.51 35.03 26.21
N GLU A 414 -1.33 35.19 25.63
CA GLU A 414 -0.94 36.45 25.03
C GLU A 414 -0.18 36.25 23.75
N ARG A 415 -0.42 37.12 22.77
CA ARG A 415 0.29 37.06 21.50
C ARG A 415 1.57 37.88 21.71
N VAL A 416 2.73 37.23 21.63
CA VAL A 416 3.99 37.93 21.84
C VAL A 416 5.05 37.70 20.78
N LYS A 417 6.01 38.62 20.73
CA LYS A 417 7.12 38.54 19.79
C LYS A 417 8.39 38.22 20.60
N GLY A 418 9.36 37.55 19.97
CA GLY A 418 10.56 37.22 20.71
C GLY A 418 11.79 36.90 19.87
N GLU A 419 12.27 37.87 19.11
CA GLU A 419 13.44 37.67 18.27
C GLU A 419 14.47 38.80 18.24
N MET B 1 -22.36 -34.07 -8.86
CA MET B 1 -22.02 -32.61 -8.90
C MET B 1 -23.26 -31.75 -9.13
N ASP B 2 -23.86 -31.29 -8.04
CA ASP B 2 -25.04 -30.44 -8.12
C ASP B 2 -24.92 -29.23 -9.03
N LYS B 3 -26.02 -28.88 -9.70
CA LYS B 3 -26.07 -27.74 -10.60
C LYS B 3 -27.41 -27.03 -10.51
N PHE B 4 -27.42 -25.76 -10.89
CA PHE B 4 -28.66 -24.98 -10.91
C PHE B 4 -29.10 -24.71 -12.35
N ARG B 5 -30.31 -25.13 -12.69
CA ARG B 5 -30.84 -24.87 -14.03
C ARG B 5 -31.85 -23.74 -13.90
N VAL B 6 -31.53 -22.58 -14.47
CA VAL B 6 -32.40 -21.42 -14.36
C VAL B 6 -33.12 -21.06 -15.65
N GLN B 7 -34.41 -20.78 -15.52
CA GLN B 7 -35.22 -20.39 -16.66
C GLN B 7 -35.67 -18.93 -16.53
N GLY B 8 -35.07 -18.05 -17.32
CA GLY B 8 -35.43 -16.64 -17.25
C GLY B 8 -36.03 -16.09 -18.54
N PRO B 9 -36.51 -14.83 -18.52
CA PRO B 9 -36.49 -13.97 -17.34
C PRO B 9 -37.72 -14.06 -16.45
N THR B 10 -37.49 -13.95 -15.15
CA THR B 10 -38.58 -13.99 -14.19
C THR B 10 -38.38 -12.87 -13.20
N ARG B 11 -39.44 -12.10 -13.00
CA ARG B 11 -39.42 -11.01 -12.04
C ARG B 11 -39.40 -11.58 -10.63
N LEU B 12 -38.42 -11.20 -9.83
CA LEU B 12 -38.34 -11.68 -8.47
C LEU B 12 -39.14 -10.82 -7.52
N GLN B 13 -40.19 -11.40 -6.94
CA GLN B 13 -41.07 -10.65 -6.05
C GLN B 13 -41.78 -11.50 -5.01
N GLY B 14 -42.20 -10.86 -3.92
CA GLY B 14 -42.90 -11.56 -2.86
C GLY B 14 -42.25 -11.34 -1.51
N GLU B 15 -42.06 -12.44 -0.79
CA GLU B 15 -41.45 -12.42 0.54
C GLU B 15 -40.35 -13.49 0.70
N VAL B 16 -39.40 -13.22 1.59
CA VAL B 16 -38.33 -14.16 1.86
C VAL B 16 -38.03 -14.01 3.33
N THR B 17 -37.74 -15.13 3.99
CA THR B 17 -37.41 -15.10 5.42
C THR B 17 -35.90 -15.29 5.52
N ILE B 18 -35.22 -14.31 6.11
CA ILE B 18 -33.78 -14.36 6.23
C ILE B 18 -33.31 -15.34 7.32
N SER B 19 -32.29 -16.11 6.97
CA SER B 19 -31.68 -17.09 7.89
C SER B 19 -30.73 -16.46 8.89
N GLY B 20 -30.46 -17.17 9.98
CA GLY B 20 -29.51 -16.67 10.96
C GLY B 20 -28.14 -16.61 10.31
N ALA B 21 -27.27 -15.73 10.81
CA ALA B 21 -25.93 -15.58 10.25
C ALA B 21 -24.99 -16.72 10.66
N LYS B 22 -24.41 -17.40 9.67
CA LYS B 22 -23.46 -18.48 9.94
C LYS B 22 -22.26 -17.92 10.72
N ASN B 23 -21.79 -16.76 10.27
CA ASN B 23 -20.66 -16.09 10.90
C ASN B 23 -20.88 -15.56 12.32
N ALA B 24 -22.12 -15.64 12.80
CA ALA B 24 -22.43 -15.23 14.16
C ALA B 24 -22.73 -16.50 14.94
N ALA B 25 -23.40 -17.45 14.29
CA ALA B 25 -23.75 -18.72 14.94
C ALA B 25 -22.49 -19.50 15.36
N LEU B 26 -21.49 -19.52 14.48
CA LEU B 26 -20.23 -20.23 14.77
C LEU B 26 -19.52 -19.76 16.04
N PRO B 27 -19.18 -18.47 16.11
CA PRO B 27 -18.51 -17.97 17.30
C PRO B 27 -19.35 -18.15 18.56
N ILE B 28 -20.67 -18.09 18.40
CA ILE B 28 -21.58 -18.27 19.54
C ILE B 28 -21.59 -19.73 19.96
N LEU B 29 -21.63 -20.64 19.00
CA LEU B 29 -21.60 -22.07 19.30
C LEU B 29 -20.39 -22.43 20.16
N PHE B 30 -19.23 -21.93 19.75
CA PHE B 30 -17.98 -22.13 20.48
C PHE B 30 -18.00 -21.48 21.87
N ALA B 31 -18.59 -20.30 21.95
CA ALA B 31 -18.67 -19.58 23.21
C ALA B 31 -19.48 -20.40 24.20
N ALA B 32 -20.44 -21.17 23.68
CA ALA B 32 -21.30 -21.99 24.51
C ALA B 32 -20.49 -22.90 25.41
N LEU B 33 -19.22 -23.13 25.06
CA LEU B 33 -18.34 -23.97 25.85
C LEU B 33 -18.12 -23.37 27.23
N LEU B 34 -18.40 -22.07 27.34
CA LEU B 34 -18.24 -21.34 28.58
C LEU B 34 -19.44 -21.52 29.53
N ALA B 35 -20.58 -21.92 28.96
CA ALA B 35 -21.82 -22.06 29.72
C ALA B 35 -21.91 -23.27 30.63
N GLU B 36 -22.11 -23.00 31.91
CA GLU B 36 -22.25 -24.03 32.93
C GLU B 36 -23.65 -24.64 32.93
N GLU B 37 -24.59 -23.88 32.38
CA GLU B 37 -25.97 -24.35 32.28
C GLU B 37 -26.39 -24.52 30.83
N PRO B 38 -27.40 -25.37 30.57
CA PRO B 38 -27.85 -25.57 29.20
C PRO B 38 -28.19 -24.25 28.50
N VAL B 39 -28.09 -24.25 27.17
CA VAL B 39 -28.40 -23.05 26.41
C VAL B 39 -29.14 -23.41 25.13
N GLU B 40 -30.05 -22.52 24.74
CA GLU B 40 -30.80 -22.71 23.51
C GLU B 40 -30.39 -21.64 22.50
N ILE B 41 -29.77 -22.06 21.40
CA ILE B 41 -29.34 -21.11 20.37
C ILE B 41 -30.34 -21.16 19.24
N GLN B 42 -31.19 -20.15 19.15
CA GLN B 42 -32.21 -20.10 18.09
C GLN B 42 -31.70 -19.46 16.81
N ASN B 43 -32.45 -19.66 15.73
CA ASN B 43 -32.10 -19.04 14.46
C ASN B 43 -30.76 -19.47 13.86
N VAL B 44 -30.39 -20.74 14.02
CA VAL B 44 -29.14 -21.28 13.46
C VAL B 44 -29.40 -21.94 12.11
N PRO B 45 -28.74 -21.48 11.06
CA PRO B 45 -28.97 -22.09 9.74
C PRO B 45 -28.44 -23.53 9.68
N LYS B 46 -28.95 -24.28 8.72
CA LYS B 46 -28.53 -25.66 8.51
C LYS B 46 -27.47 -25.65 7.41
N LEU B 47 -26.22 -25.52 7.82
CA LEU B 47 -25.09 -25.45 6.91
C LEU B 47 -24.01 -26.42 7.33
N LYS B 48 -23.15 -26.79 6.40
CA LYS B 48 -22.05 -27.71 6.72
C LYS B 48 -21.24 -27.37 7.96
N ASP B 49 -20.68 -26.16 8.00
CA ASP B 49 -19.89 -25.73 9.17
C ASP B 49 -20.58 -25.92 10.51
N ILE B 50 -21.90 -25.79 10.51
CA ILE B 50 -22.68 -25.96 11.74
C ILE B 50 -22.58 -27.42 12.16
N ASP B 51 -22.75 -28.33 11.20
CA ASP B 51 -22.64 -29.77 11.48
C ASP B 51 -21.27 -30.12 12.07
N THR B 52 -20.24 -29.64 11.38
CA THR B 52 -18.87 -29.87 11.81
C THR B 52 -18.67 -29.40 13.24
N THR B 53 -19.24 -28.24 13.55
CA THR B 53 -19.11 -27.67 14.89
C THR B 53 -19.87 -28.52 15.93
N MET B 54 -21.03 -29.04 15.53
CA MET B 54 -21.81 -29.89 16.40
C MET B 54 -21.04 -31.15 16.76
N LYS B 55 -20.43 -31.76 15.74
CA LYS B 55 -19.62 -32.96 15.92
C LYS B 55 -18.40 -32.69 16.80
N LEU B 56 -17.79 -31.52 16.60
CA LEU B 56 -16.62 -31.13 17.38
C LEU B 56 -16.98 -30.99 18.87
N LEU B 57 -18.08 -30.28 19.13
CA LEU B 57 -18.54 -30.06 20.51
C LEU B 57 -18.87 -31.37 21.23
N THR B 58 -19.64 -32.22 20.55
CA THR B 58 -20.03 -33.50 21.12
C THR B 58 -18.77 -34.25 21.50
N GLN B 59 -17.79 -34.20 20.61
CA GLN B 59 -16.53 -34.87 20.84
C GLN B 59 -15.79 -34.40 22.09
N LEU B 60 -16.08 -33.17 22.51
CA LEU B 60 -15.49 -32.60 23.73
C LEU B 60 -16.22 -33.09 24.98
N GLY B 61 -17.38 -33.73 24.76
CA GLY B 61 -18.17 -34.21 25.87
C GLY B 61 -19.39 -33.33 26.06
N THR B 62 -19.68 -32.51 25.05
CA THR B 62 -20.82 -31.61 25.10
C THR B 62 -22.12 -32.33 24.68
N LYS B 63 -23.22 -31.98 25.34
CA LYS B 63 -24.52 -32.52 24.97
C LYS B 63 -25.10 -31.60 23.88
N VAL B 64 -25.26 -32.14 22.68
CA VAL B 64 -25.76 -31.33 21.57
C VAL B 64 -26.91 -31.96 20.80
N GLU B 65 -27.87 -31.11 20.41
CA GLU B 65 -29.04 -31.51 19.65
C GLU B 65 -29.63 -30.36 18.84
N ARG B 66 -30.19 -30.67 17.67
CA ARG B 66 -30.78 -29.62 16.84
C ARG B 66 -32.08 -29.97 16.12
N GLY B 68 -34.90 -25.54 14.41
CA GLY B 68 -34.39 -24.27 13.93
C GLY B 68 -33.37 -23.77 14.93
N SER B 69 -33.36 -24.43 16.10
CA SER B 69 -32.43 -24.09 17.18
C SER B 69 -31.39 -25.17 17.41
N VAL B 70 -30.43 -24.86 18.27
CA VAL B 70 -29.39 -25.80 18.63
C VAL B 70 -29.33 -25.83 20.15
N TRP B 71 -29.60 -26.99 20.72
CA TRP B 71 -29.55 -27.16 22.17
C TRP B 71 -28.18 -27.63 22.59
N ILE B 72 -27.57 -26.89 23.53
CA ILE B 72 -26.24 -27.23 24.01
C ILE B 72 -26.20 -27.34 25.52
N ASP B 73 -25.55 -28.39 26.00
CA ASP B 73 -25.37 -28.61 27.42
C ASP B 73 -23.90 -28.94 27.63
N ALA B 74 -23.12 -27.94 28.04
CA ALA B 74 -21.69 -28.09 28.24
C ALA B 74 -21.32 -28.23 29.71
N SER B 75 -22.28 -28.68 30.51
CA SER B 75 -22.04 -28.85 31.94
C SER B 75 -21.00 -29.92 32.26
N ASN B 76 -20.89 -30.90 31.37
CA ASN B 76 -19.95 -32.01 31.54
C ASN B 76 -18.85 -32.20 30.50
N VAL B 77 -18.30 -31.09 29.98
CA VAL B 77 -17.24 -31.19 29.00
C VAL B 77 -16.10 -32.07 29.54
N ASN B 78 -15.91 -33.22 28.90
CA ASN B 78 -14.90 -34.19 29.28
C ASN B 78 -13.57 -34.20 28.53
N ASN B 79 -13.65 -33.96 27.23
CA ASN B 79 -12.48 -33.95 26.37
C ASN B 79 -12.02 -32.53 26.03
N PHE B 80 -10.71 -32.28 26.14
CA PHE B 80 -10.16 -30.96 25.84
C PHE B 80 -9.39 -30.83 24.53
N SER B 81 -9.54 -31.83 23.67
CA SER B 81 -8.82 -31.85 22.39
C SER B 81 -9.67 -31.86 21.11
N ALA B 82 -9.27 -31.02 20.16
CA ALA B 82 -9.96 -30.95 18.87
C ALA B 82 -9.00 -31.58 17.86
N PRO B 83 -9.11 -32.90 17.68
CA PRO B 83 -8.28 -33.69 16.75
C PRO B 83 -8.28 -33.28 15.29
N TYR B 84 -7.27 -33.79 14.57
CA TYR B 84 -7.12 -33.51 13.15
C TYR B 84 -8.41 -33.70 12.37
N ASP B 85 -9.12 -34.79 12.67
CA ASP B 85 -10.38 -35.07 12.01
C ASP B 85 -11.45 -34.01 12.21
N LEU B 86 -12.01 -33.96 13.43
CA LEU B 86 -13.04 -32.98 13.77
C LEU B 86 -12.74 -31.61 13.18
N VAL B 87 -11.58 -31.08 13.56
CA VAL B 87 -11.13 -29.78 13.10
C VAL B 87 -11.24 -29.68 11.59
N LYS B 88 -10.78 -30.72 10.91
CA LYS B 88 -10.79 -30.76 9.44
C LYS B 88 -10.23 -29.54 8.73
N THR B 89 -11.05 -28.92 7.88
CA THR B 89 -10.60 -27.75 7.16
C THR B 89 -11.25 -26.50 7.77
N MET B 90 -12.23 -26.71 8.64
CA MET B 90 -12.92 -25.60 9.27
C MET B 90 -12.10 -24.65 10.15
N ARG B 91 -11.77 -23.49 9.59
CA ARG B 91 -11.01 -22.49 10.33
C ARG B 91 -11.60 -22.14 11.70
N ALA B 92 -12.93 -22.03 11.74
CA ALA B 92 -13.64 -21.68 12.97
C ALA B 92 -13.19 -22.57 14.12
N SER B 93 -12.75 -23.79 13.80
CA SER B 93 -12.26 -24.75 14.80
C SER B 93 -11.40 -24.13 15.89
N ILE B 94 -10.58 -23.16 15.49
CA ILE B 94 -9.68 -22.49 16.43
C ILE B 94 -10.45 -21.89 17.60
N TRP B 95 -11.72 -21.55 17.36
CA TRP B 95 -12.58 -20.98 18.41
C TRP B 95 -12.82 -21.82 19.66
N ALA B 96 -12.44 -23.09 19.62
CA ALA B 96 -12.61 -23.97 20.78
C ALA B 96 -11.52 -23.73 21.82
N LEU B 97 -10.37 -23.25 21.36
CA LEU B 97 -9.23 -23.00 22.25
C LEU B 97 -9.42 -22.09 23.44
N GLY B 98 -9.86 -20.87 23.17
CA GLY B 98 -10.06 -19.90 24.24
C GLY B 98 -10.99 -20.37 25.37
N PRO B 99 -12.22 -20.78 25.06
CA PRO B 99 -13.19 -21.26 26.05
C PRO B 99 -12.65 -22.41 26.89
N LEU B 100 -12.02 -23.38 26.21
CA LEU B 100 -11.43 -24.53 26.88
C LEU B 100 -10.45 -24.15 27.98
N VAL B 101 -9.46 -23.35 27.62
CA VAL B 101 -8.43 -22.94 28.58
C VAL B 101 -8.99 -21.97 29.63
N ALA B 102 -9.89 -21.08 29.23
CA ALA B 102 -10.43 -20.09 30.16
C ALA B 102 -11.35 -20.74 31.21
N ARG B 103 -12.06 -21.79 30.80
CA ARG B 103 -12.99 -22.48 31.70
C ARG B 103 -12.40 -23.71 32.37
N PHE B 104 -11.65 -24.48 31.60
CA PHE B 104 -11.06 -25.71 32.09
C PHE B 104 -9.59 -25.69 32.47
N GLY B 105 -8.90 -24.60 32.11
CA GLY B 105 -7.49 -24.49 32.41
C GLY B 105 -6.61 -25.21 31.39
N GLN B 106 -7.23 -25.82 30.41
CA GLN B 106 -6.49 -26.56 29.40
C GLN B 106 -7.23 -26.70 28.07
N GLY B 107 -6.48 -26.60 26.98
CA GLY B 107 -7.08 -26.73 25.66
C GLY B 107 -6.06 -27.03 24.59
N GLN B 108 -6.49 -27.73 23.55
CA GLN B 108 -5.62 -28.06 22.44
C GLN B 108 -6.40 -28.27 21.16
N VAL B 109 -5.97 -27.58 20.11
CA VAL B 109 -6.66 -27.68 18.84
C VAL B 109 -5.68 -28.06 17.77
N SER B 110 -6.09 -28.98 16.89
CA SER B 110 -5.25 -29.42 15.80
C SER B 110 -4.97 -28.34 14.75
N LEU B 111 -3.75 -28.32 14.25
CA LEU B 111 -3.38 -27.35 13.22
C LEU B 111 -3.30 -27.84 11.79
N PRO B 112 -4.45 -27.88 11.09
CA PRO B 112 -4.50 -28.33 9.69
C PRO B 112 -3.43 -27.61 8.88
N GLY B 113 -2.33 -28.30 8.63
CA GLY B 113 -1.23 -27.71 7.89
C GLY B 113 -0.18 -27.26 8.88
N GLY B 114 -0.28 -26.02 9.33
CA GLY B 114 0.69 -25.49 10.28
C GLY B 114 2.10 -25.63 9.74
N CYS B 115 2.87 -24.55 9.79
CA CYS B 115 4.24 -24.58 9.27
C CYS B 115 4.25 -24.75 7.76
N ALA B 116 3.29 -25.56 7.28
CA ALA B 116 3.15 -25.83 5.85
C ALA B 116 3.04 -24.55 5.05
N ILE B 117 3.77 -24.49 3.95
CA ILE B 117 3.76 -23.31 3.08
C ILE B 117 2.33 -22.96 2.68
N GLY B 118 1.94 -21.71 2.95
CA GLY B 118 0.61 -21.26 2.61
C GLY B 118 -0.43 -21.48 3.69
N ALA B 119 -0.03 -22.11 4.80
CA ALA B 119 -0.94 -22.39 5.91
C ALA B 119 -1.52 -21.10 6.48
N ARG B 120 -2.74 -21.19 7.02
CA ARG B 120 -3.41 -20.04 7.61
C ARG B 120 -2.88 -19.64 9.00
N PRO B 121 -2.59 -18.35 9.20
CA PRO B 121 -2.08 -17.81 10.46
C PRO B 121 -3.06 -17.81 11.61
N VAL B 122 -2.58 -18.20 12.79
CA VAL B 122 -3.38 -18.24 14.00
C VAL B 122 -2.58 -17.55 15.10
N ASP B 123 -1.54 -16.84 14.67
CA ASP B 123 -0.66 -16.10 15.57
C ASP B 123 -1.42 -15.17 16.52
N LEU B 124 -2.38 -14.45 15.97
CA LEU B 124 -3.19 -13.53 16.77
C LEU B 124 -3.89 -14.24 17.91
N HIS B 125 -4.51 -15.37 17.58
CA HIS B 125 -5.19 -16.20 18.57
C HIS B 125 -4.21 -16.60 19.67
N ILE B 126 -3.10 -17.20 19.23
CA ILE B 126 -2.05 -17.67 20.13
C ILE B 126 -1.50 -16.57 21.04
N PHE B 127 -1.14 -15.45 20.45
CA PHE B 127 -0.60 -14.32 21.20
C PHE B 127 -1.61 -13.64 22.11
N GLY B 128 -2.86 -13.58 21.64
CA GLY B 128 -3.92 -12.98 22.43
C GLY B 128 -4.11 -13.78 23.72
N LEU B 129 -4.10 -15.10 23.59
CA LEU B 129 -4.25 -15.99 24.74
C LEU B 129 -3.04 -15.89 25.67
N GLU B 130 -1.85 -15.82 25.08
CA GLU B 130 -0.61 -15.71 25.84
C GLU B 130 -0.68 -14.43 26.67
N LYS B 131 -1.19 -13.37 26.05
CA LYS B 131 -1.35 -12.06 26.69
C LYS B 131 -2.27 -12.20 27.89
N LEU B 132 -3.21 -13.13 27.80
CA LEU B 132 -4.16 -13.40 28.86
C LEU B 132 -3.60 -14.25 30.00
N GLY B 133 -2.33 -14.63 29.87
CA GLY B 133 -1.67 -15.43 30.90
C GLY B 133 -1.60 -16.92 30.59
N ALA B 134 -2.04 -17.31 29.41
CA ALA B 134 -2.00 -18.72 29.07
C ALA B 134 -0.62 -19.15 28.60
N GLU B 135 -0.22 -20.35 29.01
CA GLU B 135 1.05 -20.93 28.57
C GLU B 135 0.75 -21.58 27.22
N ILE B 136 1.59 -21.32 26.23
CA ILE B 136 1.36 -21.88 24.91
C ILE B 136 2.41 -22.92 24.53
N LYS B 137 1.97 -23.95 23.84
CA LYS B 137 2.85 -25.01 23.36
C LYS B 137 2.55 -25.29 21.90
N LEU B 138 3.58 -25.23 21.05
CA LEU B 138 3.41 -25.53 19.62
C LEU B 138 4.05 -26.91 19.43
N GLU B 139 3.23 -27.95 19.50
CA GLU B 139 3.73 -29.33 19.41
C GLU B 139 2.74 -30.37 18.91
N GLU B 140 3.29 -31.48 18.41
CA GLU B 140 2.46 -32.59 17.92
C GLU B 140 1.34 -32.24 16.96
N GLY B 141 1.55 -31.22 16.13
CA GLY B 141 0.54 -30.80 15.19
C GLY B 141 -0.52 -29.96 15.85
N TYR B 142 -0.36 -29.76 17.16
CA TYR B 142 -1.31 -28.96 17.92
C TYR B 142 -0.85 -27.57 18.31
N VAL B 143 -1.79 -26.84 18.89
CA VAL B 143 -1.58 -25.53 19.46
C VAL B 143 -2.20 -25.78 20.82
N LYS B 144 -1.36 -25.83 21.85
CA LYS B 144 -1.83 -26.10 23.19
C LYS B 144 -1.79 -24.89 24.09
N ALA B 145 -2.86 -24.71 24.85
CA ALA B 145 -2.96 -23.59 25.78
C ALA B 145 -3.38 -24.13 27.13
N SER B 146 -2.72 -23.64 28.17
CA SER B 146 -3.03 -24.07 29.53
C SER B 146 -2.78 -22.95 30.50
N VAL B 147 -3.39 -23.06 31.67
CA VAL B 147 -3.21 -22.05 32.69
C VAL B 147 -3.56 -22.65 34.03
N ASN B 148 -2.80 -22.28 35.05
CA ASN B 148 -3.03 -22.77 36.40
C ASN B 148 -4.01 -21.82 37.11
N GLY B 149 -5.28 -22.19 37.09
CA GLY B 149 -6.29 -21.34 37.69
C GLY B 149 -6.92 -20.47 36.62
N ARG B 150 -7.31 -19.24 36.99
CA ARG B 150 -7.95 -18.33 36.05
C ARG B 150 -7.01 -17.53 35.16
N LEU B 151 -7.53 -17.11 34.01
CA LEU B 151 -6.78 -16.27 33.09
C LEU B 151 -6.66 -14.88 33.76
N LYS B 152 -5.74 -14.07 33.25
CA LYS B 152 -5.50 -12.75 33.80
C LYS B 152 -5.82 -11.61 32.81
N GLY B 153 -6.75 -10.73 33.21
CA GLY B 153 -7.14 -9.62 32.35
C GLY B 153 -5.95 -8.80 31.90
N ALA B 154 -5.92 -8.43 30.62
CA ALA B 154 -4.80 -7.66 30.10
C ALA B 154 -5.21 -6.57 29.11
N HIS B 155 -4.33 -5.57 28.95
CA HIS B 155 -4.54 -4.50 27.99
C HIS B 155 -3.91 -4.99 26.70
N ILE B 156 -4.73 -5.32 25.72
CA ILE B 156 -4.22 -5.87 24.46
C ILE B 156 -4.46 -4.97 23.25
N VAL B 157 -3.39 -4.62 22.58
CA VAL B 157 -3.48 -3.77 21.39
C VAL B 157 -3.24 -4.59 20.12
N MET B 158 -4.25 -4.65 19.27
CA MET B 158 -4.14 -5.38 18.02
C MET B 158 -3.53 -4.58 16.87
N ASP B 159 -2.36 -5.01 16.41
CA ASP B 159 -1.66 -4.35 15.30
C ASP B 159 -2.35 -4.68 13.98
N LYS B 160 -3.10 -5.77 14.00
CA LYS B 160 -3.85 -6.23 12.85
C LYS B 160 -5.28 -6.49 13.28
N VAL B 161 -6.25 -5.92 12.57
CA VAL B 161 -7.64 -6.12 12.93
C VAL B 161 -8.06 -7.50 12.44
N SER B 162 -8.61 -8.30 13.35
CA SER B 162 -9.04 -9.65 13.04
C SER B 162 -10.33 -10.06 13.73
N VAL B 163 -11.31 -10.49 12.94
CA VAL B 163 -12.57 -10.93 13.50
C VAL B 163 -12.33 -12.21 14.31
N GLY B 164 -11.54 -13.11 13.75
CA GLY B 164 -11.25 -14.37 14.44
C GLY B 164 -10.58 -14.21 15.78
N ALA B 165 -9.61 -13.30 15.87
CA ALA B 165 -8.87 -13.11 17.13
C ALA B 165 -9.62 -12.27 18.15
N THR B 166 -10.42 -11.32 17.67
CA THR B 166 -11.23 -10.50 18.57
C THR B 166 -12.21 -11.44 19.29
N VAL B 167 -12.71 -12.46 18.58
CA VAL B 167 -13.64 -13.42 19.20
C VAL B 167 -12.92 -14.26 20.25
N THR B 168 -11.79 -14.84 19.87
CA THR B 168 -11.01 -15.67 20.80
C THR B 168 -10.62 -14.90 22.05
N ILE B 169 -10.11 -13.67 21.88
CA ILE B 169 -9.71 -12.87 23.04
C ILE B 169 -10.90 -12.43 23.91
N MET B 170 -11.97 -11.97 23.27
CA MET B 170 -13.15 -11.53 24.00
C MET B 170 -13.79 -12.65 24.83
N SER B 171 -13.96 -13.81 24.18
CA SER B 171 -14.54 -14.97 24.83
C SER B 171 -13.77 -15.42 26.06
N ALA B 172 -12.47 -15.65 25.88
CA ALA B 172 -11.60 -16.09 26.97
C ALA B 172 -11.57 -15.07 28.09
N ALA B 173 -11.57 -13.79 27.73
CA ALA B 173 -11.54 -12.71 28.72
C ALA B 173 -12.71 -12.66 29.71
N THR B 174 -13.84 -13.24 29.35
CA THR B 174 -15.02 -13.19 30.23
C THR B 174 -14.83 -13.94 31.55
N LEU B 175 -13.94 -14.93 31.53
CA LEU B 175 -13.64 -15.74 32.71
C LEU B 175 -12.30 -15.40 33.38
N ALA B 176 -11.62 -14.39 32.86
CA ALA B 176 -10.34 -13.99 33.42
C ALA B 176 -10.54 -13.13 34.65
N GLU B 177 -9.46 -12.97 35.43
CA GLU B 177 -9.49 -12.13 36.62
C GLU B 177 -9.11 -10.71 36.21
N GLY B 178 -9.98 -9.75 36.53
CA GLY B 178 -9.68 -8.39 36.18
C GLY B 178 -10.27 -7.96 34.85
N THR B 179 -9.82 -6.81 34.38
CA THR B 179 -10.30 -6.23 33.16
C THR B 179 -9.39 -6.41 31.96
N THR B 180 -10.00 -6.67 30.81
CA THR B 180 -9.28 -6.84 29.56
C THR B 180 -9.76 -5.76 28.60
N ILE B 181 -8.82 -5.13 27.89
CA ILE B 181 -9.19 -4.11 26.90
C ILE B 181 -8.61 -4.53 25.56
N ILE B 182 -9.48 -4.59 24.55
CA ILE B 182 -9.03 -4.95 23.22
C ILE B 182 -9.02 -3.72 22.31
N GLU B 183 -7.83 -3.21 22.04
CA GLU B 183 -7.67 -2.06 21.15
C GLU B 183 -7.62 -2.52 19.70
N ASN B 184 -8.34 -1.85 18.82
CA ASN B 184 -8.40 -2.23 17.41
C ASN B 184 -9.23 -3.50 17.18
N ALA B 185 -10.30 -3.64 17.94
CA ALA B 185 -11.18 -4.80 17.83
C ALA B 185 -11.98 -4.76 16.55
N ALA B 186 -12.30 -5.94 16.01
CA ALA B 186 -13.10 -6.02 14.80
C ALA B 186 -14.48 -5.41 15.12
N ARG B 187 -15.03 -4.65 14.18
CA ARG B 187 -16.32 -3.98 14.35
C ARG B 187 -17.58 -4.71 13.86
N GLU B 188 -17.37 -5.79 13.11
CA GLU B 188 -18.47 -6.60 12.57
C GLU B 188 -19.73 -6.81 13.42
N PRO B 189 -20.90 -6.79 12.78
CA PRO B 189 -22.16 -7.00 13.51
C PRO B 189 -22.08 -8.38 14.19
N GLU B 190 -21.30 -9.27 13.59
CA GLU B 190 -21.11 -10.62 14.14
C GLU B 190 -20.42 -10.62 15.49
N ILE B 191 -19.51 -9.66 15.66
CA ILE B 191 -18.76 -9.47 16.89
C ILE B 191 -19.73 -8.98 17.96
N VAL B 192 -20.57 -8.00 17.59
CA VAL B 192 -21.56 -7.42 18.50
C VAL B 192 -22.47 -8.54 19.02
N ASP B 193 -22.97 -9.34 18.10
CA ASP B 193 -23.84 -10.47 18.42
C ASP B 193 -23.20 -11.45 19.40
N THR B 194 -21.94 -11.81 19.14
CA THR B 194 -21.22 -12.72 20.01
C THR B 194 -21.05 -12.09 21.38
N ALA B 195 -20.76 -10.79 21.40
CA ALA B 195 -20.61 -10.06 22.67
C ALA B 195 -21.94 -10.10 23.42
N ASN B 196 -23.03 -9.88 22.69
CA ASN B 196 -24.37 -9.89 23.27
C ASN B 196 -24.73 -11.24 23.88
N PHE B 197 -24.34 -12.30 23.18
CA PHE B 197 -24.56 -13.67 23.65
C PHE B 197 -23.83 -13.86 24.98
N LEU B 198 -22.57 -13.45 24.99
CA LEU B 198 -21.76 -13.55 26.19
C LEU B 198 -22.39 -12.82 27.37
N VAL B 199 -22.89 -11.61 27.10
CA VAL B 199 -23.54 -10.80 28.12
C VAL B 199 -24.80 -11.53 28.60
N ALA B 200 -25.51 -12.16 27.68
CA ALA B 200 -26.74 -12.87 28.06
C ALA B 200 -26.43 -14.00 29.04
N LEU B 201 -25.19 -14.49 29.03
CA LEU B 201 -24.77 -15.57 29.91
C LEU B 201 -24.29 -15.11 31.30
N GLY B 202 -24.08 -13.80 31.44
CA GLY B 202 -23.61 -13.24 32.69
C GLY B 202 -22.27 -12.54 32.53
N ALA B 203 -21.81 -12.38 31.29
CA ALA B 203 -20.53 -11.70 31.06
C ALA B 203 -20.69 -10.18 31.10
N LYS B 204 -19.60 -9.51 31.46
CA LYS B 204 -19.55 -8.05 31.54
C LYS B 204 -18.75 -7.53 30.34
N ILE B 205 -19.45 -7.11 29.28
CA ILE B 205 -18.80 -6.61 28.08
C ILE B 205 -19.39 -5.31 27.59
N SER B 206 -18.50 -4.42 27.12
CA SER B 206 -18.92 -3.13 26.58
C SER B 206 -17.98 -2.67 25.47
N GLY B 207 -18.45 -1.77 24.62
CA GLY B 207 -17.63 -1.26 23.54
C GLY B 207 -17.79 -2.08 22.28
N GLN B 208 -18.57 -3.16 22.35
CA GLN B 208 -18.79 -3.98 21.15
C GLN B 208 -19.34 -3.16 20.00
N GLY B 209 -18.72 -3.29 18.83
CA GLY B 209 -19.15 -2.53 17.67
C GLY B 209 -18.21 -1.36 17.43
N THR B 210 -17.40 -1.03 18.43
CA THR B 210 -16.45 0.08 18.31
C THR B 210 -15.04 -0.46 18.19
N ASP B 211 -14.06 0.46 18.10
CA ASP B 211 -12.65 0.07 17.99
C ASP B 211 -12.05 -0.42 19.29
N ARG B 212 -12.82 -0.33 20.36
CA ARG B 212 -12.33 -0.68 21.68
C ARG B 212 -13.30 -1.49 22.53
N ILE B 213 -12.95 -2.73 22.83
CA ILE B 213 -13.78 -3.58 23.65
C ILE B 213 -13.20 -3.77 25.05
N THR B 214 -14.03 -3.60 26.06
CA THR B 214 -13.59 -3.77 27.43
C THR B 214 -14.39 -4.89 28.07
N ILE B 215 -13.67 -5.82 28.69
CA ILE B 215 -14.29 -6.96 29.34
C ILE B 215 -13.88 -7.01 30.81
N GLU B 216 -14.85 -7.27 31.67
CA GLU B 216 -14.60 -7.41 33.10
C GLU B 216 -14.89 -8.89 33.42
N GLY B 217 -13.85 -9.63 33.78
CA GLY B 217 -14.01 -11.04 34.07
C GLY B 217 -14.95 -11.38 35.21
N VAL B 218 -15.63 -12.51 35.09
CA VAL B 218 -16.55 -13.00 36.12
C VAL B 218 -16.22 -14.47 36.39
N GLU B 219 -16.68 -14.96 37.54
CA GLU B 219 -16.44 -16.34 37.94
C GLU B 219 -17.03 -17.42 37.05
N ARG B 220 -18.27 -17.22 36.63
CA ARG B 220 -18.94 -18.22 35.80
C ARG B 220 -20.01 -17.66 34.88
N LEU B 221 -20.29 -18.43 33.84
CA LEU B 221 -21.32 -18.09 32.88
C LEU B 221 -22.45 -19.11 33.03
N GLY B 222 -23.69 -18.61 33.08
CA GLY B 222 -24.83 -19.50 33.23
C GLY B 222 -25.29 -20.09 31.91
N GLY B 223 -26.60 -20.12 31.71
CA GLY B 223 -27.16 -20.65 30.48
C GLY B 223 -28.27 -19.73 30.01
N GLY B 224 -29.16 -20.24 29.18
CA GLY B 224 -30.25 -19.40 28.71
C GLY B 224 -30.65 -19.61 27.27
N VAL B 225 -31.38 -18.63 26.73
CA VAL B 225 -31.84 -18.68 25.36
C VAL B 225 -31.28 -17.48 24.60
N TYR B 226 -30.77 -17.74 23.40
CA TYR B 226 -30.20 -16.69 22.57
C TYR B 226 -30.52 -16.81 21.10
N ARG B 227 -30.98 -15.72 20.50
CA ARG B 227 -31.31 -15.73 19.08
C ARG B 227 -30.20 -15.14 18.20
N VAL B 228 -29.62 -15.98 17.34
CA VAL B 228 -28.55 -15.56 16.44
C VAL B 228 -29.06 -14.48 15.47
N LEU B 229 -28.26 -13.46 15.23
CA LEU B 229 -28.67 -12.39 14.33
C LEU B 229 -28.90 -12.75 12.87
N PRO B 230 -29.73 -11.97 12.18
CA PRO B 230 -30.07 -12.17 10.77
C PRO B 230 -28.85 -12.09 9.86
N ASP B 231 -28.86 -12.90 8.81
CA ASP B 231 -27.76 -12.93 7.84
C ASP B 231 -27.78 -11.67 6.96
N ARG B 232 -26.90 -10.72 7.29
CA ARG B 232 -26.80 -9.46 6.57
C ARG B 232 -26.49 -9.55 5.09
N ILE B 233 -25.60 -10.46 4.74
CA ILE B 233 -25.23 -10.64 3.35
C ILE B 233 -26.31 -11.36 2.59
N GLU B 234 -27.01 -12.28 3.26
CA GLU B 234 -28.10 -12.98 2.60
C GLU B 234 -29.22 -11.99 2.28
N THR B 235 -29.48 -11.11 3.24
CA THR B 235 -30.49 -10.08 3.11
C THR B 235 -30.18 -9.22 1.89
N GLY B 236 -28.91 -8.83 1.80
CA GLY B 236 -28.48 -8.01 0.67
C GLY B 236 -28.65 -8.72 -0.65
N THR B 237 -28.35 -10.02 -0.69
CA THR B 237 -28.49 -10.78 -1.93
C THR B 237 -29.96 -10.81 -2.39
N PHE B 238 -30.88 -10.95 -1.44
CA PHE B 238 -32.31 -10.97 -1.79
C PHE B 238 -32.81 -9.60 -2.23
N LEU B 239 -32.36 -8.56 -1.53
CA LEU B 239 -32.73 -7.20 -1.89
C LEU B 239 -32.32 -6.91 -3.33
N VAL B 240 -31.09 -7.30 -3.69
CA VAL B 240 -30.61 -7.10 -5.04
C VAL B 240 -31.43 -7.88 -6.06
N ALA B 241 -31.87 -9.07 -5.67
CA ALA B 241 -32.66 -9.91 -6.57
C ALA B 241 -33.89 -9.14 -7.07
N ALA B 242 -34.53 -8.41 -6.16
CA ALA B 242 -35.70 -7.61 -6.53
C ALA B 242 -35.28 -6.35 -7.29
N ALA B 243 -34.21 -5.72 -6.82
CA ALA B 243 -33.70 -4.49 -7.43
C ALA B 243 -33.28 -4.66 -8.88
N ILE B 244 -32.84 -5.86 -9.25
CA ILE B 244 -32.41 -6.06 -10.62
C ILE B 244 -33.51 -6.66 -11.50
N SER B 245 -34.65 -6.96 -10.89
CA SER B 245 -35.75 -7.58 -11.62
C SER B 245 -37.04 -6.78 -11.76
N GLY B 246 -37.00 -5.51 -11.35
CA GLY B 246 -38.17 -4.65 -11.44
C GLY B 246 -39.18 -5.09 -10.42
N GLY B 247 -38.72 -5.93 -9.49
CA GLY B 247 -39.61 -6.46 -8.48
C GLY B 247 -39.80 -5.69 -7.19
N LYS B 248 -40.58 -6.32 -6.32
CA LYS B 248 -40.93 -5.79 -5.01
C LYS B 248 -40.74 -6.96 -4.04
N ILE B 249 -40.02 -6.75 -2.96
CA ILE B 249 -39.80 -7.83 -2.00
C ILE B 249 -39.79 -7.35 -0.57
N VAL B 250 -40.21 -8.22 0.33
CA VAL B 250 -40.19 -7.91 1.75
C VAL B 250 -39.30 -8.96 2.42
N CYS B 251 -38.26 -8.49 3.10
CA CYS B 251 -37.34 -9.37 3.82
C CYS B 251 -37.76 -9.52 5.28
N ARG B 252 -38.21 -10.72 5.65
CA ARG B 252 -38.65 -10.99 7.02
C ARG B 252 -37.50 -11.46 7.90
N ASN B 253 -37.65 -11.34 9.22
CA ASN B 253 -36.59 -11.77 10.12
C ASN B 253 -35.25 -11.09 9.80
N ALA B 254 -35.33 -9.81 9.45
CA ALA B 254 -34.15 -9.03 9.07
C ALA B 254 -33.73 -8.05 10.17
N GLN B 255 -32.56 -7.45 9.98
CA GLN B 255 -32.01 -6.47 10.92
C GLN B 255 -31.43 -5.26 10.19
N PRO B 256 -32.30 -4.32 9.77
CA PRO B 256 -31.95 -3.09 9.05
C PRO B 256 -30.63 -2.41 9.48
N ASP B 257 -30.44 -2.26 10.78
CA ASP B 257 -29.24 -1.58 11.27
C ASP B 257 -27.87 -2.16 10.92
N THR B 258 -27.86 -3.36 10.35
CA THR B 258 -26.61 -4.01 9.96
C THR B 258 -26.39 -3.76 8.48
N LEU B 259 -27.37 -3.10 7.86
CA LEU B 259 -27.34 -2.81 6.42
C LEU B 259 -27.31 -1.36 5.97
N ASP B 260 -26.99 -0.44 6.87
CA ASP B 260 -26.95 0.98 6.51
C ASP B 260 -26.43 1.35 5.12
N ALA B 261 -25.20 0.92 4.84
CA ALA B 261 -24.55 1.24 3.57
C ALA B 261 -25.23 0.60 2.38
N VAL B 262 -25.63 -0.66 2.52
CA VAL B 262 -26.28 -1.36 1.43
C VAL B 262 -27.63 -0.71 1.10
N LEU B 263 -28.38 -0.35 2.14
CA LEU B 263 -29.67 0.30 1.93
C LEU B 263 -29.50 1.64 1.19
N ALA B 264 -28.55 2.44 1.64
CA ALA B 264 -28.29 3.73 1.01
C ALA B 264 -27.88 3.53 -0.46
N LYS B 265 -27.08 2.49 -0.71
CA LYS B 265 -26.66 2.20 -2.08
C LYS B 265 -27.85 1.81 -2.97
N LEU B 266 -28.76 1.04 -2.41
CA LEU B 266 -29.95 0.60 -3.12
C LEU B 266 -30.85 1.79 -3.46
N ARG B 267 -30.87 2.76 -2.55
CA ARG B 267 -31.64 3.97 -2.77
C ARG B 267 -31.07 4.72 -3.97
N GLU B 268 -29.74 4.78 -4.03
CA GLU B 268 -29.06 5.46 -5.13
C GLU B 268 -29.37 4.80 -6.46
N ALA B 269 -29.70 3.51 -6.42
CA ALA B 269 -30.02 2.76 -7.62
C ALA B 269 -31.47 3.00 -8.07
N GLY B 270 -32.17 3.84 -7.31
CA GLY B 270 -33.54 4.19 -7.63
C GLY B 270 -34.55 3.30 -6.96
N ALA B 271 -34.15 2.58 -5.91
CA ALA B 271 -35.07 1.70 -5.21
C ALA B 271 -35.87 2.41 -4.12
N ASP B 272 -37.11 1.96 -3.95
CA ASP B 272 -38.03 2.47 -2.93
C ASP B 272 -37.96 1.53 -1.73
N ILE B 273 -37.37 2.02 -0.64
CA ILE B 273 -37.18 1.19 0.54
C ILE B 273 -37.87 1.67 1.81
N GLU B 274 -38.34 0.70 2.57
CA GLU B 274 -38.99 0.93 3.85
C GLU B 274 -38.39 -0.07 4.83
N THR B 275 -38.33 0.28 6.11
CA THR B 275 -37.80 -0.64 7.09
C THR B 275 -38.64 -0.60 8.35
N GLY B 276 -38.67 -1.72 9.05
CA GLY B 276 -39.40 -1.80 10.30
C GLY B 276 -38.40 -2.35 11.29
N GLU B 277 -38.87 -2.81 12.44
CA GLU B 277 -37.95 -3.36 13.44
C GLU B 277 -37.31 -4.69 13.06
N ASP B 278 -37.99 -5.47 12.23
CA ASP B 278 -37.50 -6.78 11.84
C ASP B 278 -37.70 -7.12 10.37
N TRP B 279 -37.94 -6.10 9.57
CA TRP B 279 -38.18 -6.32 8.15
C TRP B 279 -37.64 -5.18 7.29
N ILE B 280 -37.51 -5.46 6.00
CA ILE B 280 -37.06 -4.47 5.03
C ILE B 280 -37.84 -4.72 3.76
N SER B 281 -38.36 -3.64 3.18
CA SER B 281 -39.10 -3.73 1.95
C SER B 281 -38.45 -2.98 0.81
N LEU B 282 -38.36 -3.63 -0.33
CA LEU B 282 -37.78 -3.00 -1.52
C LEU B 282 -38.76 -3.03 -2.69
N ASP B 283 -38.93 -1.90 -3.35
CA ASP B 283 -39.84 -1.81 -4.48
C ASP B 283 -39.26 -1.06 -5.67
N MET B 284 -39.09 -1.77 -6.78
CA MET B 284 -38.57 -1.18 -8.00
C MET B 284 -39.63 -0.51 -8.88
N HIS B 285 -40.89 -0.77 -8.58
CA HIS B 285 -41.98 -0.20 -9.38
C HIS B 285 -41.86 -0.55 -10.85
N GLY B 286 -41.43 -1.78 -11.11
CA GLY B 286 -41.28 -2.23 -12.48
C GLY B 286 -40.13 -1.55 -13.17
N LYS B 287 -39.36 -0.79 -12.40
CA LYS B 287 -38.23 -0.07 -12.95
C LYS B 287 -36.86 -0.76 -13.03
N ARG B 288 -36.10 -0.37 -14.04
CA ARG B 288 -34.75 -0.87 -14.25
C ARG B 288 -33.85 -0.15 -13.23
N PRO B 289 -32.80 -0.81 -12.73
CA PRO B 289 -31.97 -0.09 -11.77
C PRO B 289 -31.12 0.99 -12.39
N LYS B 290 -30.80 2.01 -11.60
CA LYS B 290 -29.94 3.10 -12.05
C LYS B 290 -28.50 2.75 -11.64
N ALA B 291 -27.54 2.93 -12.56
CA ALA B 291 -26.15 2.60 -12.27
C ALA B 291 -25.63 3.38 -11.05
N VAL B 292 -24.82 2.70 -10.23
CA VAL B 292 -24.24 3.33 -9.02
C VAL B 292 -22.72 3.21 -8.93
N THR B 293 -22.14 4.04 -8.07
CA THR B 293 -20.69 4.04 -7.83
C THR B 293 -20.49 3.44 -6.45
N VAL B 294 -19.68 2.37 -6.36
CA VAL B 294 -19.46 1.73 -5.08
C VAL B 294 -17.98 1.65 -4.70
N ARG B 295 -17.72 1.85 -3.41
CA ARG B 295 -16.37 1.77 -2.84
C ARG B 295 -16.47 0.84 -1.63
N THR B 296 -15.90 -0.35 -1.71
CA THR B 296 -15.98 -1.25 -0.57
C THR B 296 -14.96 -0.79 0.46
N ALA B 297 -15.29 -0.95 1.74
CA ALA B 297 -14.38 -0.53 2.82
C ALA B 297 -14.82 -1.22 4.11
N PRO B 298 -14.00 -1.10 5.17
CA PRO B 298 -14.31 -1.72 6.48
C PRO B 298 -15.66 -1.31 7.08
N HIS B 299 -16.31 -2.25 7.75
CA HIS B 299 -17.61 -2.01 8.40
C HIS B 299 -17.51 -0.78 9.31
N PRO B 300 -18.55 0.07 9.38
CA PRO B 300 -19.88 0.00 8.74
C PRO B 300 -20.00 0.56 7.33
N ALA B 301 -18.88 0.68 6.61
CA ALA B 301 -18.96 1.19 5.25
C ALA B 301 -19.49 0.06 4.36
N PHE B 302 -19.57 0.29 3.05
CA PHE B 302 -20.03 -0.72 2.10
C PHE B 302 -19.25 -2.05 2.20
N PRO B 303 -19.94 -3.17 2.44
CA PRO B 303 -19.29 -4.49 2.57
C PRO B 303 -18.81 -5.19 1.29
N THR B 304 -17.53 -5.57 1.30
CA THR B 304 -16.94 -6.26 0.14
C THR B 304 -17.79 -7.48 -0.21
N ASP B 305 -18.38 -8.12 0.80
CA ASP B 305 -19.24 -9.29 0.55
C ASP B 305 -20.50 -9.06 -0.30
N MET B 306 -20.76 -7.78 -0.60
CA MET B 306 -21.89 -7.38 -1.43
C MET B 306 -21.39 -6.95 -2.81
N GLN B 307 -20.08 -7.05 -3.02
CA GLN B 307 -19.50 -6.69 -4.30
C GLN B 307 -20.04 -7.32 -5.57
N ALA B 308 -20.00 -8.66 -5.62
CA ALA B 308 -20.47 -9.37 -6.80
C ALA B 308 -21.94 -9.05 -7.07
N GLN B 309 -22.73 -8.97 -6.01
CA GLN B 309 -24.15 -8.64 -6.16
C GLN B 309 -24.32 -7.29 -6.85
N PHE B 310 -23.61 -6.28 -6.35
CA PHE B 310 -23.67 -4.95 -6.92
C PHE B 310 -23.13 -4.79 -8.33
N THR B 311 -22.13 -5.60 -8.65
CA THR B 311 -21.52 -5.58 -9.97
C THR B 311 -22.62 -6.03 -10.95
N LEU B 312 -23.32 -7.10 -10.58
CA LEU B 312 -24.40 -7.61 -11.41
C LEU B 312 -25.42 -6.50 -11.64
N LEU B 313 -25.84 -5.87 -10.55
CA LEU B 313 -26.79 -4.78 -10.59
C LEU B 313 -26.40 -3.72 -11.62
N ASN B 314 -25.14 -3.27 -11.54
CA ASN B 314 -24.62 -2.30 -12.48
C ASN B 314 -24.69 -2.83 -13.91
N LEU B 315 -24.39 -4.12 -14.06
CA LEU B 315 -24.37 -4.76 -15.37
C LEU B 315 -25.67 -4.76 -16.15
N VAL B 316 -26.79 -4.62 -15.44
CA VAL B 316 -28.09 -4.59 -16.08
C VAL B 316 -28.80 -3.28 -15.77
N ALA B 317 -28.05 -2.29 -15.31
CA ALA B 317 -28.63 -1.01 -14.96
C ALA B 317 -28.53 0.03 -16.06
N GLU B 318 -29.20 1.16 -15.84
CA GLU B 318 -29.17 2.27 -16.78
C GLU B 318 -27.89 3.09 -16.57
N GLY B 319 -27.05 3.13 -17.60
CA GLY B 319 -25.81 3.91 -17.50
C GLY B 319 -24.57 3.14 -17.10
N THR B 320 -23.52 3.89 -16.75
CA THR B 320 -22.24 3.31 -16.35
C THR B 320 -21.97 3.50 -14.86
N GLY B 321 -21.36 2.49 -14.24
CA GLY B 321 -21.05 2.54 -12.83
C GLY B 321 -19.73 1.83 -12.54
N VAL B 322 -18.96 2.39 -11.62
CA VAL B 322 -17.67 1.81 -11.26
C VAL B 322 -17.65 1.24 -9.84
N ILE B 323 -17.19 0.00 -9.72
CA ILE B 323 -17.10 -0.68 -8.44
C ILE B 323 -15.63 -0.74 -8.05
N THR B 324 -15.29 -0.17 -6.88
CA THR B 324 -13.91 -0.15 -6.43
C THR B 324 -13.70 -0.91 -5.12
N GLU B 325 -12.71 -1.82 -5.12
CA GLU B 325 -12.33 -2.59 -3.93
C GLU B 325 -11.15 -1.83 -3.30
N THR B 326 -11.39 -1.14 -2.20
CA THR B 326 -10.32 -0.35 -1.57
C THR B 326 -9.35 -1.13 -0.70
N ILE B 327 -9.77 -2.27 -0.18
CA ILE B 327 -8.89 -3.09 0.65
C ILE B 327 -8.44 -4.35 -0.04
N PHE B 328 -9.39 -5.17 -0.48
CA PHE B 328 -9.10 -6.43 -1.15
C PHE B 328 -8.78 -6.40 -2.64
N GLU B 329 -7.82 -7.23 -3.03
CA GLU B 329 -7.43 -7.29 -4.44
C GLU B 329 -7.84 -8.57 -5.13
N ASN B 330 -7.91 -8.53 -6.45
CA ASN B 330 -8.28 -9.73 -7.21
C ASN B 330 -9.66 -10.27 -6.84
N ARG B 331 -10.62 -9.37 -6.71
CA ARG B 331 -11.99 -9.73 -6.35
C ARG B 331 -12.96 -9.80 -7.54
N PHE B 332 -12.42 -9.75 -8.75
CA PHE B 332 -13.24 -9.76 -9.94
C PHE B 332 -13.18 -10.96 -10.87
N MET B 333 -12.63 -12.07 -10.38
CA MET B 333 -12.51 -13.27 -11.21
C MET B 333 -13.75 -13.80 -11.93
N HIS B 334 -14.92 -13.53 -11.35
CA HIS B 334 -16.21 -13.97 -11.89
C HIS B 334 -16.75 -13.15 -13.06
N VAL B 335 -16.30 -11.90 -13.16
CA VAL B 335 -16.75 -10.99 -14.21
C VAL B 335 -16.84 -11.64 -15.60
N PRO B 336 -15.77 -12.32 -16.04
CA PRO B 336 -15.78 -12.97 -17.37
C PRO B 336 -17.03 -13.79 -17.63
N GLU B 337 -17.54 -14.45 -16.59
CA GLU B 337 -18.74 -15.27 -16.71
C GLU B 337 -19.93 -14.41 -17.14
N LEU B 338 -20.03 -13.23 -16.54
CA LEU B 338 -21.07 -12.28 -16.87
C LEU B 338 -20.96 -11.77 -18.31
N ILE B 339 -19.74 -11.49 -18.74
CA ILE B 339 -19.49 -11.02 -20.10
C ILE B 339 -20.06 -12.08 -21.05
N ARG B 340 -19.89 -13.35 -20.66
CA ARG B 340 -20.39 -14.45 -21.48
C ARG B 340 -21.91 -14.42 -21.59
N MET B 341 -22.55 -13.77 -20.62
CA MET B 341 -24.01 -13.63 -20.60
C MET B 341 -24.47 -12.36 -21.30
N GLY B 342 -23.51 -11.67 -21.93
CA GLY B 342 -23.81 -10.45 -22.66
C GLY B 342 -23.53 -9.17 -21.89
N ALA B 343 -22.77 -9.25 -20.80
CA ALA B 343 -22.46 -8.07 -20.00
C ALA B 343 -21.29 -7.27 -20.57
N HIS B 344 -21.32 -5.96 -20.35
CA HIS B 344 -20.27 -5.06 -20.81
C HIS B 344 -19.46 -4.50 -19.64
N ALA B 345 -18.22 -4.96 -19.49
CA ALA B 345 -17.42 -4.46 -18.39
C ALA B 345 -15.92 -4.44 -18.65
N GLU B 346 -15.23 -3.56 -17.93
CA GLU B 346 -13.78 -3.45 -18.02
C GLU B 346 -13.14 -3.56 -16.64
N ILE B 347 -12.18 -4.46 -16.52
CA ILE B 347 -11.49 -4.65 -15.24
C ILE B 347 -10.19 -3.88 -15.27
N GLU B 348 -10.10 -2.86 -14.42
CA GLU B 348 -8.90 -2.05 -14.35
C GLU B 348 -8.39 -1.91 -12.92
N SER B 349 -7.21 -2.45 -12.66
CA SER B 349 -6.65 -2.37 -11.32
C SER B 349 -7.63 -2.91 -10.29
N ASN B 350 -7.93 -2.11 -9.26
CA ASN B 350 -8.85 -2.52 -8.21
C ASN B 350 -10.32 -2.14 -8.48
N THR B 351 -10.67 -2.01 -9.75
CA THR B 351 -12.05 -1.66 -10.10
C THR B 351 -12.60 -2.43 -11.28
N VAL B 352 -13.90 -2.28 -11.49
CA VAL B 352 -14.60 -2.89 -12.62
C VAL B 352 -15.52 -1.81 -13.16
N ILE B 353 -15.32 -1.47 -14.42
CA ILE B 353 -16.13 -0.45 -15.07
C ILE B 353 -17.36 -1.17 -15.65
N CYS B 354 -18.53 -0.80 -15.17
CA CYS B 354 -19.76 -1.41 -15.62
C CYS B 354 -20.57 -0.59 -16.61
N HIS B 355 -20.86 -1.17 -17.77
CA HIS B 355 -21.66 -0.51 -18.80
C HIS B 355 -22.94 -1.31 -18.92
N GLY B 356 -23.97 -0.86 -18.20
CA GLY B 356 -25.24 -1.56 -18.17
C GLY B 356 -25.89 -1.90 -19.51
N VAL B 357 -26.45 -3.10 -19.59
CA VAL B 357 -27.13 -3.54 -20.81
C VAL B 357 -28.59 -3.85 -20.44
N GLU B 358 -29.46 -3.76 -21.43
CA GLU B 358 -30.89 -3.99 -21.25
C GLU B 358 -31.29 -5.37 -20.72
N LYS B 359 -30.69 -6.40 -21.27
CA LYS B 359 -31.00 -7.78 -20.90
C LYS B 359 -29.87 -8.79 -21.06
N LEU B 360 -29.80 -9.74 -20.13
CA LEU B 360 -28.79 -10.79 -20.16
C LEU B 360 -29.27 -12.01 -20.95
N SER B 361 -28.31 -12.83 -21.38
CA SER B 361 -28.63 -14.06 -22.12
C SER B 361 -28.12 -15.32 -21.45
N GLY B 362 -29.04 -16.26 -21.24
CA GLY B 362 -28.68 -17.53 -20.60
C GLY B 362 -27.38 -18.14 -21.09
N ALA B 363 -26.78 -18.98 -20.25
CA ALA B 363 -25.53 -19.64 -20.61
C ALA B 363 -25.03 -20.54 -19.49
N GLN B 364 -23.97 -21.29 -19.79
CA GLN B 364 -23.35 -22.20 -18.83
C GLN B 364 -22.27 -21.46 -18.05
N VAL B 365 -22.49 -21.28 -16.75
CA VAL B 365 -21.54 -20.52 -15.93
C VAL B 365 -21.08 -21.19 -14.64
N MET B 366 -19.99 -20.66 -14.09
CA MET B 366 -19.42 -21.18 -12.85
C MET B 366 -18.48 -20.22 -12.13
N ALA B 367 -18.61 -20.16 -10.81
CA ALA B 367 -17.74 -19.32 -9.99
C ALA B 367 -17.50 -20.08 -8.69
N THR B 368 -16.27 -20.06 -8.18
CA THR B 368 -15.95 -20.77 -6.94
C THR B 368 -16.34 -19.97 -5.70
N ASP B 369 -16.26 -18.64 -5.78
CA ASP B 369 -16.65 -17.79 -4.67
C ASP B 369 -18.17 -17.82 -4.44
N LEU B 370 -18.61 -18.07 -3.20
CA LEU B 370 -20.03 -18.14 -2.91
C LEU B 370 -20.90 -16.95 -3.33
N ARG B 371 -20.40 -15.75 -3.07
CA ARG B 371 -21.14 -14.54 -3.43
C ARG B 371 -21.23 -14.41 -4.94
N ALA B 372 -20.09 -14.61 -5.60
CA ALA B 372 -20.02 -14.52 -7.06
C ALA B 372 -20.94 -15.58 -7.64
N SER B 373 -20.90 -16.77 -7.06
CA SER B 373 -21.73 -17.88 -7.52
C SER B 373 -23.21 -17.55 -7.43
N ALA B 374 -23.63 -17.14 -6.24
CA ALA B 374 -25.01 -16.77 -6.01
C ALA B 374 -25.42 -15.68 -7.00
N SER B 375 -24.47 -14.81 -7.34
CA SER B 375 -24.76 -13.73 -8.29
C SER B 375 -25.04 -14.27 -9.70
N LEU B 376 -24.37 -15.37 -10.04
CA LEU B 376 -24.55 -16.02 -11.34
C LEU B 376 -25.95 -16.58 -11.43
N VAL B 377 -26.47 -17.02 -10.29
CA VAL B 377 -27.81 -17.58 -10.21
C VAL B 377 -28.81 -16.45 -10.39
N LEU B 378 -28.56 -15.31 -9.76
CA LEU B 378 -29.45 -14.16 -9.90
C LEU B 378 -29.51 -13.73 -11.36
N ALA B 379 -28.35 -13.74 -12.01
CA ALA B 379 -28.27 -13.38 -13.41
C ALA B 379 -29.13 -14.33 -14.23
N GLY B 380 -29.07 -15.62 -13.89
CA GLY B 380 -29.85 -16.62 -14.61
C GLY B 380 -31.34 -16.30 -14.57
N CYS B 381 -31.81 -15.79 -13.44
CA CYS B 381 -33.20 -15.43 -13.28
C CYS B 381 -33.68 -14.34 -14.24
N ILE B 382 -32.86 -13.32 -14.44
CA ILE B 382 -33.23 -12.18 -15.29
C ILE B 382 -32.74 -12.28 -16.72
N ALA B 383 -31.93 -13.28 -17.01
CA ALA B 383 -31.39 -13.49 -18.35
C ALA B 383 -32.45 -14.13 -19.24
N GLU B 384 -32.29 -13.99 -20.55
CA GLU B 384 -33.23 -14.58 -21.51
C GLU B 384 -32.83 -16.00 -21.89
N GLY B 385 -33.69 -16.96 -21.56
CA GLY B 385 -33.38 -18.33 -21.90
C GLY B 385 -32.97 -19.16 -20.70
N THR B 386 -32.17 -20.19 -20.97
CA THR B 386 -31.71 -21.10 -19.94
C THR B 386 -30.28 -20.86 -19.48
N THR B 387 -30.09 -20.82 -18.17
CA THR B 387 -28.77 -20.63 -17.58
C THR B 387 -28.46 -21.81 -16.67
N VAL B 388 -27.25 -22.33 -16.76
CA VAL B 388 -26.86 -23.44 -15.90
C VAL B 388 -25.67 -23.03 -15.05
N VAL B 389 -25.86 -23.01 -13.74
CA VAL B 389 -24.78 -22.64 -12.82
C VAL B 389 -24.18 -23.92 -12.26
N ASP B 390 -22.93 -24.17 -12.59
CA ASP B 390 -22.22 -25.37 -12.14
C ASP B 390 -21.63 -25.30 -10.74
N ARG B 391 -21.39 -26.47 -10.16
CA ARG B 391 -20.82 -26.54 -8.81
C ARG B 391 -21.37 -25.60 -7.76
N ILE B 392 -22.68 -25.71 -7.57
CA ILE B 392 -23.37 -24.87 -6.62
C ILE B 392 -23.12 -25.24 -5.16
N TYR B 393 -22.33 -26.28 -4.93
CA TYR B 393 -22.03 -26.67 -3.56
C TYR B 393 -21.43 -25.49 -2.80
N HIS B 394 -20.69 -24.66 -3.53
CA HIS B 394 -20.09 -23.46 -2.94
C HIS B 394 -21.20 -22.62 -2.31
N ILE B 395 -22.28 -22.44 -3.05
CA ILE B 395 -23.43 -21.68 -2.56
C ILE B 395 -24.03 -22.36 -1.34
N ASP B 396 -24.19 -23.68 -1.41
CA ASP B 396 -24.73 -24.47 -0.30
C ASP B 396 -24.06 -24.22 1.05
N ARG B 397 -22.77 -23.95 1.00
CA ARG B 397 -21.95 -23.68 2.18
C ARG B 397 -22.43 -22.49 3.01
N GLY B 398 -22.87 -21.44 2.33
CA GLY B 398 -23.31 -20.24 3.02
C GLY B 398 -24.76 -19.87 2.81
N TYR B 399 -25.43 -20.56 1.89
CA TYR B 399 -26.84 -20.30 1.61
C TYR B 399 -27.79 -21.42 2.02
N GLU B 400 -28.76 -21.08 2.87
CA GLU B 400 -29.76 -22.04 3.32
C GLU B 400 -30.86 -22.20 2.25
N ARG B 401 -30.87 -23.36 1.58
CA ARG B 401 -31.85 -23.62 0.52
C ARG B 401 -32.23 -22.44 -0.36
N ILE B 402 -31.23 -21.83 -0.98
CA ILE B 402 -31.47 -20.68 -1.83
C ILE B 402 -32.48 -20.97 -2.96
N GLU B 403 -32.48 -22.20 -3.48
CA GLU B 403 -33.43 -22.53 -4.54
C GLU B 403 -34.90 -22.38 -4.16
N ASP B 404 -35.26 -22.86 -2.98
CA ASP B 404 -36.63 -22.73 -2.51
C ASP B 404 -37.02 -21.27 -2.33
N LYS B 405 -36.10 -20.51 -1.74
CA LYS B 405 -36.32 -19.08 -1.53
C LYS B 405 -36.55 -18.37 -2.85
N LEU B 406 -35.67 -18.63 -3.82
CA LEU B 406 -35.80 -18.05 -5.14
C LEU B 406 -37.13 -18.47 -5.80
N ARG B 407 -37.46 -19.74 -5.65
CA ARG B 407 -38.70 -20.26 -6.21
C ARG B 407 -39.94 -19.59 -5.62
N ALA B 408 -39.92 -19.40 -4.31
CA ALA B 408 -41.03 -18.76 -3.62
C ALA B 408 -41.11 -17.30 -4.08
N LEU B 409 -40.07 -16.86 -4.78
CA LEU B 409 -40.00 -15.50 -5.31
C LEU B 409 -40.42 -15.42 -6.77
N GLY B 410 -40.73 -16.57 -7.35
CA GLY B 410 -41.14 -16.61 -8.74
C GLY B 410 -40.11 -17.15 -9.71
N ALA B 411 -38.94 -17.51 -9.21
CA ALA B 411 -37.88 -18.00 -10.07
C ALA B 411 -38.17 -19.38 -10.69
N ASN B 412 -37.70 -19.57 -11.91
CA ASN B 412 -37.85 -20.83 -12.62
C ASN B 412 -36.52 -21.55 -12.43
N ILE B 413 -36.36 -22.18 -11.28
CA ILE B 413 -35.11 -22.84 -10.96
C ILE B 413 -35.23 -24.32 -10.57
N GLU B 414 -34.23 -25.08 -10.99
CA GLU B 414 -34.21 -26.51 -10.70
C GLU B 414 -32.86 -27.10 -10.30
N ARG B 415 -32.82 -27.75 -9.14
CA ARG B 415 -31.59 -28.38 -8.67
C ARG B 415 -31.30 -29.68 -9.44
N VAL B 416 -30.52 -29.56 -10.50
CA VAL B 416 -30.17 -30.72 -11.31
C VAL B 416 -29.04 -31.51 -10.66
N LYS B 417 -29.39 -32.67 -10.10
CA LYS B 417 -28.42 -33.53 -9.44
C LYS B 417 -27.38 -34.20 -10.34
N GLY B 418 -27.82 -34.63 -11.53
CA GLY B 418 -26.92 -35.28 -12.47
C GLY B 418 -26.16 -36.40 -11.81
N GLU B 419 -26.81 -37.57 -11.68
CA GLU B 419 -26.19 -38.73 -11.06
C GLU B 419 -25.11 -39.49 -11.84
N MET C 1 -12.56 -16.84 -35.94
CA MET C 1 -12.04 -16.89 -34.54
C MET C 1 -11.08 -18.07 -34.37
N ASP C 2 -9.83 -17.86 -34.78
CA ASP C 2 -8.79 -18.88 -34.67
C ASP C 2 -8.66 -19.58 -33.32
N LYS C 3 -8.34 -20.87 -33.38
CA LYS C 3 -8.17 -21.69 -32.19
C LYS C 3 -6.98 -22.64 -32.33
N PHE C 4 -6.33 -22.93 -31.21
CA PHE C 4 -5.21 -23.87 -31.19
C PHE C 4 -5.64 -25.23 -30.67
N ARG C 5 -5.55 -26.26 -31.50
CA ARG C 5 -5.87 -27.62 -31.07
C ARG C 5 -4.58 -28.35 -30.76
N VAL C 6 -4.41 -28.71 -29.49
CA VAL C 6 -3.18 -29.38 -29.10
C VAL C 6 -3.40 -30.79 -28.56
N GLN C 7 -2.52 -31.69 -28.98
CA GLN C 7 -2.59 -33.10 -28.57
C GLN C 7 -1.36 -33.47 -27.76
N GLY C 8 -1.57 -33.88 -26.52
CA GLY C 8 -0.45 -34.24 -25.67
C GLY C 8 -0.57 -35.64 -25.07
N PRO C 9 0.41 -36.05 -24.25
CA PRO C 9 1.59 -35.27 -23.88
C PRO C 9 2.76 -35.41 -24.87
N THR C 10 3.49 -34.32 -25.06
CA THR C 10 4.65 -34.32 -25.95
C THR C 10 5.83 -33.65 -25.24
N ARG C 11 7.03 -34.16 -25.50
CA ARG C 11 8.24 -33.59 -24.93
C ARG C 11 8.80 -32.50 -25.82
N LEU C 12 8.89 -31.28 -25.29
CA LEU C 12 9.43 -30.17 -26.05
C LEU C 12 10.94 -30.18 -26.03
N GLN C 13 11.56 -30.45 -27.16
CA GLN C 13 13.01 -30.53 -27.24
C GLN C 13 13.58 -30.15 -28.60
N GLY C 14 14.83 -29.70 -28.61
CA GLY C 14 15.46 -29.33 -29.85
C GLY C 14 15.97 -27.90 -29.86
N GLU C 15 15.68 -27.18 -30.94
CA GLU C 15 16.11 -25.80 -31.09
C GLU C 15 15.05 -24.80 -31.51
N VAL C 16 15.31 -23.54 -31.20
CA VAL C 16 14.42 -22.46 -31.57
C VAL C 16 15.28 -21.20 -31.71
N THR C 17 14.91 -20.36 -32.66
CA THR C 17 15.62 -19.10 -32.90
C THR C 17 14.70 -17.99 -32.41
N ILE C 18 15.20 -17.19 -31.47
CA ILE C 18 14.42 -16.13 -30.89
C ILE C 18 14.27 -14.94 -31.81
N SER C 19 13.06 -14.39 -31.81
CA SER C 19 12.72 -13.20 -32.61
C SER C 19 13.14 -11.92 -31.91
N GLY C 20 13.27 -10.84 -32.68
CA GLY C 20 13.63 -9.57 -32.09
C GLY C 20 12.48 -9.09 -31.21
N ALA C 21 12.80 -8.40 -30.12
CA ALA C 21 11.78 -7.90 -29.20
C ALA C 21 10.86 -6.86 -29.83
N LYS C 22 9.57 -7.13 -29.82
CA LYS C 22 8.58 -6.20 -30.36
C LYS C 22 8.63 -4.86 -29.62
N ASN C 23 8.73 -4.95 -28.29
CA ASN C 23 8.80 -3.80 -27.41
C ASN C 23 10.03 -2.90 -27.51
N ALA C 24 11.02 -3.36 -28.28
CA ALA C 24 12.24 -2.59 -28.51
C ALA C 24 12.17 -2.08 -29.95
N ALA C 25 11.64 -2.90 -30.85
CA ALA C 25 11.52 -2.52 -32.25
C ALA C 25 10.62 -1.30 -32.37
N LEU C 26 9.50 -1.33 -31.65
CA LEU C 26 8.55 -0.23 -31.65
C LEU C 26 9.14 1.15 -31.36
N PRO C 27 9.71 1.32 -30.16
CA PRO C 27 10.27 2.64 -29.84
C PRO C 27 11.43 3.03 -30.78
N ILE C 28 12.17 2.04 -31.26
CA ILE C 28 13.28 2.28 -32.17
C ILE C 28 12.74 2.74 -33.53
N LEU C 29 11.64 2.13 -33.98
CA LEU C 29 11.03 2.51 -35.24
C LEU C 29 10.60 3.97 -35.20
N PHE C 30 9.98 4.36 -34.08
CA PHE C 30 9.55 5.74 -33.89
C PHE C 30 10.73 6.68 -33.79
N ALA C 31 11.76 6.23 -33.09
CA ALA C 31 12.97 7.03 -32.89
C ALA C 31 13.63 7.32 -34.23
N ALA C 32 13.42 6.44 -35.20
CA ALA C 32 14.01 6.62 -36.51
C ALA C 32 13.54 7.94 -37.12
N LEU C 33 12.41 8.46 -36.64
CA LEU C 33 11.90 9.73 -37.14
C LEU C 33 12.91 10.86 -36.95
N LEU C 34 13.86 10.62 -36.05
CA LEU C 34 14.93 11.57 -35.73
C LEU C 34 16.06 11.56 -36.75
N ALA C 35 16.22 10.43 -37.42
CA ALA C 35 17.30 10.23 -38.37
C ALA C 35 17.22 11.02 -39.69
N GLU C 36 18.27 11.77 -39.99
CA GLU C 36 18.36 12.55 -41.22
C GLU C 36 18.86 11.71 -42.39
N GLU C 37 19.53 10.61 -42.06
CA GLU C 37 20.08 9.68 -43.05
C GLU C 37 19.36 8.33 -42.99
N PRO C 38 19.35 7.58 -44.10
CA PRO C 38 18.70 6.27 -44.11
C PRO C 38 19.20 5.36 -42.99
N VAL C 39 18.32 4.50 -42.48
CA VAL C 39 18.71 3.58 -41.42
C VAL C 39 18.13 2.19 -41.63
N GLU C 40 18.89 1.18 -41.23
CA GLU C 40 18.46 -0.20 -41.32
C GLU C 40 18.22 -0.79 -39.94
N ILE C 41 16.98 -1.18 -39.65
CA ILE C 41 16.64 -1.77 -38.36
C ILE C 41 16.53 -3.28 -38.55
N GLN C 42 17.54 -4.01 -38.09
CA GLN C 42 17.59 -5.47 -38.22
C GLN C 42 16.90 -6.24 -37.12
N ASN C 43 16.60 -7.51 -37.40
CA ASN C 43 15.97 -8.40 -36.42
C ASN C 43 14.59 -7.93 -35.94
N VAL C 44 13.79 -7.41 -36.86
CA VAL C 44 12.45 -6.94 -36.53
C VAL C 44 11.42 -8.03 -36.83
N PRO C 45 10.59 -8.37 -35.83
CA PRO C 45 9.55 -9.40 -35.97
C PRO C 45 8.40 -9.02 -36.89
N LYS C 46 7.78 -10.03 -37.49
CA LYS C 46 6.64 -9.82 -38.37
C LYS C 46 5.36 -9.85 -37.52
N LEU C 47 5.01 -8.72 -36.94
CA LEU C 47 3.84 -8.63 -36.08
C LEU C 47 2.89 -7.49 -36.41
N LYS C 48 1.64 -7.63 -36.00
CA LYS C 48 0.64 -6.60 -36.24
C LYS C 48 1.09 -5.17 -35.99
N ASP C 49 1.53 -4.89 -34.76
CA ASP C 49 2.00 -3.55 -34.42
C ASP C 49 3.09 -2.98 -35.34
N ILE C 50 3.95 -3.84 -35.84
CA ILE C 50 5.02 -3.42 -36.73
C ILE C 50 4.37 -2.93 -38.02
N ASP C 51 3.39 -3.69 -38.49
CA ASP C 51 2.63 -3.33 -39.69
C ASP C 51 1.96 -1.97 -39.50
N THR C 52 1.31 -1.80 -38.35
CA THR C 52 0.63 -0.56 -38.05
C THR C 52 1.61 0.61 -38.00
N THR C 53 2.77 0.37 -37.40
CA THR C 53 3.80 1.41 -37.28
C THR C 53 4.32 1.84 -38.64
N MET C 54 4.64 0.88 -39.50
CA MET C 54 5.11 1.17 -40.85
C MET C 54 4.12 2.07 -41.61
N LYS C 55 2.84 1.74 -41.47
CA LYS C 55 1.76 2.50 -42.07
C LYS C 55 1.80 3.93 -41.58
N LEU C 56 2.02 4.10 -40.28
CA LEU C 56 2.10 5.44 -39.70
C LEU C 56 3.28 6.23 -40.25
N LEU C 57 4.45 5.58 -40.28
CA LEU C 57 5.67 6.21 -40.78
C LEU C 57 5.53 6.67 -42.23
N THR C 58 4.95 5.79 -43.06
CA THR C 58 4.76 6.09 -44.47
C THR C 58 3.87 7.32 -44.56
N GLN C 59 2.81 7.32 -43.75
CA GLN C 59 1.88 8.43 -43.72
C GLN C 59 2.49 9.77 -43.30
N LEU C 60 3.61 9.71 -42.57
CA LEU C 60 4.33 10.91 -42.15
C LEU C 60 5.25 11.40 -43.25
N GLY C 61 5.24 10.69 -44.38
CA GLY C 61 6.09 11.06 -45.50
C GLY C 61 7.43 10.34 -45.45
N THR C 62 7.47 9.20 -44.76
CA THR C 62 8.70 8.44 -44.64
C THR C 62 8.71 7.29 -45.64
N LYS C 63 9.88 7.00 -46.18
CA LYS C 63 10.04 5.89 -47.12
C LYS C 63 10.28 4.67 -46.25
N VAL C 64 9.39 3.68 -46.31
CA VAL C 64 9.54 2.49 -45.48
C VAL C 64 9.41 1.18 -46.24
N GLU C 65 10.35 0.28 -45.99
CA GLU C 65 10.36 -1.04 -46.61
C GLU C 65 10.88 -2.14 -45.69
N ARG C 66 10.43 -3.38 -45.91
CA ARG C 66 10.88 -4.49 -45.08
C ARG C 66 10.97 -5.85 -45.78
N GLY C 68 14.20 -9.39 -43.04
CA GLY C 68 14.35 -9.48 -41.61
C GLY C 68 14.55 -8.10 -41.01
N SER C 69 14.90 -7.15 -41.87
CA SER C 69 15.12 -5.76 -41.49
C SER C 69 13.99 -4.85 -41.92
N VAL C 70 14.01 -3.63 -41.41
CA VAL C 70 13.04 -2.62 -41.79
C VAL C 70 13.86 -1.40 -42.20
N TRP C 71 13.82 -1.09 -43.49
CA TRP C 71 14.56 0.04 -44.04
C TRP C 71 13.74 1.34 -43.95
N ILE C 72 14.31 2.35 -43.31
CA ILE C 72 13.61 3.61 -43.15
C ILE C 72 14.41 4.82 -43.61
N ASP C 73 13.74 5.69 -44.37
CA ASP C 73 14.36 6.92 -44.85
C ASP C 73 13.49 8.06 -44.36
N ALA C 74 13.92 8.71 -43.29
CA ALA C 74 13.13 9.80 -42.75
C ALA C 74 13.76 11.14 -43.11
N SER C 75 14.56 11.16 -44.17
CA SER C 75 15.22 12.39 -44.59
C SER C 75 14.24 13.53 -44.89
N ASN C 76 13.09 13.19 -45.46
CA ASN C 76 12.09 14.18 -45.79
C ASN C 76 10.70 14.02 -45.18
N VAL C 77 10.62 13.97 -43.85
CA VAL C 77 9.33 13.84 -43.18
C VAL C 77 8.47 15.03 -43.57
N ASN C 78 7.39 14.75 -44.29
CA ASN C 78 6.48 15.77 -44.81
C ASN C 78 5.21 16.06 -44.04
N ASN C 79 4.69 15.04 -43.38
CA ASN C 79 3.47 15.17 -42.59
C ASN C 79 3.74 15.00 -41.10
N PHE C 80 3.02 15.76 -40.28
CA PHE C 80 3.23 15.73 -38.83
C PHE C 80 2.04 15.26 -37.98
N SER C 81 1.16 14.47 -38.59
CA SER C 81 -0.03 13.98 -37.91
C SER C 81 -0.32 12.47 -37.93
N ALA C 82 -0.67 11.92 -36.77
CA ALA C 82 -1.01 10.50 -36.64
C ALA C 82 -2.53 10.45 -36.47
N PRO C 83 -3.26 10.17 -37.56
CA PRO C 83 -4.72 10.08 -37.61
C PRO C 83 -5.37 8.99 -36.76
N TYR C 84 -6.65 9.21 -36.44
CA TYR C 84 -7.43 8.27 -35.66
C TYR C 84 -7.39 6.84 -36.18
N ASP C 85 -7.58 6.69 -37.48
CA ASP C 85 -7.57 5.38 -38.11
C ASP C 85 -6.27 4.59 -37.97
N LEU C 86 -5.16 5.31 -37.97
CA LEU C 86 -3.84 4.71 -37.85
C LEU C 86 -3.32 4.47 -36.43
N VAL C 87 -4.06 4.97 -35.44
CA VAL C 87 -3.64 4.83 -34.03
C VAL C 87 -4.64 4.07 -33.16
N LYS C 88 -5.89 4.00 -33.59
CA LYS C 88 -6.93 3.32 -32.82
C LYS C 88 -6.58 1.94 -32.26
N THR C 89 -5.79 1.18 -33.02
CA THR C 89 -5.40 -0.17 -32.59
C THR C 89 -3.96 -0.19 -32.07
N MET C 90 -3.43 0.97 -31.71
CA MET C 90 -2.06 1.00 -31.23
C MET C 90 -1.53 2.10 -30.31
N ARG C 91 -1.68 1.89 -29.00
CA ARG C 91 -1.21 2.84 -28.00
C ARG C 91 0.23 3.35 -28.18
N ALA C 92 1.11 2.50 -28.69
CA ALA C 92 2.51 2.86 -28.90
C ALA C 92 2.64 4.06 -29.85
N SER C 93 1.54 4.44 -30.48
CA SER C 93 1.51 5.57 -31.40
C SER C 93 1.96 6.88 -30.77
N ILE C 94 1.81 6.97 -29.45
CA ILE C 94 2.23 8.17 -28.75
C ILE C 94 3.69 8.47 -29.03
N TRP C 95 4.48 7.43 -29.32
CA TRP C 95 5.91 7.58 -29.62
C TRP C 95 6.31 8.47 -30.78
N ALA C 96 5.36 8.77 -31.66
CA ALA C 96 5.63 9.63 -32.81
C ALA C 96 5.74 11.09 -32.36
N LEU C 97 5.05 11.42 -31.28
CA LEU C 97 5.02 12.78 -30.74
C LEU C 97 6.36 13.47 -30.44
N GLY C 98 7.15 12.87 -29.57
CA GLY C 98 8.44 13.44 -29.21
C GLY C 98 9.38 13.70 -30.37
N PRO C 99 9.61 12.71 -31.25
CA PRO C 99 10.50 12.87 -32.40
C PRO C 99 10.09 14.04 -33.31
N LEU C 100 8.79 14.12 -33.59
CA LEU C 100 8.26 15.18 -34.45
C LEU C 100 8.54 16.59 -33.93
N VAL C 101 8.17 16.84 -32.68
CA VAL C 101 8.39 18.16 -32.11
C VAL C 101 9.87 18.49 -31.88
N ALA C 102 10.66 17.48 -31.52
CA ALA C 102 12.08 17.69 -31.27
C ALA C 102 12.82 18.02 -32.56
N ARG C 103 12.48 17.31 -33.63
CA ARG C 103 13.11 17.51 -34.93
C ARG C 103 12.44 18.56 -35.81
N PHE C 104 11.11 18.58 -35.80
CA PHE C 104 10.34 19.50 -36.61
C PHE C 104 9.64 20.67 -35.93
N GLY C 105 9.63 20.66 -34.61
CA GLY C 105 8.98 21.72 -33.86
C GLY C 105 7.47 21.58 -33.84
N GLN C 106 6.96 20.49 -34.40
CA GLN C 106 5.52 20.24 -34.46
C GLN C 106 5.12 18.78 -34.63
N GLY C 107 4.04 18.40 -33.97
CA GLY C 107 3.58 17.02 -34.07
C GLY C 107 2.25 16.82 -33.37
N GLN C 108 1.49 15.83 -33.82
CA GLN C 108 0.20 15.52 -33.22
C GLN C 108 -0.21 14.05 -33.36
N VAL C 109 -0.78 13.51 -32.28
CA VAL C 109 -1.21 12.12 -32.25
C VAL C 109 -2.66 12.05 -31.77
N SER C 110 -3.44 11.25 -32.47
CA SER C 110 -4.85 11.08 -32.13
C SER C 110 -5.05 10.41 -30.77
N LEU C 111 -5.94 10.97 -29.96
CA LEU C 111 -6.24 10.42 -28.64
C LEU C 111 -7.60 9.73 -28.48
N PRO C 112 -7.60 8.39 -28.53
CA PRO C 112 -8.83 7.60 -28.37
C PRO C 112 -9.57 7.97 -27.10
N GLY C 113 -8.82 8.06 -26.00
CA GLY C 113 -9.37 8.42 -24.70
C GLY C 113 -10.76 7.92 -24.35
N GLY C 114 -11.40 8.49 -23.34
CA GLY C 114 -12.65 7.95 -22.86
C GLY C 114 -12.75 7.57 -21.37
N CYS C 115 -13.51 8.35 -20.63
CA CYS C 115 -13.98 8.08 -19.25
C CYS C 115 -13.21 8.44 -17.98
N ALA C 116 -12.02 7.90 -17.77
CA ALA C 116 -11.32 8.17 -16.50
C ALA C 116 -10.18 9.18 -16.56
N ILE C 117 -9.85 9.79 -15.42
CA ILE C 117 -8.77 10.77 -15.39
C ILE C 117 -7.92 10.48 -14.15
N GLY C 118 -6.64 10.86 -14.20
CA GLY C 118 -5.76 10.64 -13.08
C GLY C 118 -4.79 9.49 -13.30
N ALA C 119 -5.18 8.52 -14.11
CA ALA C 119 -4.33 7.37 -14.37
C ALA C 119 -3.58 7.49 -15.71
N ARG C 120 -4.34 7.67 -16.79
CA ARG C 120 -3.77 7.80 -18.13
C ARG C 120 -2.27 7.77 -18.37
N PRO C 121 -1.79 6.76 -19.13
CA PRO C 121 -0.37 6.61 -19.46
C PRO C 121 0.18 7.85 -20.19
N VAL C 122 -0.60 8.32 -21.17
CA VAL C 122 -0.21 9.47 -21.96
C VAL C 122 0.14 10.70 -21.11
N ASP C 123 -0.44 10.79 -19.92
CA ASP C 123 -0.16 11.92 -19.04
C ASP C 123 1.31 12.22 -18.83
N LEU C 124 2.09 11.16 -18.62
CA LEU C 124 3.53 11.26 -18.42
C LEU C 124 4.27 11.80 -19.64
N HIS C 125 3.81 11.40 -20.82
CA HIS C 125 4.41 11.87 -22.08
C HIS C 125 4.25 13.38 -22.21
N ILE C 126 3.01 13.83 -22.01
CA ILE C 126 2.65 15.25 -22.09
C ILE C 126 3.52 16.07 -21.14
N PHE C 127 3.45 15.73 -19.85
CA PHE C 127 4.24 16.44 -18.87
C PHE C 127 5.74 16.39 -19.16
N GLY C 128 6.20 15.22 -19.62
CA GLY C 128 7.61 15.08 -19.96
C GLY C 128 7.96 16.07 -21.05
N LEU C 129 7.16 16.08 -22.12
CA LEU C 129 7.41 17.01 -23.21
C LEU C 129 7.28 18.47 -22.76
N GLU C 130 6.33 18.73 -21.87
CA GLU C 130 6.15 20.09 -21.36
C GLU C 130 7.41 20.55 -20.64
N LYS C 131 8.01 19.63 -19.90
CA LYS C 131 9.27 19.88 -19.18
C LYS C 131 10.40 20.25 -20.11
N LEU C 132 10.39 19.67 -21.30
CA LEU C 132 11.39 19.93 -22.31
C LEU C 132 11.18 21.27 -23.02
N GLY C 133 10.17 22.03 -22.57
CA GLY C 133 9.89 23.33 -23.15
C GLY C 133 8.85 23.33 -24.25
N ALA C 134 8.17 22.20 -24.44
CA ALA C 134 7.16 22.11 -25.48
C ALA C 134 5.81 22.66 -25.05
N GLU C 135 5.09 23.19 -26.04
CA GLU C 135 3.75 23.71 -25.81
C GLU C 135 2.81 22.54 -26.08
N ILE C 136 1.90 22.26 -25.15
CA ILE C 136 0.98 21.14 -25.34
C ILE C 136 -0.46 21.61 -25.53
N LYS C 137 -1.12 21.02 -26.52
CA LYS C 137 -2.51 21.32 -26.80
C LYS C 137 -3.42 20.10 -26.81
N LEU C 138 -4.48 20.13 -26.01
CA LEU C 138 -5.43 19.02 -25.98
C LEU C 138 -6.70 19.51 -26.68
N GLU C 139 -6.83 19.13 -27.95
CA GLU C 139 -7.95 19.57 -28.77
C GLU C 139 -8.26 18.66 -29.96
N GLU C 140 -9.53 18.55 -30.31
CA GLU C 140 -9.95 17.74 -31.45
C GLU C 140 -9.70 16.24 -31.29
N GLY C 141 -9.54 15.79 -30.04
CA GLY C 141 -9.28 14.38 -29.82
C GLY C 141 -7.80 14.14 -30.09
N TYR C 142 -7.06 15.22 -30.24
CA TYR C 142 -5.63 15.20 -30.50
C TYR C 142 -4.78 15.65 -29.31
N VAL C 143 -3.55 15.18 -29.30
CA VAL C 143 -2.57 15.60 -28.32
C VAL C 143 -1.60 16.32 -29.26
N LYS C 144 -1.46 17.63 -29.07
CA LYS C 144 -0.58 18.43 -29.92
C LYS C 144 0.64 18.99 -29.19
N ALA C 145 1.79 18.89 -29.82
CA ALA C 145 3.02 19.42 -29.24
C ALA C 145 3.74 20.32 -30.22
N SER C 146 4.30 21.41 -29.72
CA SER C 146 5.03 22.35 -30.56
C SER C 146 6.10 23.15 -29.82
N VAL C 147 7.05 23.67 -30.59
CA VAL C 147 8.11 24.49 -30.03
C VAL C 147 8.77 25.35 -31.10
N ASN C 148 9.02 26.60 -30.75
CA ASN C 148 9.67 27.53 -31.67
C ASN C 148 11.18 27.36 -31.52
N GLY C 149 11.78 26.63 -32.46
CA GLY C 149 13.21 26.38 -32.39
C GLY C 149 13.44 25.02 -31.73
N ARG C 150 14.51 24.91 -30.96
CA ARG C 150 14.84 23.65 -30.28
C ARG C 150 14.21 23.47 -28.92
N LEU C 151 14.04 22.22 -28.53
CA LEU C 151 13.54 21.89 -27.20
C LEU C 151 14.67 22.29 -26.26
N LYS C 152 14.37 22.37 -24.97
CA LYS C 152 15.37 22.75 -23.98
C LYS C 152 15.69 21.67 -22.95
N GLY C 153 16.95 21.29 -22.84
CA GLY C 153 17.35 20.26 -21.88
C GLY C 153 16.80 20.54 -20.49
N ALA C 154 16.36 19.50 -19.79
CA ALA C 154 15.83 19.70 -18.46
C ALA C 154 16.13 18.56 -17.48
N HIS C 155 16.13 18.89 -16.19
CA HIS C 155 16.38 17.92 -15.14
C HIS C 155 15.00 17.44 -14.70
N ILE C 156 14.61 16.25 -15.14
CA ILE C 156 13.29 15.73 -14.84
C ILE C 156 13.24 14.57 -13.84
N VAL C 157 12.43 14.76 -12.82
CA VAL C 157 12.24 13.74 -11.80
C VAL C 157 10.94 13.00 -12.07
N MET C 158 11.05 11.72 -12.39
CA MET C 158 9.87 10.90 -12.66
C MET C 158 9.23 10.30 -11.41
N ASP C 159 7.98 10.67 -11.14
CA ASP C 159 7.28 10.11 -9.98
C ASP C 159 6.98 8.63 -10.11
N LYS C 160 6.48 8.25 -11.28
CA LYS C 160 6.15 6.87 -11.59
C LYS C 160 7.13 6.36 -12.63
N VAL C 161 7.69 5.17 -12.41
CA VAL C 161 8.60 4.61 -13.39
C VAL C 161 7.75 4.29 -14.62
N SER C 162 8.06 4.92 -15.74
CA SER C 162 7.33 4.72 -16.98
C SER C 162 8.21 4.37 -18.18
N VAL C 163 8.04 3.18 -18.73
CA VAL C 163 8.82 2.77 -19.90
C VAL C 163 8.44 3.70 -21.06
N GLY C 164 7.14 3.89 -21.24
CA GLY C 164 6.65 4.74 -22.31
C GLY C 164 7.17 6.15 -22.24
N ALA C 165 7.06 6.80 -21.08
CA ALA C 165 7.51 8.18 -20.92
C ALA C 165 9.05 8.32 -20.90
N THR C 166 9.75 7.29 -20.42
CA THR C 166 11.21 7.34 -20.41
C THR C 166 11.70 7.45 -21.85
N VAL C 167 11.12 6.65 -22.73
CA VAL C 167 11.46 6.65 -24.15
C VAL C 167 11.13 8.01 -24.79
N THR C 168 9.93 8.52 -24.55
CA THR C 168 9.52 9.79 -25.13
C THR C 168 10.47 10.92 -24.73
N ILE C 169 10.75 11.02 -23.44
CA ILE C 169 11.62 12.06 -22.93
C ILE C 169 13.03 11.89 -23.45
N MET C 170 13.56 10.67 -23.35
CA MET C 170 14.90 10.35 -23.81
C MET C 170 15.10 10.66 -25.28
N SER C 171 14.17 10.20 -26.11
CA SER C 171 14.22 10.42 -27.55
C SER C 171 14.20 11.89 -27.96
N ALA C 172 13.29 12.65 -27.36
CA ALA C 172 13.16 14.07 -27.67
C ALA C 172 14.38 14.86 -27.19
N ALA C 173 14.95 14.44 -26.08
CA ALA C 173 16.10 15.12 -25.50
C ALA C 173 17.36 15.04 -26.36
N THR C 174 17.39 14.10 -27.30
CA THR C 174 18.57 13.97 -28.16
C THR C 174 18.80 15.18 -29.07
N LEU C 175 17.72 15.89 -29.39
CA LEU C 175 17.82 17.08 -30.24
C LEU C 175 17.68 18.39 -29.48
N ALA C 176 17.40 18.28 -28.18
CA ALA C 176 17.23 19.46 -27.36
C ALA C 176 18.54 20.19 -27.13
N GLU C 177 18.43 21.43 -26.69
CA GLU C 177 19.58 22.24 -26.38
C GLU C 177 19.99 22.07 -24.92
N GLY C 178 21.19 21.56 -24.69
CA GLY C 178 21.66 21.37 -23.34
C GLY C 178 21.54 19.92 -22.87
N THR C 179 21.64 19.73 -21.56
CA THR C 179 21.57 18.40 -21.00
C THR C 179 20.23 18.09 -20.34
N THR C 180 19.83 16.83 -20.46
CA THR C 180 18.58 16.36 -19.87
C THR C 180 18.96 15.20 -18.95
N ILE C 181 18.39 15.18 -17.75
CA ILE C 181 18.66 14.10 -16.81
C ILE C 181 17.32 13.54 -16.37
N ILE C 182 17.14 12.24 -16.51
CA ILE C 182 15.90 11.62 -16.14
C ILE C 182 16.06 10.81 -14.85
N GLU C 183 15.45 11.30 -13.77
CA GLU C 183 15.52 10.61 -12.48
C GLU C 183 14.42 9.56 -12.40
N ASN C 184 14.73 8.38 -11.86
CA ASN C 184 13.73 7.33 -11.74
C ASN C 184 13.31 6.79 -13.12
N ALA C 185 14.30 6.67 -14.01
CA ALA C 185 14.06 6.18 -15.36
C ALA C 185 13.76 4.69 -15.35
N ALA C 186 13.00 4.24 -16.34
CA ALA C 186 12.69 2.83 -16.47
C ALA C 186 13.98 2.15 -16.90
N ARG C 187 14.26 0.99 -16.31
CA ARG C 187 15.48 0.22 -16.57
C ARG C 187 15.40 -0.86 -17.64
N GLU C 188 14.19 -1.18 -18.10
CA GLU C 188 13.99 -2.21 -19.12
C GLU C 188 15.04 -2.38 -20.22
N PRO C 189 15.35 -3.64 -20.59
CA PRO C 189 16.34 -3.88 -21.64
C PRO C 189 15.93 -3.16 -22.93
N GLU C 190 14.63 -2.97 -23.09
CA GLU C 190 14.07 -2.29 -24.25
C GLU C 190 14.49 -0.82 -24.29
N ILE C 191 14.65 -0.24 -23.10
CA ILE C 191 15.08 1.15 -22.96
C ILE C 191 16.58 1.25 -23.34
N VAL C 192 17.38 0.27 -22.93
CA VAL C 192 18.80 0.26 -23.25
C VAL C 192 18.99 0.13 -24.76
N ASP C 193 18.17 -0.72 -25.37
CA ASP C 193 18.21 -0.96 -26.81
C ASP C 193 17.89 0.34 -27.56
N THR C 194 16.86 1.04 -27.10
CA THR C 194 16.48 2.30 -27.74
C THR C 194 17.58 3.35 -27.53
N ALA C 195 18.14 3.40 -26.32
CA ALA C 195 19.22 4.35 -26.02
C ALA C 195 20.39 4.03 -26.95
N ASN C 196 20.76 2.75 -27.04
CA ASN C 196 21.86 2.32 -27.90
C ASN C 196 21.65 2.69 -29.38
N PHE C 197 20.40 2.55 -29.82
CA PHE C 197 20.01 2.89 -31.18
C PHE C 197 20.31 4.38 -31.38
N LEU C 198 19.80 5.19 -30.48
CA LEU C 198 20.02 6.63 -30.53
C LEU C 198 21.49 7.01 -30.65
N VAL C 199 22.30 6.38 -29.82
CA VAL C 199 23.75 6.59 -29.79
C VAL C 199 24.37 6.25 -31.14
N ALA C 200 23.97 5.15 -31.73
CA ALA C 200 24.49 4.74 -33.03
C ALA C 200 24.19 5.84 -34.05
N LEU C 201 23.19 6.66 -33.77
CA LEU C 201 22.78 7.76 -34.62
C LEU C 201 23.62 9.02 -34.40
N GLY C 202 24.37 9.02 -33.30
CA GLY C 202 25.19 10.17 -32.98
C GLY C 202 24.70 10.83 -31.71
N ALA C 203 23.73 10.22 -31.03
CA ALA C 203 23.20 10.81 -29.80
C ALA C 203 24.18 10.65 -28.64
N LYS C 204 24.05 11.54 -27.66
CA LYS C 204 24.89 11.51 -26.47
C LYS C 204 24.08 11.05 -25.26
N ILE C 205 24.13 9.75 -24.97
CA ILE C 205 23.37 9.19 -23.87
C ILE C 205 24.20 8.28 -22.98
N SER C 206 23.92 8.32 -21.68
CA SER C 206 24.60 7.50 -20.70
C SER C 206 23.66 7.15 -19.53
N GLY C 207 23.94 6.05 -18.85
CA GLY C 207 23.11 5.65 -17.73
C GLY C 207 21.93 4.76 -18.12
N GLN C 208 21.76 4.48 -19.42
CA GLN C 208 20.67 3.61 -19.85
C GLN C 208 20.82 2.27 -19.17
N GLY C 209 19.75 1.80 -18.53
CA GLY C 209 19.82 0.52 -17.84
C GLY C 209 19.83 0.80 -16.35
N THR C 210 20.06 2.06 -15.99
CA THR C 210 20.08 2.45 -14.59
C THR C 210 18.90 3.37 -14.34
N ASP C 211 18.67 3.70 -13.09
CA ASP C 211 17.57 4.58 -12.71
C ASP C 211 17.81 6.05 -13.08
N ARG C 212 18.95 6.32 -13.71
CA ARG C 212 19.30 7.70 -14.08
C ARG C 212 19.91 7.85 -15.47
N ILE C 213 19.18 8.50 -16.37
CA ILE C 213 19.67 8.68 -17.74
C ILE C 213 20.05 10.14 -18.01
N THR C 214 21.20 10.32 -18.64
CA THR C 214 21.69 11.66 -18.98
C THR C 214 21.79 11.79 -20.48
N ILE C 215 21.15 12.83 -21.03
CA ILE C 215 21.18 13.07 -22.47
C ILE C 215 21.74 14.46 -22.78
N GLU C 216 22.75 14.49 -23.64
CA GLU C 216 23.34 15.75 -24.07
C GLU C 216 22.88 15.99 -25.52
N GLY C 217 22.05 17.02 -25.71
CA GLY C 217 21.54 17.31 -27.04
C GLY C 217 22.60 17.57 -28.10
N VAL C 218 22.30 17.16 -29.33
CA VAL C 218 23.19 17.37 -30.45
C VAL C 218 22.36 18.06 -31.53
N GLU C 219 23.04 18.59 -32.54
CA GLU C 219 22.39 19.27 -33.65
C GLU C 219 21.50 18.40 -34.53
N ARG C 220 21.97 17.21 -34.84
CA ARG C 220 21.23 16.31 -35.71
C ARG C 220 21.67 14.86 -35.58
N LEU C 221 20.79 13.94 -35.94
CA LEU C 221 21.09 12.51 -35.92
C LEU C 221 21.28 11.99 -37.34
N GLY C 222 22.30 11.15 -37.53
CA GLY C 222 22.57 10.62 -38.85
C GLY C 222 21.77 9.37 -39.19
N GLY C 223 22.43 8.39 -39.78
CA GLY C 223 21.77 7.16 -40.15
C GLY C 223 22.64 6.00 -39.73
N GLY C 224 22.34 4.80 -40.19
CA GLY C 224 23.15 3.66 -39.83
C GLY C 224 22.38 2.35 -39.78
N VAL C 225 23.03 1.34 -39.21
CA VAL C 225 22.44 0.01 -39.08
C VAL C 225 22.40 -0.37 -37.61
N TYR C 226 21.29 -0.95 -37.19
CA TYR C 226 21.09 -1.36 -35.79
C TYR C 226 20.26 -2.63 -35.68
N ARG C 227 20.76 -3.57 -34.89
CA ARG C 227 20.08 -4.85 -34.70
C ARG C 227 19.28 -4.88 -33.38
N VAL C 228 17.97 -5.02 -33.49
CA VAL C 228 17.09 -5.07 -32.33
C VAL C 228 17.42 -6.28 -31.44
N LEU C 229 17.38 -6.06 -30.11
CA LEU C 229 17.69 -7.14 -29.16
C LEU C 229 16.68 -8.29 -29.20
N PRO C 230 17.08 -9.47 -28.72
CA PRO C 230 16.18 -10.63 -28.72
C PRO C 230 15.01 -10.44 -27.78
N ASP C 231 13.93 -11.17 -28.03
CA ASP C 231 12.73 -11.11 -27.20
C ASP C 231 12.93 -11.95 -25.93
N ARG C 232 13.23 -11.29 -24.82
CA ARG C 232 13.45 -11.96 -23.53
C ARG C 232 12.28 -12.82 -23.06
N ILE C 233 11.07 -12.30 -23.21
CA ILE C 233 9.88 -13.03 -22.77
C ILE C 233 9.68 -14.26 -23.64
N GLU C 234 9.85 -14.11 -24.96
CA GLU C 234 9.72 -15.26 -25.85
C GLU C 234 10.74 -16.32 -25.44
N THR C 235 11.97 -15.87 -25.22
CA THR C 235 13.03 -16.78 -24.83
C THR C 235 12.58 -17.54 -23.58
N GLY C 236 12.09 -16.81 -22.59
CA GLY C 236 11.64 -17.43 -21.37
C GLY C 236 10.51 -18.41 -21.63
N THR C 237 9.56 -18.03 -22.46
CA THR C 237 8.45 -18.89 -22.77
C THR C 237 8.99 -20.22 -23.32
N PHE C 238 10.00 -20.15 -24.17
CA PHE C 238 10.59 -21.36 -24.73
C PHE C 238 11.39 -22.20 -23.73
N LEU C 239 12.03 -21.50 -22.79
CA LEU C 239 12.79 -22.17 -21.74
C LEU C 239 11.82 -22.96 -20.84
N VAL C 240 10.72 -22.31 -20.47
CA VAL C 240 9.73 -22.95 -19.63
C VAL C 240 9.14 -24.16 -20.34
N ALA C 241 8.96 -24.04 -21.65
CA ALA C 241 8.40 -25.14 -22.45
C ALA C 241 9.22 -26.42 -22.28
N ALA C 242 10.54 -26.29 -22.26
CA ALA C 242 11.40 -27.46 -22.08
C ALA C 242 11.41 -27.89 -20.60
N ALA C 243 11.40 -26.89 -19.72
CA ALA C 243 11.47 -27.15 -18.29
C ALA C 243 10.27 -27.92 -17.73
N ILE C 244 9.09 -27.75 -18.34
CA ILE C 244 7.90 -28.44 -17.85
C ILE C 244 7.65 -29.76 -18.58
N SER C 245 8.44 -30.01 -19.63
CA SER C 245 8.26 -31.22 -20.44
C SER C 245 9.38 -32.24 -20.34
N GLY C 246 10.31 -32.01 -19.41
CA GLY C 246 11.44 -32.91 -19.22
C GLY C 246 12.38 -32.88 -20.41
N GLY C 247 12.29 -31.83 -21.22
CA GLY C 247 13.12 -31.75 -22.40
C GLY C 247 14.41 -30.98 -22.36
N LYS C 248 15.00 -30.85 -23.54
CA LYS C 248 16.25 -30.13 -23.75
C LYS C 248 16.05 -29.16 -24.90
N ILE C 249 16.50 -27.93 -24.73
CA ILE C 249 16.34 -26.95 -25.79
C ILE C 249 17.49 -25.98 -25.84
N VAL C 250 17.81 -25.53 -27.05
CA VAL C 250 18.85 -24.54 -27.24
C VAL C 250 18.15 -23.34 -27.87
N CYS C 251 18.29 -22.18 -27.24
CA CYS C 251 17.69 -20.96 -27.74
C CYS C 251 18.72 -20.16 -28.55
N ARG C 252 18.52 -20.09 -29.87
CA ARG C 252 19.42 -19.34 -30.77
C ARG C 252 19.04 -17.86 -30.87
N ASN C 253 20.02 -17.00 -31.12
CA ASN C 253 19.73 -15.57 -31.24
C ASN C 253 19.16 -15.04 -29.93
N ALA C 254 19.74 -15.50 -28.82
CA ALA C 254 19.30 -15.08 -27.51
C ALA C 254 20.31 -14.15 -26.85
N GLN C 255 19.90 -13.52 -25.77
CA GLN C 255 20.76 -12.61 -25.00
C GLN C 255 20.61 -12.88 -23.50
N PRO C 256 21.44 -13.79 -22.95
CA PRO C 256 21.43 -14.19 -21.55
C PRO C 256 21.30 -13.07 -20.51
N ASP C 257 22.04 -11.99 -20.68
CA ASP C 257 22.00 -10.88 -19.72
C ASP C 257 20.68 -10.14 -19.45
N THR C 258 19.70 -10.29 -20.34
CA THR C 258 18.42 -9.66 -20.16
C THR C 258 17.54 -10.61 -19.35
N LEU C 259 18.09 -11.80 -19.10
CA LEU C 259 17.40 -12.86 -18.37
C LEU C 259 17.93 -13.36 -17.02
N ASP C 260 18.77 -12.57 -16.36
CA ASP C 260 19.30 -12.96 -15.06
C ASP C 260 18.35 -13.69 -14.09
N ALA C 261 17.29 -12.99 -13.70
CA ALA C 261 16.31 -13.51 -12.76
C ALA C 261 15.59 -14.78 -13.24
N VAL C 262 15.19 -14.80 -14.51
CA VAL C 262 14.50 -15.97 -15.03
C VAL C 262 15.39 -17.21 -15.02
N LEU C 263 16.66 -17.05 -15.40
CA LEU C 263 17.60 -18.17 -15.43
C LEU C 263 17.81 -18.72 -14.03
N ALA C 264 18.02 -17.82 -13.07
CA ALA C 264 18.23 -18.22 -11.69
C ALA C 264 17.01 -18.99 -11.21
N LYS C 265 15.83 -18.50 -11.60
CA LYS C 265 14.59 -19.16 -11.21
C LYS C 265 14.50 -20.58 -11.80
N LEU C 266 14.92 -20.71 -13.05
CA LEU C 266 14.92 -22.01 -13.73
C LEU C 266 15.89 -22.99 -13.06
N ARG C 267 17.03 -22.45 -12.61
CA ARG C 267 18.01 -23.29 -11.92
C ARG C 267 17.40 -23.80 -10.60
N GLU C 268 16.64 -22.94 -9.94
CA GLU C 268 15.96 -23.32 -8.70
C GLU C 268 14.99 -24.46 -8.94
N ALA C 269 14.42 -24.48 -10.15
CA ALA C 269 13.47 -25.52 -10.53
C ALA C 269 14.22 -26.81 -10.88
N GLY C 270 15.55 -26.75 -10.83
CA GLY C 270 16.35 -27.93 -11.11
C GLY C 270 16.87 -28.07 -12.52
N ALA C 271 16.75 -27.02 -13.32
CA ALA C 271 17.22 -27.09 -14.70
C ALA C 271 18.73 -26.96 -14.84
N ASP C 272 19.29 -27.68 -15.81
CA ASP C 272 20.72 -27.61 -16.11
C ASP C 272 20.88 -26.56 -17.22
N ILE C 273 21.37 -25.38 -16.87
CA ILE C 273 21.52 -24.27 -17.86
C ILE C 273 22.97 -23.88 -18.31
N GLU C 274 23.22 -23.82 -19.71
CA GLU C 274 24.45 -23.23 -20.14
C GLU C 274 24.24 -22.08 -21.04
N THR C 275 25.13 -21.06 -20.95
CA THR C 275 24.85 -19.77 -21.72
C THR C 275 26.08 -19.44 -22.61
N GLY C 276 25.84 -18.73 -23.71
CA GLY C 276 26.90 -18.34 -24.62
C GLY C 276 26.70 -16.85 -24.84
N GLU C 277 27.40 -16.30 -25.82
CA GLU C 277 27.27 -14.88 -26.13
C GLU C 277 25.89 -14.56 -26.71
N ASP C 278 25.36 -15.50 -27.48
CA ASP C 278 24.07 -15.32 -28.14
C ASP C 278 23.16 -16.53 -28.06
N TRP C 279 23.38 -17.37 -27.06
CA TRP C 279 22.57 -18.58 -26.90
C TRP C 279 22.36 -19.02 -25.45
N ILE C 280 21.29 -19.80 -25.26
CA ILE C 280 20.99 -20.33 -23.94
C ILE C 280 20.52 -21.76 -24.11
N SER C 281 21.09 -22.65 -23.31
CA SER C 281 20.69 -24.06 -23.33
C SER C 281 20.04 -24.50 -22.01
N LEU C 282 18.94 -25.21 -22.11
CA LEU C 282 18.24 -25.72 -20.95
C LEU C 282 18.04 -27.24 -21.05
N ASP C 283 18.50 -27.95 -20.02
CA ASP C 283 18.38 -29.40 -20.00
C ASP C 283 17.65 -29.92 -18.74
N MET C 284 16.53 -30.61 -18.93
CA MET C 284 15.78 -31.16 -17.80
C MET C 284 16.22 -32.58 -17.44
N HIS C 285 17.01 -33.21 -18.31
CA HIS C 285 17.47 -34.58 -18.06
C HIS C 285 16.30 -35.53 -17.83
N GLY C 286 15.18 -35.24 -18.48
CA GLY C 286 13.99 -36.07 -18.34
C GLY C 286 13.32 -35.85 -16.98
N LYS C 287 13.80 -34.86 -16.24
CA LYS C 287 13.26 -34.56 -14.93
C LYS C 287 12.09 -33.59 -14.78
N ARG C 288 11.18 -33.95 -13.88
CA ARG C 288 10.03 -33.13 -13.55
C ARG C 288 10.56 -31.90 -12.80
N PRO C 289 9.96 -30.73 -13.02
CA PRO C 289 10.44 -29.53 -12.32
C PRO C 289 10.20 -29.52 -10.81
N LYS C 290 11.05 -28.79 -10.10
CA LYS C 290 10.93 -28.62 -8.65
C LYS C 290 10.19 -27.30 -8.43
N ALA C 291 9.29 -27.26 -7.45
CA ALA C 291 8.52 -26.05 -7.17
C ALA C 291 9.43 -24.87 -6.83
N VAL C 292 8.96 -23.67 -7.14
CA VAL C 292 9.75 -22.48 -6.87
C VAL C 292 8.88 -21.35 -6.34
N THR C 293 9.54 -20.37 -5.72
CA THR C 293 8.87 -19.20 -5.17
C THR C 293 9.18 -18.05 -6.09
N VAL C 294 8.15 -17.35 -6.51
CA VAL C 294 8.29 -16.23 -7.42
C VAL C 294 7.67 -14.95 -6.88
N ARG C 295 8.39 -13.86 -7.06
CA ARG C 295 7.95 -12.53 -6.67
C ARG C 295 8.24 -11.62 -7.85
N THR C 296 7.19 -11.12 -8.52
CA THR C 296 7.42 -10.24 -9.66
C THR C 296 7.75 -8.85 -9.15
N ALA C 297 8.75 -8.23 -9.76
CA ALA C 297 9.19 -6.89 -9.36
C ALA C 297 9.79 -6.23 -10.61
N PRO C 298 10.05 -4.92 -10.55
CA PRO C 298 10.61 -4.18 -11.68
C PRO C 298 11.96 -4.68 -12.17
N HIS C 299 12.18 -4.60 -13.48
CA HIS C 299 13.45 -5.03 -14.06
C HIS C 299 14.60 -4.33 -13.30
N PRO C 300 15.74 -5.01 -13.09
CA PRO C 300 16.16 -6.35 -13.49
C PRO C 300 15.68 -7.54 -12.65
N ALA C 301 14.65 -7.35 -11.83
CA ALA C 301 14.15 -8.47 -11.01
C ALA C 301 13.18 -9.36 -11.83
N PHE C 302 12.55 -10.32 -11.18
CA PHE C 302 11.62 -11.22 -11.85
C PHE C 302 10.50 -10.53 -12.64
N PRO C 303 10.42 -10.76 -13.96
CA PRO C 303 9.40 -10.15 -14.82
C PRO C 303 7.97 -10.68 -14.76
N THR C 304 7.02 -9.78 -14.55
CA THR C 304 5.62 -10.15 -14.49
C THR C 304 5.19 -10.82 -15.82
N ASP C 305 5.87 -10.49 -16.90
CA ASP C 305 5.57 -11.11 -18.20
C ASP C 305 5.87 -12.61 -18.28
N MET C 306 6.58 -13.11 -17.28
CA MET C 306 6.92 -14.53 -17.18
C MET C 306 6.10 -15.18 -16.07
N GLN C 307 5.21 -14.39 -15.47
CA GLN C 307 4.36 -14.85 -14.37
C GLN C 307 3.40 -15.99 -14.62
N ALA C 308 2.70 -15.94 -15.76
CA ALA C 308 1.76 -16.98 -16.12
C ALA C 308 2.49 -18.28 -16.47
N GLN C 309 3.67 -18.15 -17.06
CA GLN C 309 4.49 -19.30 -17.44
C GLN C 309 5.06 -20.03 -16.22
N PHE C 310 5.50 -19.25 -15.24
CA PHE C 310 6.03 -19.82 -14.02
C PHE C 310 4.97 -20.44 -13.14
N THR C 311 3.75 -19.94 -13.26
CA THR C 311 2.64 -20.49 -12.51
C THR C 311 2.42 -21.90 -13.09
N LEU C 312 2.44 -22.01 -14.41
CA LEU C 312 2.25 -23.31 -15.07
C LEU C 312 3.29 -24.32 -14.59
N LEU C 313 4.53 -23.87 -14.56
CA LEU C 313 5.64 -24.71 -14.09
C LEU C 313 5.40 -25.23 -12.66
N ASN C 314 4.95 -24.35 -11.78
CA ASN C 314 4.64 -24.72 -10.39
C ASN C 314 3.54 -25.77 -10.31
N LEU C 315 2.54 -25.61 -11.18
CA LEU C 315 1.41 -26.51 -11.23
C LEU C 315 1.68 -27.96 -11.61
N VAL C 316 2.80 -28.21 -12.27
CA VAL C 316 3.18 -29.57 -12.66
C VAL C 316 4.53 -29.90 -12.03
N ALA C 317 4.91 -29.09 -11.05
CA ALA C 317 6.20 -29.28 -10.39
C ALA C 317 6.09 -30.13 -9.13
N GLU C 318 7.23 -30.57 -8.63
CA GLU C 318 7.28 -31.35 -7.40
C GLU C 318 7.19 -30.43 -6.20
N GLY C 319 6.19 -30.64 -5.35
CA GLY C 319 6.07 -29.80 -4.17
C GLY C 319 5.06 -28.66 -4.29
N THR C 320 5.10 -27.77 -3.31
CA THR C 320 4.20 -26.62 -3.25
C THR C 320 4.99 -25.38 -3.65
N GLY C 321 4.46 -24.64 -4.61
CA GLY C 321 5.13 -23.44 -5.09
C GLY C 321 4.33 -22.20 -4.74
N VAL C 322 4.97 -21.04 -4.81
CA VAL C 322 4.33 -19.78 -4.47
C VAL C 322 4.59 -18.76 -5.57
N ILE C 323 3.53 -18.09 -6.02
CA ILE C 323 3.64 -17.06 -7.05
C ILE C 323 3.05 -15.77 -6.50
N THR C 324 3.87 -14.74 -6.34
CA THR C 324 3.37 -13.46 -5.82
C THR C 324 3.53 -12.36 -6.87
N GLU C 325 2.38 -11.81 -7.28
CA GLU C 325 2.32 -10.77 -8.30
C GLU C 325 2.20 -9.39 -7.65
N THR C 326 3.25 -8.60 -7.73
CA THR C 326 3.25 -7.26 -7.13
C THR C 326 3.12 -6.14 -8.16
N ILE C 327 3.24 -6.48 -9.44
CA ILE C 327 3.19 -5.46 -10.49
C ILE C 327 1.79 -5.14 -11.00
N PHE C 328 1.06 -6.17 -11.38
CA PHE C 328 -0.28 -6.00 -11.89
C PHE C 328 -1.36 -6.64 -11.02
N GLU C 329 -2.53 -6.03 -11.02
CA GLU C 329 -3.66 -6.57 -10.29
C GLU C 329 -4.47 -7.39 -11.28
N ASN C 330 -5.22 -8.35 -10.76
CA ASN C 330 -6.06 -9.18 -11.62
C ASN C 330 -5.31 -9.96 -12.69
N ARG C 331 -4.08 -10.38 -12.39
CA ARG C 331 -3.28 -11.12 -13.34
C ARG C 331 -3.23 -12.64 -13.12
N PHE C 332 -4.29 -13.18 -12.54
CA PHE C 332 -4.40 -14.61 -12.26
C PHE C 332 -5.42 -15.39 -13.11
N MET C 333 -5.93 -14.79 -14.17
CA MET C 333 -6.93 -15.46 -15.03
C MET C 333 -6.59 -16.85 -15.55
N HIS C 334 -5.30 -17.11 -15.70
CA HIS C 334 -4.81 -18.39 -16.17
C HIS C 334 -5.05 -19.55 -15.20
N VAL C 335 -5.12 -19.24 -13.90
CA VAL C 335 -5.30 -20.26 -12.87
C VAL C 335 -6.57 -21.08 -13.00
N PRO C 336 -7.74 -20.41 -13.08
CA PRO C 336 -9.00 -21.15 -13.23
C PRO C 336 -8.91 -22.11 -14.43
N GLU C 337 -8.35 -21.59 -15.52
CA GLU C 337 -8.17 -22.36 -16.74
C GLU C 337 -7.35 -23.62 -16.47
N LEU C 338 -6.23 -23.42 -15.77
CA LEU C 338 -5.35 -24.51 -15.43
C LEU C 338 -6.01 -25.54 -14.50
N ILE C 339 -6.79 -25.03 -13.54
CA ILE C 339 -7.48 -25.89 -12.60
C ILE C 339 -8.40 -26.79 -13.41
N ARG C 340 -9.00 -26.25 -14.47
CA ARG C 340 -9.86 -27.06 -15.31
C ARG C 340 -9.06 -28.17 -16.01
N MET C 341 -7.75 -27.97 -16.11
CA MET C 341 -6.88 -28.96 -16.72
C MET C 341 -6.32 -29.95 -15.70
N GLY C 342 -6.82 -29.88 -14.47
CA GLY C 342 -6.37 -30.78 -13.43
C GLY C 342 -5.41 -30.18 -12.40
N ALA C 343 -5.11 -28.88 -12.52
CA ALA C 343 -4.19 -28.25 -11.57
C ALA C 343 -4.86 -27.97 -10.23
N HIS C 344 -4.05 -27.80 -9.19
CA HIS C 344 -4.52 -27.49 -7.84
C HIS C 344 -3.88 -26.24 -7.24
N ALA C 345 -4.70 -25.27 -6.82
CA ALA C 345 -4.15 -24.06 -6.26
C ALA C 345 -5.15 -23.19 -5.50
N GLU C 346 -4.61 -22.33 -4.64
CA GLU C 346 -5.40 -21.38 -3.87
C GLU C 346 -4.90 -19.97 -4.16
N ILE C 347 -5.83 -19.05 -4.41
CA ILE C 347 -5.46 -17.67 -4.67
C ILE C 347 -5.78 -16.83 -3.45
N GLU C 348 -4.75 -16.32 -2.80
CA GLU C 348 -4.88 -15.49 -1.61
C GLU C 348 -4.30 -14.12 -1.92
N SER C 349 -5.16 -13.11 -2.09
CA SER C 349 -4.69 -11.76 -2.40
C SER C 349 -3.86 -11.71 -3.69
N ASN C 350 -2.63 -11.23 -3.57
CA ASN C 350 -1.71 -11.11 -4.70
C ASN C 350 -0.87 -12.36 -4.86
N THR C 351 -1.28 -13.45 -4.21
CA THR C 351 -0.51 -14.69 -4.26
C THR C 351 -1.29 -15.93 -4.66
N VAL C 352 -0.58 -16.87 -5.27
CA VAL C 352 -1.15 -18.14 -5.68
C VAL C 352 -0.35 -19.25 -5.02
N ILE C 353 -1.03 -20.09 -4.23
CA ILE C 353 -0.35 -21.22 -3.61
C ILE C 353 -0.52 -22.37 -4.58
N CYS C 354 0.60 -22.89 -5.06
CA CYS C 354 0.58 -23.98 -6.03
C CYS C 354 0.80 -25.37 -5.49
N HIS C 355 -0.04 -26.31 -5.90
CA HIS C 355 0.09 -27.72 -5.48
C HIS C 355 0.36 -28.57 -6.72
N GLY C 356 1.64 -28.61 -7.11
CA GLY C 356 2.04 -29.35 -8.30
C GLY C 356 1.53 -30.77 -8.47
N VAL C 357 0.96 -31.04 -9.64
CA VAL C 357 0.44 -32.37 -9.94
C VAL C 357 1.37 -33.04 -10.94
N GLU C 358 1.27 -34.37 -11.01
CA GLU C 358 2.10 -35.13 -11.91
C GLU C 358 1.68 -35.02 -13.37
N LYS C 359 0.36 -34.96 -13.59
CA LYS C 359 -0.21 -34.87 -14.93
C LYS C 359 -1.43 -34.00 -15.13
N LEU C 360 -1.42 -33.23 -16.20
CA LEU C 360 -2.56 -32.37 -16.56
C LEU C 360 -3.39 -33.13 -17.59
N SER C 361 -4.65 -32.75 -17.74
CA SER C 361 -5.53 -33.39 -18.72
C SER C 361 -6.11 -32.36 -19.70
N GLY C 362 -6.27 -32.77 -20.95
CA GLY C 362 -6.81 -31.87 -21.97
C GLY C 362 -8.11 -31.21 -21.61
N ALA C 363 -8.35 -30.02 -22.15
CA ALA C 363 -9.58 -29.28 -21.90
C ALA C 363 -9.74 -28.07 -22.82
N GLN C 364 -10.93 -27.52 -22.87
CA GLN C 364 -11.20 -26.33 -23.66
C GLN C 364 -10.92 -25.14 -22.75
N VAL C 365 -10.00 -24.28 -23.17
CA VAL C 365 -9.61 -23.14 -22.34
C VAL C 365 -9.46 -21.85 -23.13
N MET C 366 -9.38 -20.74 -22.41
CA MET C 366 -9.23 -19.43 -23.03
C MET C 366 -8.77 -18.36 -22.04
N ALA C 367 -7.81 -17.54 -22.45
CA ALA C 367 -7.31 -16.43 -21.63
C ALA C 367 -7.06 -15.23 -22.55
N THR C 368 -7.47 -14.05 -22.13
CA THR C 368 -7.29 -12.86 -22.96
C THR C 368 -5.85 -12.34 -22.90
N ASP C 369 -5.18 -12.55 -21.76
CA ASP C 369 -3.80 -12.13 -21.63
C ASP C 369 -2.84 -12.90 -22.52
N LEU C 370 -2.00 -12.18 -23.24
CA LEU C 370 -0.99 -12.75 -24.14
C LEU C 370 -0.17 -13.90 -23.50
N ARG C 371 0.41 -13.61 -22.34
CA ARG C 371 1.23 -14.59 -21.63
C ARG C 371 0.44 -15.80 -21.10
N ALA C 372 -0.73 -15.52 -20.52
CA ALA C 372 -1.58 -16.57 -19.99
C ALA C 372 -1.96 -17.50 -21.14
N SER C 373 -2.35 -16.89 -22.26
CA SER C 373 -2.74 -17.66 -23.44
C SER C 373 -1.63 -18.60 -23.92
N ALA C 374 -0.42 -18.07 -24.05
CA ALA C 374 0.72 -18.86 -24.48
C ALA C 374 0.98 -19.95 -23.45
N SER C 375 0.65 -19.65 -22.20
CA SER C 375 0.81 -20.62 -21.13
C SER C 375 -0.13 -21.81 -21.32
N LEU C 376 -1.37 -21.52 -21.71
CA LEU C 376 -2.36 -22.56 -21.95
C LEU C 376 -1.91 -23.50 -23.07
N VAL C 377 -1.35 -22.90 -24.12
CA VAL C 377 -0.86 -23.68 -25.24
C VAL C 377 0.21 -24.62 -24.72
N LEU C 378 1.11 -24.09 -23.91
CA LEU C 378 2.16 -24.91 -23.32
C LEU C 378 1.62 -26.08 -22.50
N ALA C 379 0.60 -25.81 -21.69
CA ALA C 379 -0.01 -26.86 -20.87
C ALA C 379 -0.61 -27.93 -21.78
N GLY C 380 -1.20 -27.48 -22.89
CA GLY C 380 -1.79 -28.42 -23.83
C GLY C 380 -0.76 -29.41 -24.32
N CYS C 381 0.45 -28.92 -24.60
CA CYS C 381 1.53 -29.77 -25.06
C CYS C 381 1.88 -30.94 -24.13
N ILE C 382 1.88 -30.68 -22.83
CA ILE C 382 2.22 -31.69 -21.85
C ILE C 382 1.03 -32.36 -21.20
N ALA C 383 -0.17 -31.89 -21.51
CA ALA C 383 -1.37 -32.49 -20.93
C ALA C 383 -1.79 -33.76 -21.68
N GLU C 384 -2.47 -34.64 -20.98
CA GLU C 384 -2.93 -35.89 -21.57
C GLU C 384 -4.23 -35.63 -22.31
N GLY C 385 -4.26 -35.94 -23.61
CA GLY C 385 -5.46 -35.74 -24.38
C GLY C 385 -5.48 -34.54 -25.30
N THR C 386 -6.67 -34.03 -25.58
CA THR C 386 -6.83 -32.88 -26.47
C THR C 386 -7.20 -31.60 -25.73
N THR C 387 -6.50 -30.53 -26.07
CA THR C 387 -6.73 -29.23 -25.48
C THR C 387 -7.05 -28.25 -26.58
N VAL C 388 -8.03 -27.39 -26.34
CA VAL C 388 -8.40 -26.37 -27.31
C VAL C 388 -8.27 -25.00 -26.69
N VAL C 389 -7.32 -24.22 -27.20
CA VAL C 389 -7.11 -22.86 -26.69
C VAL C 389 -7.83 -21.90 -27.62
N ASP C 390 -8.85 -21.24 -27.10
CA ASP C 390 -9.64 -20.27 -27.88
C ASP C 390 -8.98 -18.89 -27.98
N ARG C 391 -9.47 -18.08 -28.92
CA ARG C 391 -8.96 -16.73 -29.10
C ARG C 391 -7.46 -16.55 -29.17
N ILE C 392 -6.77 -17.40 -29.94
CA ILE C 392 -5.30 -17.32 -30.04
C ILE C 392 -4.77 -16.08 -30.76
N TYR C 393 -5.66 -15.21 -31.21
CA TYR C 393 -5.23 -13.99 -31.86
C TYR C 393 -4.33 -13.16 -30.93
N HIS C 394 -4.58 -13.30 -29.64
CA HIS C 394 -3.77 -12.60 -28.64
C HIS C 394 -2.31 -13.00 -28.81
N ILE C 395 -2.08 -14.30 -28.91
CA ILE C 395 -0.74 -14.85 -29.09
C ILE C 395 -0.15 -14.34 -30.41
N ASP C 396 -0.92 -14.47 -31.49
CA ASP C 396 -0.47 -14.01 -32.82
C ASP C 396 0.16 -12.62 -32.80
N ARG C 397 -0.45 -11.74 -32.01
CA ARG C 397 0.02 -10.37 -31.88
C ARG C 397 1.36 -10.17 -31.19
N GLY C 398 1.73 -11.10 -30.31
CA GLY C 398 2.98 -10.96 -29.59
C GLY C 398 4.02 -12.02 -29.87
N TYR C 399 3.61 -13.14 -30.44
CA TYR C 399 4.53 -14.22 -30.79
C TYR C 399 4.63 -14.44 -32.30
N GLU C 400 5.86 -14.49 -32.79
CA GLU C 400 6.09 -14.73 -34.20
C GLU C 400 6.09 -16.22 -34.55
N ARG C 401 5.02 -16.68 -35.21
CA ARG C 401 4.94 -18.08 -35.62
C ARG C 401 5.09 -19.12 -34.51
N ILE C 402 4.44 -18.90 -33.37
CA ILE C 402 4.54 -19.82 -32.25
C ILE C 402 4.22 -21.27 -32.64
N GLU C 403 3.15 -21.46 -33.40
CA GLU C 403 2.75 -22.79 -33.82
C GLU C 403 3.89 -23.53 -34.52
N ASP C 404 4.61 -22.80 -35.37
CA ASP C 404 5.72 -23.36 -36.11
C ASP C 404 6.91 -23.71 -35.21
N LYS C 405 7.26 -22.78 -34.33
CA LYS C 405 8.36 -22.99 -33.39
C LYS C 405 8.12 -24.21 -32.49
N LEU C 406 6.90 -24.30 -31.98
CA LEU C 406 6.49 -25.41 -31.11
C LEU C 406 6.53 -26.75 -31.83
N ARG C 407 6.06 -26.74 -33.08
CA ARG C 407 6.03 -27.94 -33.92
C ARG C 407 7.44 -28.44 -34.17
N ALA C 408 8.38 -27.51 -34.39
CA ALA C 408 9.77 -27.86 -34.60
C ALA C 408 10.35 -28.43 -33.30
N LEU C 409 9.60 -28.25 -32.20
CA LEU C 409 10.01 -28.75 -30.88
C LEU C 409 9.38 -30.10 -30.56
N GLY C 410 8.45 -30.54 -31.39
CA GLY C 410 7.80 -31.82 -31.18
C GLY C 410 6.35 -31.69 -30.77
N ALA C 411 5.82 -30.47 -30.87
CA ALA C 411 4.44 -30.23 -30.49
C ALA C 411 3.46 -30.76 -31.53
N ASN C 412 2.34 -31.28 -31.03
CA ASN C 412 1.26 -31.79 -31.86
C ASN C 412 0.19 -30.70 -31.81
N ILE C 413 0.38 -29.66 -32.61
CA ILE C 413 -0.55 -28.53 -32.62
C ILE C 413 -1.08 -28.19 -34.00
N GLU C 414 -2.35 -27.80 -34.02
CA GLU C 414 -3.04 -27.45 -35.25
C GLU C 414 -3.89 -26.19 -35.12
N ARG C 415 -3.78 -25.31 -36.12
CA ARG C 415 -4.58 -24.09 -36.11
C ARG C 415 -5.96 -24.37 -36.70
N VAL C 416 -7.00 -24.29 -35.88
CA VAL C 416 -8.34 -24.54 -36.37
C VAL C 416 -9.08 -23.22 -36.56
N LYS C 417 -9.61 -23.03 -37.76
CA LYS C 417 -10.33 -21.80 -38.08
C LYS C 417 -11.81 -21.75 -37.72
N GLY C 418 -12.08 -21.45 -36.46
CA GLY C 418 -13.45 -21.37 -35.99
C GLY C 418 -14.01 -22.75 -35.74
N GLU C 419 -15.15 -22.82 -35.06
CA GLU C 419 -15.79 -24.09 -34.75
C GLU C 419 -17.32 -24.18 -34.71
N MET D 1 24.24 14.16 31.13
CA MET D 1 23.73 13.88 29.76
C MET D 1 24.70 14.39 28.70
N ASP D 2 25.59 13.51 28.25
CA ASP D 2 26.58 13.84 27.22
C ASP D 2 26.07 14.62 26.01
N LYS D 3 26.89 15.55 25.55
CA LYS D 3 26.56 16.38 24.40
C LYS D 3 27.77 16.63 23.50
N PHE D 4 27.50 17.07 22.28
CA PHE D 4 28.54 17.41 21.32
C PHE D 4 28.56 18.90 20.99
N ARG D 5 29.68 19.55 21.28
CA ARG D 5 29.84 20.96 20.99
C ARG D 5 30.68 21.10 19.72
N VAL D 6 30.13 21.75 18.69
CA VAL D 6 30.84 21.89 17.43
C VAL D 6 31.00 23.32 16.93
N GLN D 7 32.22 23.65 16.50
CA GLN D 7 32.55 24.96 15.96
C GLN D 7 32.77 24.87 14.45
N GLY D 8 31.94 25.57 13.69
CA GLY D 8 32.08 25.55 12.25
C GLY D 8 32.34 26.94 11.71
N PRO D 9 32.63 27.07 10.41
CA PRO D 9 32.74 25.97 9.45
C PRO D 9 34.16 25.43 9.30
N THR D 10 34.26 24.12 9.11
CA THR D 10 35.56 23.49 8.93
C THR D 10 35.46 22.41 7.86
N ARG D 11 36.38 22.43 6.91
CA ARG D 11 36.40 21.43 5.87
C ARG D 11 36.84 20.07 6.41
N LEU D 12 36.04 19.05 6.14
CA LEU D 12 36.37 17.70 6.58
C LEU D 12 37.20 16.98 5.53
N GLN D 13 38.44 16.68 5.87
CA GLN D 13 39.34 16.02 4.93
C GLN D 13 40.44 15.19 5.56
N GLY D 14 41.02 14.29 4.76
CA GLY D 14 42.09 13.44 5.26
C GLY D 14 41.78 11.96 5.17
N GLU D 15 41.98 11.27 6.28
CA GLU D 15 41.72 9.84 6.32
C GLU D 15 40.94 9.40 7.54
N VAL D 16 40.32 8.24 7.42
CA VAL D 16 39.57 7.67 8.52
C VAL D 16 39.63 6.16 8.35
N THR D 17 39.70 5.45 9.48
CA THR D 17 39.75 4.00 9.46
C THR D 17 38.39 3.51 9.93
N ILE D 18 37.70 2.78 9.05
CA ILE D 18 36.36 2.27 9.33
C ILE D 18 36.34 1.13 10.33
N SER D 19 35.41 1.18 11.28
CA SER D 19 35.26 0.13 12.29
C SER D 19 34.43 -1.07 11.80
N GLY D 20 34.59 -2.21 12.48
CA GLY D 20 33.83 -3.39 12.10
C GLY D 20 32.35 -3.09 12.28
N ALA D 21 31.50 -3.72 11.48
CA ALA D 21 30.04 -3.50 11.59
C ALA D 21 29.45 -4.13 12.84
N LYS D 22 28.80 -3.32 13.67
CA LYS D 22 28.16 -3.83 14.87
C LYS D 22 27.09 -4.87 14.51
N ASN D 23 26.42 -4.61 13.39
CA ASN D 23 25.36 -5.47 12.89
C ASN D 23 25.77 -6.80 12.28
N ALA D 24 27.07 -7.02 12.12
CA ALA D 24 27.60 -8.28 11.62
C ALA D 24 28.26 -8.97 12.81
N ALA D 25 28.87 -8.19 13.68
CA ALA D 25 29.54 -8.73 14.86
C ALA D 25 28.55 -9.39 15.79
N LEU D 26 27.39 -8.76 15.97
CA LEU D 26 26.34 -9.32 16.84
C LEU D 26 25.91 -10.73 16.50
N PRO D 27 25.37 -10.94 15.28
CA PRO D 27 24.95 -12.28 14.89
C PRO D 27 26.09 -13.27 14.91
N ILE D 28 27.29 -12.81 14.55
CA ILE D 28 28.45 -13.67 14.54
C ILE D 28 28.78 -14.10 15.97
N LEU D 29 28.70 -13.17 16.90
CA LEU D 29 28.98 -13.48 18.32
C LEU D 29 28.04 -14.59 18.82
N PHE D 30 26.76 -14.47 18.43
CA PHE D 30 25.76 -15.46 18.81
C PHE D 30 26.01 -16.81 18.16
N ALA D 31 26.36 -16.77 16.87
CA ALA D 31 26.63 -17.99 16.11
C ALA D 31 27.78 -18.76 16.76
N ALA D 32 28.73 -18.03 17.34
CA ALA D 32 29.89 -18.64 17.99
C ALA D 32 29.46 -19.68 19.00
N LEU D 33 28.20 -19.59 19.45
CA LEU D 33 27.66 -20.55 20.41
C LEU D 33 27.69 -21.96 19.84
N LEU D 34 27.75 -22.04 18.51
CA LEU D 34 27.78 -23.30 17.80
C LEU D 34 29.18 -23.94 17.72
N ALA D 35 30.21 -23.13 17.96
CA ALA D 35 31.60 -23.57 17.85
C ALA D 35 32.07 -24.50 18.98
N GLU D 36 32.62 -25.64 18.57
CA GLU D 36 33.13 -26.63 19.53
C GLU D 36 34.61 -26.46 19.85
N GLU D 37 35.21 -25.44 19.24
CA GLU D 37 36.61 -25.07 19.43
C GLU D 37 36.67 -23.56 19.64
N PRO D 38 37.75 -23.05 20.23
CA PRO D 38 37.86 -21.60 20.47
C PRO D 38 37.76 -20.78 19.17
N VAL D 39 37.23 -19.57 19.29
CA VAL D 39 37.14 -18.71 18.13
C VAL D 39 37.55 -17.29 18.49
N GLU D 40 38.21 -16.66 17.55
CA GLU D 40 38.65 -15.28 17.72
C GLU D 40 37.92 -14.44 16.69
N ILE D 41 37.15 -13.48 17.16
CA ILE D 41 36.39 -12.61 16.26
C ILE D 41 37.13 -11.28 16.20
N GLN D 42 37.77 -11.01 15.06
CA GLN D 42 38.53 -9.78 14.87
C GLN D 42 37.74 -8.56 14.36
N ASN D 43 38.28 -7.36 14.57
CA ASN D 43 37.63 -6.15 14.08
C ASN D 43 36.25 -5.87 14.69
N VAL D 44 36.10 -6.15 15.98
CA VAL D 44 34.84 -5.93 16.69
C VAL D 44 34.84 -4.55 17.36
N PRO D 45 33.87 -3.69 17.02
CA PRO D 45 33.78 -2.35 17.60
C PRO D 45 33.51 -2.34 19.10
N LYS D 46 34.07 -1.36 19.80
CA LYS D 46 33.88 -1.22 21.24
C LYS D 46 32.55 -0.50 21.49
N LEU D 47 31.47 -1.27 21.49
CA LEU D 47 30.14 -0.71 21.68
C LEU D 47 29.31 -1.39 22.77
N LYS D 48 28.32 -0.66 23.28
CA LYS D 48 27.44 -1.16 24.32
C LYS D 48 26.85 -2.54 24.05
N ASP D 49 26.26 -2.72 22.85
CA ASP D 49 25.68 -4.00 22.48
C ASP D 49 26.65 -5.17 22.58
N ILE D 50 27.92 -4.91 22.25
CA ILE D 50 28.91 -5.96 22.33
C ILE D 50 29.10 -6.32 23.80
N ASP D 51 29.14 -5.32 24.66
CA ASP D 51 29.29 -5.55 26.11
C ASP D 51 28.16 -6.43 26.63
N THR D 52 26.93 -6.08 26.24
CA THR D 52 25.75 -6.81 26.67
C THR D 52 25.81 -8.24 26.14
N THR D 53 26.25 -8.39 24.90
CA THR D 53 26.35 -9.71 24.29
C THR D 53 27.37 -10.56 25.07
N MET D 54 28.47 -9.93 25.49
CA MET D 54 29.47 -10.66 26.27
C MET D 54 28.91 -11.13 27.62
N LYS D 55 28.17 -10.23 28.29
CA LYS D 55 27.56 -10.56 29.57
C LYS D 55 26.60 -11.75 29.41
N LEU D 56 25.80 -11.66 28.35
CA LEU D 56 24.86 -12.71 28.03
C LEU D 56 25.56 -14.06 27.86
N LEU D 57 26.58 -14.07 27.01
CA LEU D 57 27.34 -15.30 26.76
C LEU D 57 27.95 -15.91 28.03
N THR D 58 28.67 -15.08 28.76
CA THR D 58 29.33 -15.51 29.99
C THR D 58 28.30 -16.22 30.87
N GLN D 59 27.18 -15.56 31.11
CA GLN D 59 26.14 -16.18 31.93
C GLN D 59 25.58 -17.52 31.48
N LEU D 60 25.85 -17.87 30.23
CA LEU D 60 25.44 -19.14 29.66
C LEU D 60 26.48 -20.21 30.00
N GLY D 61 27.67 -19.75 30.40
CA GLY D 61 28.76 -20.63 30.73
C GLY D 61 29.89 -20.49 29.71
N THR D 62 29.74 -19.52 28.81
CA THR D 62 30.74 -19.26 27.78
C THR D 62 31.93 -18.54 28.39
N LYS D 63 33.12 -18.92 28.02
CA LYS D 63 34.28 -18.16 28.40
C LYS D 63 34.56 -17.05 27.38
N VAL D 64 34.35 -15.81 27.79
CA VAL D 64 34.51 -14.68 26.87
C VAL D 64 35.38 -13.54 27.34
N GLU D 65 36.18 -13.03 26.42
CA GLU D 65 37.04 -11.87 26.67
C GLU D 65 37.20 -10.96 25.45
N ARG D 66 37.63 -9.72 25.69
CA ARG D 66 37.84 -8.78 24.60
C ARG D 66 38.98 -7.81 24.89
N GLY D 68 41.03 -5.61 20.30
CA GLY D 68 40.25 -5.27 19.13
C GLY D 68 39.42 -6.48 18.76
N SER D 69 39.77 -7.62 19.35
CA SER D 69 39.07 -8.88 19.10
C SER D 69 38.17 -9.28 20.26
N VAL D 70 37.30 -10.25 20.00
CA VAL D 70 36.46 -10.82 21.04
C VAL D 70 36.80 -12.30 20.95
N TRP D 71 37.21 -12.88 22.08
CA TRP D 71 37.56 -14.30 22.15
C TRP D 71 36.41 -15.09 22.74
N ILE D 72 36.05 -16.19 22.10
CA ILE D 72 34.95 -17.00 22.57
C ILE D 72 35.28 -18.48 22.67
N ASP D 73 34.97 -19.05 23.83
CA ASP D 73 35.20 -20.46 24.11
C ASP D 73 33.91 -21.01 24.69
N ALA D 74 33.08 -21.58 23.84
CA ALA D 74 31.79 -22.12 24.26
C ALA D 74 31.88 -23.60 24.64
N SER D 75 32.92 -23.94 25.39
CA SER D 75 33.14 -25.31 25.84
C SER D 75 32.41 -25.70 27.12
N ASN D 76 32.27 -24.74 28.02
CA ASN D 76 31.60 -24.95 29.31
C ASN D 76 30.16 -24.42 29.37
N VAL D 77 29.52 -24.25 28.23
CA VAL D 77 28.16 -23.75 28.20
C VAL D 77 27.19 -24.77 28.82
N ASN D 78 26.69 -24.44 30.00
CA ASN D 78 25.74 -25.29 30.73
C ASN D 78 24.43 -24.63 31.10
N ASN D 79 24.36 -23.32 30.93
CA ASN D 79 23.15 -22.57 31.21
C ASN D 79 22.49 -22.20 29.89
N PHE D 80 21.26 -22.64 29.68
CA PHE D 80 20.55 -22.38 28.42
C PHE D 80 19.53 -21.24 28.37
N SER D 81 19.66 -20.31 29.30
CA SER D 81 18.73 -19.20 29.40
C SER D 81 19.23 -17.76 29.31
N ALA D 82 18.58 -16.95 28.48
CA ALA D 82 18.93 -15.55 28.33
C ALA D 82 17.90 -14.82 29.20
N PRO D 83 18.32 -14.38 30.41
CA PRO D 83 17.49 -13.68 31.38
C PRO D 83 17.08 -12.29 30.94
N TYR D 84 15.90 -11.87 31.37
CA TYR D 84 15.39 -10.55 31.03
C TYR D 84 16.38 -9.44 31.36
N ASP D 85 17.14 -9.64 32.44
CA ASP D 85 18.15 -8.68 32.86
C ASP D 85 19.28 -8.47 31.86
N LEU D 86 19.23 -9.23 30.75
CA LEU D 86 20.24 -9.16 29.69
C LEU D 86 19.71 -9.06 28.26
N VAL D 87 18.39 -9.02 28.12
CA VAL D 87 17.77 -8.94 26.80
C VAL D 87 16.94 -7.67 26.70
N LYS D 88 16.52 -7.18 27.86
CA LYS D 88 15.71 -5.98 27.96
C LYS D 88 16.33 -4.78 27.26
N THR D 89 17.66 -4.70 27.34
CA THR D 89 18.39 -3.59 26.74
C THR D 89 18.86 -3.91 25.33
N MET D 90 18.66 -5.16 24.90
CA MET D 90 19.13 -5.57 23.58
C MET D 90 18.24 -6.54 22.80
N ARG D 91 17.54 -6.02 21.81
CA ARG D 91 16.69 -6.86 20.97
C ARG D 91 17.43 -8.05 20.36
N ALA D 92 18.66 -7.79 19.90
CA ALA D 92 19.51 -8.80 19.28
C ALA D 92 19.60 -10.06 20.13
N SER D 93 19.24 -9.95 21.41
CA SER D 93 19.26 -11.08 22.33
C SER D 93 18.56 -12.32 21.77
N ILE D 94 17.54 -12.11 20.94
CA ILE D 94 16.79 -13.21 20.34
C ILE D 94 17.72 -14.17 19.59
N TRP D 95 18.88 -13.65 19.18
CA TRP D 95 19.86 -14.45 18.46
C TRP D 95 20.50 -15.63 19.20
N ALA D 96 20.36 -15.63 20.52
CA ALA D 96 20.89 -16.71 21.34
C ALA D 96 20.04 -17.96 21.24
N LEU D 97 18.77 -17.78 20.84
CA LEU D 97 17.82 -18.88 20.74
C LEU D 97 18.13 -20.02 19.77
N GLY D 98 18.29 -19.69 18.50
CA GLY D 98 18.59 -20.70 17.48
C GLY D 98 19.83 -21.52 17.79
N PRO D 99 20.97 -20.87 18.10
CA PRO D 99 22.20 -21.60 18.40
C PRO D 99 22.01 -22.61 19.54
N LEU D 100 21.42 -22.14 20.63
CA LEU D 100 21.15 -22.97 21.80
C LEU D 100 20.41 -24.27 21.49
N VAL D 101 19.25 -24.14 20.86
CA VAL D 101 18.45 -25.30 20.52
C VAL D 101 19.14 -26.19 19.46
N ALA D 102 19.81 -25.57 18.49
CA ALA D 102 20.49 -26.35 17.43
C ALA D 102 21.67 -27.14 17.99
N ARG D 103 22.43 -26.53 18.88
CA ARG D 103 23.58 -27.20 19.47
C ARG D 103 23.33 -28.02 20.74
N PHE D 104 22.49 -27.50 21.63
CA PHE D 104 22.19 -28.17 22.88
C PHE D 104 20.86 -28.89 22.97
N GLY D 105 19.98 -28.64 22.02
CA GLY D 105 18.68 -29.28 22.02
C GLY D 105 17.68 -28.47 22.82
N GLN D 106 18.14 -27.42 23.46
CA GLN D 106 17.26 -26.57 24.26
C GLN D 106 17.74 -25.14 24.42
N GLY D 107 16.80 -24.21 24.57
CA GLY D 107 17.17 -22.83 24.76
C GLY D 107 15.96 -21.97 25.08
N GLN D 108 16.19 -20.90 25.82
CA GLN D 108 15.14 -19.97 26.17
C GLN D 108 15.61 -18.52 26.24
N VAL D 109 14.81 -17.61 25.73
CA VAL D 109 15.16 -16.21 25.75
C VAL D 109 14.01 -15.41 26.36
N SER D 110 14.35 -14.58 27.33
CA SER D 110 13.35 -13.73 27.96
C SER D 110 12.74 -12.75 26.96
N LEU D 111 11.43 -12.60 27.02
CA LEU D 111 10.74 -11.68 26.13
C LEU D 111 9.98 -10.54 26.80
N PRO D 112 10.24 -9.29 26.37
CA PRO D 112 9.57 -8.11 26.93
C PRO D 112 8.08 -8.09 26.62
N GLY D 113 7.27 -7.79 27.62
CA GLY D 113 5.83 -7.72 27.41
C GLY D 113 5.50 -6.37 26.82
N GLY D 114 4.22 -6.01 26.78
CA GLY D 114 3.87 -4.72 26.24
C GLY D 114 2.74 -4.69 25.24
N CYS D 115 1.51 -4.63 25.76
CA CYS D 115 0.29 -4.58 24.97
C CYS D 115 0.08 -5.07 23.53
N ALA D 116 0.95 -4.63 22.62
CA ALA D 116 0.82 -4.97 21.22
C ALA D 116 1.12 -6.42 20.82
N ILE D 117 0.31 -6.92 19.90
CA ILE D 117 0.48 -8.28 19.37
C ILE D 117 0.15 -8.24 17.88
N GLY D 118 0.80 -9.10 17.10
CA GLY D 118 0.53 -9.12 15.67
C GLY D 118 1.64 -8.55 14.84
N ALA D 119 2.38 -7.60 15.42
CA ALA D 119 3.50 -6.96 14.72
C ALA D 119 4.86 -7.32 15.32
N ARG D 120 4.89 -8.29 16.24
CA ARG D 120 6.13 -8.70 16.88
C ARG D 120 7.30 -9.17 16.03
N PRO D 121 8.47 -8.52 16.17
CA PRO D 121 9.67 -8.89 15.40
C PRO D 121 10.10 -10.33 15.73
N VAL D 122 10.07 -10.64 17.02
CA VAL D 122 10.46 -11.97 17.50
C VAL D 122 9.58 -13.08 16.90
N ASP D 123 8.35 -12.75 16.52
CA ASP D 123 7.47 -13.75 15.94
C ASP D 123 8.06 -14.60 14.80
N LEU D 124 8.77 -13.94 13.90
CA LEU D 124 9.42 -14.60 12.77
C LEU D 124 10.50 -15.59 13.18
N HIS D 125 11.22 -15.25 14.25
CA HIS D 125 12.27 -16.14 14.78
C HIS D 125 11.63 -17.42 15.31
N ILE D 126 10.54 -17.25 16.05
CA ILE D 126 9.84 -18.37 16.66
C ILE D 126 9.32 -19.30 15.59
N PHE D 127 8.64 -18.73 14.59
CA PHE D 127 8.10 -19.53 13.52
C PHE D 127 9.11 -20.28 12.67
N GLY D 128 10.24 -19.61 12.39
CA GLY D 128 11.28 -20.25 11.60
C GLY D 128 11.84 -21.45 12.35
N LEU D 129 12.10 -21.28 13.64
CA LEU D 129 12.61 -22.38 14.45
C LEU D 129 11.64 -23.56 14.47
N GLU D 130 10.35 -23.23 14.62
CA GLU D 130 9.31 -24.25 14.62
C GLU D 130 9.36 -25.04 13.32
N LYS D 131 9.59 -24.32 12.22
CA LYS D 131 9.68 -24.96 10.91
C LYS D 131 10.83 -25.95 10.83
N LEU D 132 11.84 -25.72 11.67
CA LEU D 132 13.02 -26.58 11.75
C LEU D 132 12.80 -27.78 12.68
N GLY D 133 11.58 -27.92 13.18
CA GLY D 133 11.28 -29.03 14.06
C GLY D 133 11.36 -28.75 15.54
N ALA D 134 11.65 -27.51 15.93
CA ALA D 134 11.74 -27.21 17.35
C ALA D 134 10.36 -27.19 18.03
N GLU D 135 10.33 -27.54 19.31
CA GLU D 135 9.09 -27.48 20.08
C GLU D 135 9.11 -26.09 20.71
N ILE D 136 8.02 -25.34 20.58
CA ILE D 136 7.98 -24.00 21.11
C ILE D 136 7.12 -23.85 22.36
N LYS D 137 7.65 -23.15 23.35
CA LYS D 137 6.93 -22.87 24.60
C LYS D 137 6.91 -21.40 24.97
N LEU D 138 5.72 -20.82 25.11
CA LEU D 138 5.56 -19.42 25.52
C LEU D 138 5.13 -19.43 26.97
N GLU D 139 6.10 -19.32 27.87
CA GLU D 139 5.85 -19.38 29.31
C GLU D 139 6.76 -18.54 30.21
N GLU D 140 6.15 -17.93 31.23
CA GLU D 140 6.90 -17.11 32.19
C GLU D 140 7.64 -15.89 31.64
N GLY D 141 7.08 -15.29 30.59
CA GLY D 141 7.69 -14.12 29.97
C GLY D 141 8.85 -14.52 29.07
N TYR D 142 8.96 -15.81 28.82
CA TYR D 142 10.02 -16.38 27.98
C TYR D 142 9.48 -16.98 26.70
N VAL D 143 10.41 -17.42 25.86
CA VAL D 143 10.10 -18.14 24.65
C VAL D 143 11.08 -19.31 24.72
N LYS D 144 10.55 -20.51 24.83
CA LYS D 144 11.39 -21.69 24.91
C LYS D 144 11.39 -22.53 23.64
N ALA D 145 12.56 -23.04 23.28
CA ALA D 145 12.67 -23.88 22.10
C ALA D 145 13.42 -25.13 22.51
N SER D 146 12.97 -26.28 22.03
CA SER D 146 13.62 -27.54 22.33
C SER D 146 13.38 -28.56 21.22
N VAL D 147 14.28 -29.53 21.12
CA VAL D 147 14.12 -30.54 20.08
C VAL D 147 14.69 -31.90 20.50
N ASN D 148 14.06 -32.96 20.00
CA ASN D 148 14.53 -34.33 20.27
C ASN D 148 15.68 -34.59 19.33
N GLY D 149 16.89 -34.57 19.87
CA GLY D 149 18.05 -34.75 18.97
C GLY D 149 18.55 -33.49 18.13
N ARG D 150 18.59 -33.57 16.81
CA ARG D 150 19.06 -32.52 15.92
C ARG D 150 17.83 -31.80 15.33
N LEU D 151 18.01 -30.59 14.85
CA LEU D 151 16.84 -29.80 14.32
C LEU D 151 16.67 -30.50 12.92
N LYS D 152 15.60 -30.21 12.19
CA LYS D 152 15.35 -30.83 10.87
C LYS D 152 15.29 -29.85 9.70
N GLY D 153 16.16 -30.06 8.71
CA GLY D 153 16.16 -29.19 7.54
C GLY D 153 14.76 -29.01 6.96
N ALA D 154 14.47 -27.82 6.45
CA ALA D 154 13.16 -27.57 5.86
C ALA D 154 13.18 -26.49 4.79
N HIS D 155 12.18 -26.54 3.92
CA HIS D 155 12.03 -25.57 2.84
C HIS D 155 11.14 -24.46 3.38
N ILE D 156 11.76 -23.33 3.69
CA ILE D 156 11.06 -22.20 4.29
C ILE D 156 10.86 -20.98 3.41
N VAL D 157 9.58 -20.60 3.27
CA VAL D 157 9.23 -19.43 2.49
C VAL D 157 8.95 -18.26 3.43
N MET D 158 9.80 -17.26 3.38
CA MET D 158 9.59 -16.13 4.24
C MET D 158 8.56 -15.17 3.74
N ASP D 159 7.54 -15.00 4.54
CA ASP D 159 6.44 -14.11 4.21
C ASP D 159 6.92 -12.69 3.94
N LYS D 160 7.76 -12.21 4.84
CA LYS D 160 8.37 -10.88 4.77
C LYS D 160 9.89 -11.00 4.87
N VAL D 161 10.62 -10.13 4.17
CA VAL D 161 12.07 -10.18 4.24
C VAL D 161 12.53 -9.68 5.60
N SER D 162 13.24 -10.53 6.34
CA SER D 162 13.73 -10.20 7.67
C SER D 162 15.17 -10.57 7.95
N VAL D 163 15.96 -9.58 8.32
CA VAL D 163 17.35 -9.81 8.63
C VAL D 163 17.43 -10.67 9.88
N GLY D 164 16.65 -10.30 10.89
CA GLY D 164 16.65 -11.06 12.14
C GLY D 164 16.33 -12.52 11.93
N ALA D 165 15.19 -12.79 11.29
CA ALA D 165 14.75 -14.16 11.05
C ALA D 165 15.67 -14.95 10.13
N THR D 166 16.23 -14.29 9.12
CA THR D 166 17.11 -14.99 8.20
C THR D 166 18.33 -15.51 8.94
N VAL D 167 18.91 -14.67 9.79
CA VAL D 167 20.06 -15.07 10.59
C VAL D 167 19.73 -16.24 11.53
N THR D 168 18.61 -16.12 12.24
CA THR D 168 18.21 -17.20 13.16
C THR D 168 18.08 -18.53 12.43
N ILE D 169 17.21 -18.58 11.43
CA ILE D 169 17.00 -19.81 10.67
C ILE D 169 18.32 -20.34 10.10
N MET D 170 18.95 -19.55 9.24
CA MET D 170 20.22 -19.94 8.64
C MET D 170 21.18 -20.59 9.64
N SER D 171 21.52 -19.82 10.68
CA SER D 171 22.41 -20.30 11.72
C SER D 171 22.09 -21.69 12.28
N ALA D 172 20.88 -21.82 12.81
CA ALA D 172 20.40 -23.07 13.39
C ALA D 172 20.41 -24.22 12.37
N ALA D 173 20.23 -23.88 11.10
CA ALA D 173 20.21 -24.89 10.03
C ALA D 173 21.57 -25.53 9.75
N THR D 174 22.64 -24.93 10.26
CA THR D 174 23.99 -25.46 10.05
C THR D 174 24.25 -26.77 10.78
N LEU D 175 23.47 -26.99 11.84
CA LEU D 175 23.57 -28.21 12.64
C LEU D 175 22.41 -29.18 12.46
N ALA D 176 21.43 -28.79 11.64
CA ALA D 176 20.27 -29.64 11.43
C ALA D 176 20.57 -30.85 10.55
N GLU D 177 19.65 -31.80 10.58
CA GLU D 177 19.73 -33.00 9.76
C GLU D 177 19.12 -32.68 8.38
N GLY D 178 19.93 -32.76 7.33
CA GLY D 178 19.39 -32.48 6.01
C GLY D 178 19.59 -31.06 5.53
N THR D 179 18.89 -30.72 4.46
CA THR D 179 19.01 -29.42 3.82
C THR D 179 17.89 -28.43 4.14
N THR D 180 18.28 -27.17 4.31
CA THR D 180 17.33 -26.10 4.60
C THR D 180 17.42 -25.06 3.50
N ILE D 181 16.26 -24.58 3.05
CA ILE D 181 16.25 -23.56 2.02
C ILE D 181 15.39 -22.41 2.51
N ILE D 182 15.95 -21.22 2.44
CA ILE D 182 15.23 -20.02 2.87
C ILE D 182 14.87 -19.21 1.63
N GLU D 183 13.57 -19.11 1.37
CA GLU D 183 13.06 -18.37 0.23
C GLU D 183 12.80 -16.94 0.68
N ASN D 184 13.15 -15.98 -0.17
CA ASN D 184 12.96 -14.58 0.19
C ASN D 184 13.83 -14.16 1.37
N ALA D 185 15.08 -14.59 1.35
CA ALA D 185 16.04 -14.28 2.41
C ALA D 185 16.51 -12.84 2.34
N ALA D 186 16.80 -12.24 3.49
CA ALA D 186 17.29 -10.87 3.51
C ALA D 186 18.67 -10.93 2.84
N ARG D 187 19.00 -9.88 2.10
CA ARG D 187 20.26 -9.81 1.36
C ARG D 187 21.43 -9.06 1.98
N GLU D 188 21.19 -8.42 3.11
CA GLU D 188 22.22 -7.65 3.80
C GLU D 188 23.65 -8.18 3.83
N PRO D 189 24.65 -7.28 3.66
CA PRO D 189 26.05 -7.71 3.69
C PRO D 189 26.35 -8.37 5.05
N GLU D 190 25.62 -7.94 6.08
CA GLU D 190 25.79 -8.50 7.42
C GLU D 190 25.43 -9.99 7.49
N ILE D 191 24.45 -10.37 6.67
CA ILE D 191 23.99 -11.75 6.59
C ILE D 191 25.06 -12.59 5.84
N VAL D 192 25.60 -12.02 4.78
CA VAL D 192 26.66 -12.68 4.02
C VAL D 192 27.83 -12.94 4.96
N ASP D 193 28.19 -11.94 5.74
CA ASP D 193 29.29 -12.02 6.71
C ASP D 193 29.06 -13.14 7.73
N THR D 194 27.84 -13.20 8.27
CA THR D 194 27.50 -14.23 9.25
C THR D 194 27.62 -15.62 8.61
N ALA D 195 27.14 -15.76 7.36
CA ALA D 195 27.22 -17.03 6.64
C ALA D 195 28.68 -17.41 6.47
N ASN D 196 29.46 -16.48 5.92
CA ASN D 196 30.90 -16.67 5.72
C ASN D 196 31.58 -17.11 7.01
N PHE D 197 31.14 -16.55 8.12
CA PHE D 197 31.68 -16.93 9.43
C PHE D 197 31.35 -18.41 9.65
N LEU D 198 30.06 -18.72 9.53
CA LEU D 198 29.58 -20.08 9.68
C LEU D 198 30.38 -21.09 8.84
N VAL D 199 30.58 -20.75 7.57
CA VAL D 199 31.32 -21.60 6.65
C VAL D 199 32.76 -21.76 7.14
N ALA D 200 33.36 -20.69 7.62
CA ALA D 200 34.72 -20.74 8.13
C ALA D 200 34.78 -21.77 9.27
N LEU D 201 33.65 -21.97 9.94
CA LEU D 201 33.53 -22.94 11.03
C LEU D 201 33.34 -24.38 10.54
N GLY D 202 33.00 -24.51 9.25
CA GLY D 202 32.78 -25.82 8.70
C GLY D 202 31.36 -26.03 8.19
N ALA D 203 30.55 -24.97 8.24
CA ALA D 203 29.17 -25.08 7.75
C ALA D 203 29.15 -25.16 6.21
N LYS D 204 28.01 -25.54 5.67
CA LYS D 204 27.81 -25.64 4.23
C LYS D 204 26.65 -24.74 3.85
N ILE D 205 26.99 -23.53 3.40
CA ILE D 205 26.00 -22.54 3.03
C ILE D 205 26.27 -21.92 1.68
N SER D 206 25.22 -21.69 0.91
CA SER D 206 25.34 -21.06 -0.41
C SER D 206 24.15 -20.16 -0.70
N GLY D 207 24.37 -19.16 -1.52
CA GLY D 207 23.30 -18.24 -1.88
C GLY D 207 23.19 -17.06 -0.94
N GLN D 208 24.17 -16.88 -0.06
CA GLN D 208 24.14 -15.74 0.86
C GLN D 208 24.27 -14.43 0.07
N GLY D 209 23.41 -13.46 0.36
CA GLY D 209 23.45 -12.19 -0.36
C GLY D 209 22.37 -12.16 -1.44
N THR D 210 21.83 -13.34 -1.79
CA THR D 210 20.77 -13.41 -2.79
C THR D 210 19.47 -13.69 -2.03
N ASP D 211 18.36 -13.74 -2.74
CA ASP D 211 17.05 -14.01 -2.13
C ASP D 211 16.80 -15.45 -1.69
N ARG D 212 17.73 -16.35 -2.02
CA ARG D 212 17.59 -17.77 -1.69
C ARG D 212 18.84 -18.40 -1.12
N ILE D 213 18.78 -18.79 0.15
CA ILE D 213 19.91 -19.39 0.84
C ILE D 213 19.72 -20.88 1.08
N THR D 214 20.76 -21.66 0.78
CA THR D 214 20.72 -23.09 0.96
C THR D 214 21.73 -23.50 2.01
N ILE D 215 21.29 -24.30 2.98
CA ILE D 215 22.18 -24.76 4.04
C ILE D 215 22.10 -26.27 4.16
N GLU D 216 23.26 -26.93 4.12
CA GLU D 216 23.33 -28.38 4.30
C GLU D 216 23.88 -28.63 5.69
N GLY D 217 23.05 -29.17 6.58
CA GLY D 217 23.48 -29.40 7.95
C GLY D 217 24.67 -30.35 8.09
N VAL D 218 25.52 -30.08 9.08
CA VAL D 218 26.69 -30.92 9.33
C VAL D 218 26.68 -31.36 10.79
N GLU D 219 27.56 -32.30 11.12
CA GLU D 219 27.65 -32.83 12.47
C GLU D 219 28.00 -31.80 13.54
N ARG D 220 29.12 -31.11 13.34
CA ARG D 220 29.61 -30.13 14.30
C ARG D 220 30.40 -29.00 13.64
N LEU D 221 30.54 -27.91 14.37
CA LEU D 221 31.31 -26.76 13.91
C LEU D 221 32.59 -26.65 14.73
N GLY D 222 33.69 -26.30 14.08
CA GLY D 222 34.96 -26.18 14.78
C GLY D 222 35.17 -24.82 15.38
N GLY D 223 36.34 -24.22 15.12
CA GLY D 223 36.66 -22.92 15.65
C GLY D 223 37.52 -22.14 14.68
N GLY D 224 38.27 -21.16 15.18
CA GLY D 224 39.12 -20.39 14.28
C GLY D 224 39.09 -18.89 14.49
N VAL D 225 39.67 -18.17 13.53
CA VAL D 225 39.75 -16.73 13.56
C VAL D 225 38.94 -16.14 12.41
N TYR D 226 38.12 -15.14 12.73
CA TYR D 226 37.26 -14.49 11.73
C TYR D 226 37.22 -12.98 11.93
N ARG D 227 37.36 -12.25 10.83
CA ARG D 227 37.35 -10.81 10.84
C ARG D 227 36.02 -10.20 10.39
N VAL D 228 35.39 -9.42 11.28
CA VAL D 228 34.11 -8.78 10.96
C VAL D 228 34.26 -7.80 9.79
N LEU D 229 33.25 -7.74 8.93
CA LEU D 229 33.28 -6.84 7.79
C LEU D 229 33.18 -5.36 8.18
N PRO D 230 33.67 -4.45 7.32
CA PRO D 230 33.63 -3.01 7.60
C PRO D 230 32.20 -2.46 7.72
N ASP D 231 31.99 -1.64 8.73
CA ASP D 231 30.69 -0.99 8.93
C ASP D 231 30.39 -0.11 7.72
N ARG D 232 29.45 -0.54 6.88
CA ARG D 232 29.06 0.20 5.66
C ARG D 232 28.46 1.58 5.88
N ILE D 233 27.53 1.68 6.83
CA ILE D 233 26.86 2.94 7.12
C ILE D 233 27.84 3.96 7.68
N GLU D 234 28.79 3.50 8.49
CA GLU D 234 29.79 4.40 9.04
C GLU D 234 30.58 4.99 7.89
N THR D 235 30.97 4.13 6.95
CA THR D 235 31.71 4.56 5.79
C THR D 235 30.91 5.62 5.06
N GLY D 236 29.63 5.33 4.84
CA GLY D 236 28.76 6.28 4.15
C GLY D 236 28.77 7.62 4.86
N THR D 237 28.62 7.59 6.18
CA THR D 237 28.63 8.81 6.99
C THR D 237 29.91 9.63 6.74
N PHE D 238 31.06 8.97 6.77
CA PHE D 238 32.33 9.68 6.53
C PHE D 238 32.48 10.20 5.11
N LEU D 239 31.94 9.44 4.16
CA LEU D 239 31.96 9.83 2.76
C LEU D 239 31.20 11.14 2.56
N VAL D 240 30.01 11.18 3.15
CA VAL D 240 29.16 12.36 3.07
C VAL D 240 29.82 13.54 3.77
N ALA D 241 30.49 13.26 4.90
CA ALA D 241 31.16 14.31 5.64
C ALA D 241 32.06 15.13 4.72
N ALA D 242 32.80 14.44 3.85
CA ALA D 242 33.68 15.11 2.92
C ALA D 242 32.87 15.73 1.78
N ALA D 243 31.88 14.99 1.30
CA ALA D 243 31.05 15.44 0.20
C ALA D 243 30.35 16.77 0.46
N ILE D 244 29.96 17.01 1.69
CA ILE D 244 29.27 18.25 2.02
C ILE D 244 30.23 19.38 2.46
N SER D 245 31.53 19.11 2.41
CA SER D 245 32.51 20.12 2.84
C SER D 245 33.64 20.47 1.86
N GLY D 246 33.49 20.04 0.61
CA GLY D 246 34.50 20.31 -0.39
C GLY D 246 35.81 19.59 -0.14
N GLY D 247 35.80 18.65 0.80
CA GLY D 247 37.02 17.94 1.11
C GLY D 247 37.33 16.69 0.31
N LYS D 248 38.45 16.10 0.69
CA LYS D 248 38.91 14.84 0.10
C LYS D 248 39.16 13.90 1.27
N ILE D 249 38.68 12.67 1.14
CA ILE D 249 38.84 11.71 2.21
C ILE D 249 39.10 10.31 1.65
N VAL D 250 39.87 9.54 2.40
CA VAL D 250 40.15 8.17 2.00
C VAL D 250 39.71 7.35 3.21
N CYS D 251 38.80 6.40 2.98
CA CYS D 251 38.31 5.52 4.02
C CYS D 251 39.14 4.25 3.99
N ARG D 252 39.78 3.95 5.12
CA ARG D 252 40.64 2.76 5.26
C ARG D 252 39.83 1.63 5.89
N ASN D 253 40.25 0.39 5.65
CA ASN D 253 39.55 -0.77 6.20
C ASN D 253 38.10 -0.76 5.75
N ALA D 254 37.89 -0.47 4.47
CA ALA D 254 36.54 -0.41 3.93
C ALA D 254 36.26 -1.57 2.98
N GLN D 255 35.01 -1.67 2.55
CA GLN D 255 34.60 -2.71 1.61
C GLN D 255 33.63 -2.10 0.60
N PRO D 256 34.16 -1.56 -0.52
CA PRO D 256 33.40 -0.92 -1.60
C PRO D 256 32.13 -1.64 -2.04
N ASP D 257 32.23 -2.95 -2.29
CA ASP D 257 31.09 -3.72 -2.74
C ASP D 257 29.79 -3.70 -1.92
N THR D 258 29.89 -3.24 -0.68
CA THR D 258 28.70 -3.16 0.17
C THR D 258 28.03 -1.80 0.00
N LEU D 259 28.69 -0.92 -0.74
CA LEU D 259 28.22 0.44 -0.97
C LEU D 259 27.82 0.85 -2.39
N ASP D 260 27.57 -0.12 -3.25
CA ASP D 260 27.17 0.17 -4.64
C ASP D 260 26.28 1.40 -4.83
N ALA D 261 25.10 1.37 -4.20
CA ALA D 261 24.13 2.46 -4.31
C ALA D 261 24.63 3.80 -3.78
N VAL D 262 25.26 3.78 -2.60
CA VAL D 262 25.73 5.03 -2.01
C VAL D 262 26.80 5.68 -2.89
N LEU D 263 27.71 4.88 -3.41
CA LEU D 263 28.77 5.43 -4.27
C LEU D 263 28.20 6.07 -5.53
N ALA D 264 27.22 5.39 -6.14
CA ALA D 264 26.58 5.88 -7.35
C ALA D 264 25.90 7.22 -7.07
N LYS D 265 25.19 7.30 -5.95
CA LYS D 265 24.52 8.53 -5.57
C LYS D 265 25.50 9.69 -5.32
N LEU D 266 26.62 9.37 -4.70
CA LEU D 266 27.65 10.36 -4.44
C LEU D 266 28.25 10.89 -5.76
N ARG D 267 28.39 10.01 -6.73
CA ARG D 267 28.91 10.43 -8.03
C ARG D 267 27.90 11.37 -8.66
N GLU D 268 26.62 11.10 -8.39
CA GLU D 268 25.54 11.93 -8.90
C GLU D 268 25.63 13.33 -8.29
N ALA D 269 26.11 13.39 -7.04
CA ALA D 269 26.24 14.65 -6.34
C ALA D 269 27.46 15.42 -6.85
N GLY D 270 28.28 14.78 -7.68
CA GLY D 270 29.45 15.44 -8.21
C GLY D 270 30.77 14.96 -7.61
N ALA D 271 30.71 13.93 -6.78
CA ALA D 271 31.91 13.38 -6.14
C ALA D 271 32.83 12.61 -7.08
N ASP D 272 34.14 12.86 -6.94
CA ASP D 272 35.17 12.16 -7.70
C ASP D 272 35.56 10.97 -6.82
N ILE D 273 35.09 9.77 -7.18
CA ILE D 273 35.34 8.60 -6.36
C ILE D 273 36.17 7.50 -6.97
N GLU D 274 37.09 6.98 -6.16
CA GLU D 274 37.95 5.87 -6.55
C GLU D 274 37.89 4.80 -5.47
N THR D 275 38.07 3.54 -5.88
CA THR D 275 38.02 2.45 -4.90
C THR D 275 39.08 1.40 -5.13
N GLY D 276 39.41 0.70 -4.05
CA GLY D 276 40.39 -0.37 -4.13
C GLY D 276 39.83 -1.53 -3.36
N GLU D 277 40.66 -2.53 -3.11
CA GLU D 277 40.24 -3.69 -2.37
C GLU D 277 39.68 -3.41 -0.97
N ASP D 278 40.36 -2.52 -0.24
CA ASP D 278 39.98 -2.17 1.13
C ASP D 278 39.94 -0.66 1.40
N TRP D 279 39.80 0.12 0.34
CA TRP D 279 39.74 1.56 0.50
C TRP D 279 38.76 2.25 -0.44
N ILE D 280 38.37 3.45 -0.07
CA ILE D 280 37.47 4.26 -0.88
C ILE D 280 37.94 5.69 -0.75
N SER D 281 38.18 6.33 -1.89
CA SER D 281 38.60 7.72 -1.91
C SER D 281 37.48 8.60 -2.45
N LEU D 282 37.30 9.77 -1.84
CA LEU D 282 36.30 10.71 -2.30
C LEU D 282 36.82 12.14 -2.36
N ASP D 283 36.72 12.76 -3.52
CA ASP D 283 37.21 14.11 -3.70
C ASP D 283 36.19 15.07 -4.30
N MET D 284 35.86 16.12 -3.56
CA MET D 284 34.92 17.13 -4.01
C MET D 284 35.61 18.22 -4.83
N HIS D 285 36.94 18.22 -4.80
CA HIS D 285 37.70 19.22 -5.53
C HIS D 285 37.31 20.64 -5.14
N GLY D 286 36.96 20.81 -3.86
CA GLY D 286 36.56 22.11 -3.37
C GLY D 286 35.15 22.48 -3.80
N LYS D 287 34.53 21.61 -4.59
CA LYS D 287 33.18 21.84 -5.08
C LYS D 287 32.00 21.55 -4.15
N ARG D 288 30.98 22.37 -4.20
CA ARG D 288 29.71 22.18 -3.51
C ARG D 288 29.00 20.95 -4.06
N PRO D 289 28.15 20.30 -3.28
CA PRO D 289 27.45 19.14 -3.85
C PRO D 289 26.27 19.52 -4.74
N LYS D 290 25.91 18.62 -5.66
CA LYS D 290 24.77 18.81 -6.55
C LYS D 290 23.59 18.04 -5.98
N ALA D 291 22.40 18.64 -5.97
CA ALA D 291 21.22 17.98 -5.43
C ALA D 291 20.97 16.64 -6.13
N VAL D 292 20.59 15.64 -5.36
CA VAL D 292 20.33 14.32 -5.92
C VAL D 292 18.93 13.84 -5.54
N THR D 293 18.46 12.82 -6.26
CA THR D 293 17.16 12.24 -5.99
C THR D 293 17.41 10.88 -5.34
N VAL D 294 16.79 10.66 -4.18
CA VAL D 294 17.00 9.42 -3.45
C VAL D 294 15.73 8.69 -3.05
N ARG D 295 15.76 7.39 -3.26
CA ARG D 295 14.65 6.52 -2.92
C ARG D 295 15.22 5.31 -2.15
N THR D 296 14.86 5.17 -0.87
CA THR D 296 15.36 4.06 -0.08
C THR D 296 14.66 2.77 -0.48
N ALA D 297 15.38 1.65 -0.35
CA ALA D 297 14.84 0.34 -0.68
C ALA D 297 15.72 -0.75 -0.11
N PRO D 298 15.25 -2.00 -0.12
CA PRO D 298 16.03 -3.12 0.42
C PRO D 298 17.38 -3.36 -0.25
N HIS D 299 18.39 -3.75 0.56
CA HIS D 299 19.72 -4.04 0.05
C HIS D 299 19.55 -5.02 -1.13
N PRO D 300 20.36 -4.87 -2.20
CA PRO D 300 21.44 -3.93 -2.44
C PRO D 300 21.05 -2.52 -2.92
N ALA D 301 19.81 -2.11 -2.75
CA ALA D 301 19.39 -0.78 -3.18
C ALA D 301 19.86 0.26 -2.15
N PHE D 302 19.42 1.51 -2.32
CA PHE D 302 19.78 2.59 -1.43
C PHE D 302 19.32 2.37 0.02
N PRO D 303 20.25 2.36 0.99
CA PRO D 303 19.93 2.13 2.40
C PRO D 303 19.25 3.26 3.17
N THR D 304 18.17 2.89 3.87
CA THR D 304 17.43 3.82 4.69
C THR D 304 18.37 4.39 5.76
N ASP D 305 19.39 3.63 6.13
CA ASP D 305 20.37 4.09 7.13
C ASP D 305 21.27 5.25 6.68
N MET D 306 21.21 5.54 5.39
CA MET D 306 21.97 6.63 4.77
C MET D 306 21.06 7.83 4.48
N GLN D 307 19.76 7.61 4.68
CA GLN D 307 18.73 8.63 4.45
C GLN D 307 18.97 10.01 5.06
N ALA D 308 19.06 10.06 6.38
CA ALA D 308 19.27 11.32 7.08
C ALA D 308 20.51 12.03 6.52
N GLN D 309 21.59 11.27 6.35
CA GLN D 309 22.84 11.82 5.82
C GLN D 309 22.66 12.50 4.47
N PHE D 310 21.95 11.82 3.57
CA PHE D 310 21.67 12.38 2.25
C PHE D 310 20.78 13.61 2.26
N THR D 311 19.84 13.65 3.20
CA THR D 311 18.95 14.80 3.32
C THR D 311 19.87 16.00 3.57
N LEU D 312 20.80 15.83 4.51
CA LEU D 312 21.76 16.87 4.82
C LEU D 312 22.48 17.33 3.57
N LEU D 313 22.98 16.37 2.80
CA LEU D 313 23.67 16.68 1.57
C LEU D 313 22.85 17.60 0.66
N ASN D 314 21.59 17.24 0.44
CA ASN D 314 20.68 18.04 -0.38
C ASN D 314 20.49 19.46 0.16
N LEU D 315 20.38 19.56 1.47
CA LEU D 315 20.19 20.83 2.15
C LEU D 315 21.29 21.87 2.02
N VAL D 316 22.41 21.46 1.44
CA VAL D 316 23.54 22.36 1.26
C VAL D 316 24.11 22.18 -0.14
N ALA D 317 23.34 21.48 -0.97
CA ALA D 317 23.76 21.23 -2.34
C ALA D 317 23.13 22.24 -3.30
N GLU D 318 23.62 22.25 -4.52
CA GLU D 318 23.10 23.14 -5.55
C GLU D 318 21.80 22.57 -6.13
N GLY D 319 20.71 23.33 -6.03
CA GLY D 319 19.45 22.87 -6.59
C GLY D 319 18.48 22.22 -5.61
N THR D 320 17.40 21.68 -6.17
CA THR D 320 16.37 21.03 -5.38
C THR D 320 16.51 19.53 -5.52
N GLY D 321 16.52 18.84 -4.39
CA GLY D 321 16.64 17.39 -4.41
C GLY D 321 15.43 16.75 -3.78
N VAL D 322 15.30 15.44 -3.92
CA VAL D 322 14.15 14.74 -3.37
C VAL D 322 14.54 13.47 -2.64
N ILE D 323 14.10 13.34 -1.39
CA ILE D 323 14.40 12.17 -0.58
C ILE D 323 13.10 11.43 -0.33
N THR D 324 13.02 10.20 -0.81
CA THR D 324 11.82 9.39 -0.61
C THR D 324 12.15 8.18 0.25
N GLU D 325 11.47 8.09 1.38
CA GLU D 325 11.67 7.03 2.35
C GLU D 325 10.59 5.95 2.26
N THR D 326 10.98 4.76 1.82
CA THR D 326 10.01 3.68 1.68
C THR D 326 10.14 2.57 2.71
N ILE D 327 11.23 2.56 3.47
CA ILE D 327 11.43 1.51 4.45
C ILE D 327 10.78 1.84 5.80
N PHE D 328 11.13 2.98 6.36
CA PHE D 328 10.61 3.41 7.65
C PHE D 328 9.67 4.61 7.62
N GLU D 329 8.70 4.59 8.53
CA GLU D 329 7.77 5.71 8.66
C GLU D 329 8.30 6.56 9.80
N ASN D 330 7.93 7.83 9.81
CA ASN D 330 8.37 8.74 10.86
C ASN D 330 9.88 8.95 10.95
N ARG D 331 10.59 8.70 9.86
CA ARG D 331 12.04 8.87 9.84
C ARG D 331 12.52 10.23 9.32
N PHE D 332 11.74 11.27 9.58
CA PHE D 332 12.06 12.62 9.14
C PHE D 332 12.43 13.62 10.26
N MET D 333 12.62 13.13 11.48
CA MET D 333 12.96 14.00 12.60
C MET D 333 14.12 14.99 12.44
N HIS D 334 15.10 14.59 11.63
CA HIS D 334 16.27 15.44 11.37
C HIS D 334 15.93 16.72 10.63
N VAL D 335 14.83 16.70 9.87
CA VAL D 335 14.42 17.86 9.08
C VAL D 335 14.13 19.14 9.87
N PRO D 336 13.22 19.07 10.86
CA PRO D 336 12.94 20.29 11.62
C PRO D 336 14.25 20.83 12.25
N GLU D 337 15.11 19.91 12.68
CA GLU D 337 16.40 20.28 13.27
C GLU D 337 17.24 21.07 12.27
N LEU D 338 17.36 20.52 11.07
CA LEU D 338 18.12 21.15 10.01
C LEU D 338 17.56 22.51 9.62
N ILE D 339 16.24 22.66 9.77
CA ILE D 339 15.60 23.92 9.43
C ILE D 339 16.06 24.98 10.40
N ARG D 340 16.02 24.65 11.69
CA ARG D 340 16.46 25.58 12.70
C ARG D 340 17.92 25.95 12.46
N MET D 341 18.58 25.20 11.58
CA MET D 341 19.95 25.45 11.20
C MET D 341 20.03 26.29 9.92
N GLY D 342 18.86 26.76 9.47
CA GLY D 342 18.77 27.59 8.28
C GLY D 342 18.57 26.83 6.99
N ALA D 343 17.96 25.65 7.06
CA ALA D 343 17.75 24.85 5.87
C ALA D 343 16.34 25.07 5.30
N HIS D 344 16.20 24.82 4.00
CA HIS D 344 14.93 24.98 3.29
C HIS D 344 14.38 23.64 2.81
N ALA D 345 13.29 23.19 3.42
CA ALA D 345 12.71 21.91 3.04
C ALA D 345 11.22 21.77 3.33
N GLU D 346 10.56 20.98 2.50
CA GLU D 346 9.14 20.70 2.63
C GLU D 346 8.89 19.20 2.73
N ILE D 347 8.13 18.78 3.72
CA ILE D 347 7.84 17.37 3.90
C ILE D 347 6.44 17.03 3.37
N GLU D 348 6.38 16.08 2.45
CA GLU D 348 5.12 15.64 1.86
C GLU D 348 5.04 14.12 1.87
N SER D 349 4.18 13.59 2.73
CA SER D 349 4.06 12.13 2.86
C SER D 349 5.37 11.42 3.22
N ASN D 350 5.85 10.57 2.31
CA ASN D 350 7.09 9.83 2.55
C ASN D 350 8.31 10.45 1.88
N THR D 351 8.18 11.70 1.45
CA THR D 351 9.27 12.38 0.77
C THR D 351 9.58 13.76 1.35
N VAL D 352 10.80 14.22 1.11
CA VAL D 352 11.24 15.52 1.58
C VAL D 352 11.80 16.27 0.38
N ILE D 353 11.22 17.43 0.07
CA ILE D 353 11.69 18.24 -1.05
C ILE D 353 12.73 19.20 -0.48
N CYS D 354 13.97 19.03 -0.92
CA CYS D 354 15.07 19.83 -0.47
C CYS D 354 15.43 21.01 -1.37
N HIS D 355 15.66 22.17 -0.75
CA HIS D 355 16.08 23.38 -1.47
C HIS D 355 17.44 23.81 -0.91
N GLY D 356 18.49 23.25 -1.50
CA GLY D 356 19.85 23.53 -1.07
C GLY D 356 20.19 24.99 -0.83
N VAL D 357 20.89 25.24 0.29
CA VAL D 357 21.34 26.58 0.65
C VAL D 357 22.86 26.50 0.74
N GLU D 358 23.53 27.63 0.59
CA GLU D 358 24.98 27.63 0.66
C GLU D 358 25.62 27.48 2.04
N LYS D 359 24.98 28.08 3.04
CA LYS D 359 25.50 28.01 4.41
C LYS D 359 24.47 27.75 5.50
N LEU D 360 24.84 26.91 6.45
CA LEU D 360 23.98 26.61 7.59
C LEU D 360 24.43 27.47 8.77
N SER D 361 23.60 27.56 9.79
CA SER D 361 23.93 28.35 10.98
C SER D 361 23.89 27.51 12.26
N GLY D 362 24.88 27.70 13.12
CA GLY D 362 24.94 26.95 14.35
C GLY D 362 23.65 27.05 15.14
N ALA D 363 23.36 26.03 15.95
CA ALA D 363 22.16 26.02 16.76
C ALA D 363 22.11 24.78 17.66
N GLN D 364 21.23 24.83 18.65
CA GLN D 364 21.06 23.72 19.57
C GLN D 364 20.10 22.70 18.96
N VAL D 365 20.60 21.50 18.69
CA VAL D 365 19.77 20.47 18.07
C VAL D 365 19.80 19.14 18.80
N MET D 366 18.85 18.27 18.47
CA MET D 366 18.75 16.95 19.07
C MET D 366 17.86 16.00 18.27
N ALA D 367 18.36 14.78 18.04
CA ALA D 367 17.62 13.77 17.31
C ALA D 367 17.80 12.44 18.03
N THR D 368 16.72 11.67 18.11
CA THR D 368 16.75 10.38 18.78
C THR D 368 17.41 9.31 17.92
N ASP D 369 17.19 9.39 16.61
CA ASP D 369 17.75 8.44 15.67
C ASP D 369 19.27 8.59 15.53
N LEU D 370 20.01 7.50 15.70
CA LEU D 370 21.45 7.59 15.57
C LEU D 370 21.97 8.20 14.29
N ARG D 371 21.35 7.83 13.16
CA ARG D 371 21.73 8.37 11.85
C ARG D 371 21.43 9.86 11.76
N ALA D 372 20.27 10.25 12.30
CA ALA D 372 19.86 11.65 12.31
C ALA D 372 20.84 12.41 13.20
N SER D 373 21.11 11.84 14.38
CA SER D 373 22.04 12.46 15.31
C SER D 373 23.40 12.74 14.68
N ALA D 374 23.97 11.72 14.04
CA ALA D 374 25.27 11.85 13.41
C ALA D 374 25.19 12.92 12.32
N SER D 375 24.04 12.99 11.65
CA SER D 375 23.84 13.99 10.61
C SER D 375 23.94 15.42 11.14
N LEU D 376 23.39 15.62 12.34
CA LEU D 376 23.41 16.92 13.00
C LEU D 376 24.83 17.33 13.37
N VAL D 377 25.62 16.34 13.75
CA VAL D 377 27.01 16.58 14.10
C VAL D 377 27.72 17.05 12.85
N LEU D 378 27.44 16.39 11.73
CA LEU D 378 28.05 16.78 10.45
C LEU D 378 27.60 18.19 10.06
N ALA D 379 26.31 18.46 10.27
CA ALA D 379 25.75 19.78 9.95
C ALA D 379 26.53 20.83 10.74
N GLY D 380 26.78 20.53 12.01
CA GLY D 380 27.53 21.44 12.86
C GLY D 380 28.94 21.74 12.36
N CYS D 381 29.59 20.73 11.77
CA CYS D 381 30.94 20.90 11.23
C CYS D 381 31.03 21.91 10.11
N ILE D 382 29.97 22.02 9.31
CA ILE D 382 29.99 22.95 8.19
C ILE D 382 29.15 24.20 8.41
N ALA D 383 28.34 24.19 9.47
CA ALA D 383 27.51 25.34 9.77
C ALA D 383 28.32 26.51 10.33
N GLU D 384 27.81 27.71 10.13
CA GLU D 384 28.47 28.91 10.63
C GLU D 384 28.27 29.07 12.14
N GLY D 385 29.36 29.14 12.88
CA GLY D 385 29.25 29.31 14.32
C GLY D 385 29.34 28.08 15.19
N THR D 386 28.59 28.10 16.28
CA THR D 386 28.58 27.02 17.26
C THR D 386 27.32 26.19 17.26
N THR D 387 27.48 24.87 17.27
CA THR D 387 26.34 23.97 17.29
C THR D 387 26.48 23.04 18.48
N VAL D 388 25.36 22.75 19.13
CA VAL D 388 25.35 21.84 20.26
C VAL D 388 24.36 20.73 19.96
N VAL D 389 24.87 19.51 19.87
CA VAL D 389 24.03 18.34 19.60
C VAL D 389 23.78 17.59 20.91
N ASP D 390 22.51 17.58 21.31
CA ASP D 390 22.06 16.93 22.54
C ASP D 390 21.96 15.41 22.47
N ARG D 391 21.95 14.75 23.63
CA ARG D 391 21.85 13.29 23.70
C ARG D 391 22.63 12.52 22.66
N ILE D 392 23.95 12.60 22.73
CA ILE D 392 24.81 11.90 21.77
C ILE D 392 25.01 10.43 22.13
N TYR D 393 24.38 9.99 23.21
CA TYR D 393 24.49 8.61 23.63
C TYR D 393 23.97 7.71 22.52
N HIS D 394 23.04 8.24 21.73
CA HIS D 394 22.47 7.50 20.61
C HIS D 394 23.57 7.20 19.60
N ILE D 395 24.44 8.17 19.40
CA ILE D 395 25.56 8.03 18.48
C ILE D 395 26.60 7.07 19.05
N ASP D 396 26.90 7.21 20.35
CA ASP D 396 27.86 6.36 21.02
C ASP D 396 27.57 4.87 20.88
N ARG D 397 26.28 4.55 20.84
CA ARG D 397 25.83 3.17 20.70
C ARG D 397 26.06 2.54 19.34
N GLY D 398 26.17 3.37 18.31
CA GLY D 398 26.37 2.88 16.96
C GLY D 398 27.63 3.31 16.28
N TYR D 399 28.31 4.32 16.82
CA TYR D 399 29.57 4.81 16.25
C TYR D 399 30.72 4.68 17.24
N GLU D 400 31.83 4.14 16.77
CA GLU D 400 33.01 4.00 17.61
C GLU D 400 33.82 5.29 17.62
N ARG D 401 33.80 5.99 18.76
CA ARG D 401 34.53 7.26 18.91
C ARG D 401 34.47 8.20 17.71
N ILE D 402 33.27 8.62 17.35
CA ILE D 402 33.09 9.50 16.21
C ILE D 402 33.87 10.80 16.40
N GLU D 403 33.89 11.28 17.64
CA GLU D 403 34.61 12.50 17.98
C GLU D 403 36.08 12.51 17.54
N ASP D 404 36.80 11.44 17.89
CA ASP D 404 38.20 11.33 17.52
C ASP D 404 38.39 11.31 16.01
N LYS D 405 37.50 10.56 15.36
CA LYS D 405 37.52 10.42 13.91
C LYS D 405 37.29 11.75 13.22
N LEU D 406 36.26 12.46 13.68
CA LEU D 406 35.93 13.77 13.14
C LEU D 406 37.09 14.75 13.34
N ARG D 407 37.65 14.72 14.54
CA ARG D 407 38.76 15.59 14.88
C ARG D 407 39.95 15.39 13.94
N ALA D 408 40.23 14.13 13.62
CA ALA D 408 41.35 13.79 12.74
C ALA D 408 41.08 14.29 11.31
N LEU D 409 39.83 14.70 11.06
CA LEU D 409 39.43 15.22 9.76
C LEU D 409 39.43 16.75 9.69
N GLY D 410 39.79 17.37 10.81
CA GLY D 410 39.85 18.83 10.86
C GLY D 410 38.68 19.46 11.58
N ALA D 411 37.89 18.65 12.28
CA ALA D 411 36.72 19.16 12.98
C ALA D 411 37.04 19.77 14.35
N ASN D 412 36.20 20.73 14.73
CA ASN D 412 36.31 21.42 16.01
C ASN D 412 35.16 20.89 16.84
N ILE D 413 35.39 19.74 17.47
CA ILE D 413 34.36 19.08 18.27
C ILE D 413 34.81 18.83 19.70
N GLU D 414 33.85 18.89 20.63
CA GLU D 414 34.12 18.67 22.04
C GLU D 414 33.01 17.97 22.82
N ARG D 415 33.37 16.89 23.50
CA ARG D 415 32.40 16.14 24.30
C ARG D 415 32.04 16.84 25.61
N VAL D 416 30.80 17.31 25.72
CA VAL D 416 30.36 18.00 26.92
C VAL D 416 29.59 17.07 27.86
N LYS D 417 30.10 16.92 29.08
CA LYS D 417 29.45 16.08 30.07
C LYS D 417 28.55 16.88 30.99
N GLY D 418 27.32 16.39 31.19
CA GLY D 418 26.40 17.09 32.08
C GLY D 418 27.03 17.17 33.46
N GLU D 419 28.09 16.37 33.64
CA GLU D 419 28.84 16.32 34.89
C GLU D 419 30.35 16.21 34.70
#